data_3IBV
#
_entry.id   3IBV
#
_cell.length_a   119.900
_cell.length_b   130.100
_cell.length_c   173.900
_cell.angle_alpha   90.000
_cell.angle_beta   90.000
_cell.angle_gamma   90.000
#
_symmetry.space_group_name_H-M   'P 21 21 2'
#
loop_
_entity.id
_entity.type
_entity.pdbx_description
1 polymer Exportin-T
2 non-polymer 'CALCIUM ION'
#
_entity_poly.entity_id   1
_entity_poly.type   'polypeptide(L)'
_entity_poly.pdbx_seq_one_letter_code
;GPMSAQDVENAVEAALDPSVGPIIKQQATDFIGSLRSSSTGWKICHEIFSEKTKYKPSTRLICLQTLSEKVREWNNESNL
LELQMIRDSVWSYIKELSFLDEPAYISNAVQHLLTLLFLQLYPSNWNDFFASLQGVIAASSQSEFSNFYLKVLLSIGDEI
ADSLVLKTDVQIQKDNLVKDAIRANDMSDIVSFVYEMMLAYSNAKNYGTVGLCLQVYAQWVSWININLIVNEPCMNLLYS
FLQIEELRCAACETMTEIVNKKMKPLEKLNLLNILNLNLFFSKSQEQSTDPNFDEHVAKLINAQGVELVAIKSDPSELSP
ELKENCSFQLYNLFPYLIRYLSDDYDETSTAVFPFLSDLLVSLRKESSSKELSASLKEFLKSLLEAIIKKMKYDESQEWD
DDPDSEEEAEFQEMRKKLKIFQDTINSIDSSLFSSYMYSAITSSLSTAATLSPENSWQLIEFALYETYIFGEGLRGPDAF
FNEVDKSPTVLSQILALVTTSQVCRHPHPLVQLLYMEILVRYASFFDYESAAIPALIEYFVGPRGIHNTNERVRPRAWYL
FYRFVKSIKKQVVNYTESSLAMLGDLLNISVSPVTDMDAPVPTLNSSIRNSDFNSQLYLFETVGVLISSGNLTPEEQALY
CDSLINALIGKANAALSSDLSALENIISVYCSLMAIGNFAKGFPARGSEEVAWLASFNKASDEIFLILDRMGFNEDIRGA
VRFTSGRIINVVGPDMLPKVPQLISILLNSIDMNELVDVLSFISQLIHIYKDNMMEITNRMLPTLLMRIFSSLSAAPQGT
DDAVKQNDLRKSYISFILQLLNKGFGSILFTEENQVYFDPLINSILHFANLVGEPATQKSSIALVSKMVSLWGGKDGIAG
FENFTLSLTPLCFEMPVNPNFNTRDGQSLVVLGELAGLQKIILEKLGDIYKSYLVTVYFPTVNFPDVMASEYLQALSNLD
SRSFKQFFQKFIQALKSGNV
;
_entity_poly.pdbx_strand_id   A,B
#
# COMPACT_ATOMS: atom_id res chain seq x y z
N MET A 3 55.56 1.19 -39.40
CA MET A 3 54.34 1.92 -38.98
C MET A 3 54.34 2.07 -37.46
N SER A 4 54.61 3.29 -36.99
CA SER A 4 54.66 3.58 -35.57
C SER A 4 53.42 3.07 -34.85
N ALA A 5 52.29 3.18 -35.53
CA ALA A 5 51.01 2.69 -34.98
C ALA A 5 51.04 1.17 -34.89
N GLN A 6 51.34 0.50 -36.00
CA GLN A 6 51.43 -0.96 -36.04
C GLN A 6 52.32 -1.56 -34.93
N ASP A 7 53.28 -0.79 -34.44
CA ASP A 7 54.15 -1.27 -33.37
C ASP A 7 53.33 -1.35 -32.08
N VAL A 8 52.51 -0.32 -31.85
CA VAL A 8 51.64 -0.24 -30.69
C VAL A 8 50.64 -1.38 -30.75
N GLU A 9 50.02 -1.56 -31.91
CA GLU A 9 49.06 -2.63 -32.08
C GLU A 9 49.68 -4.02 -31.88
N ASN A 10 50.95 -4.19 -32.23
CA ASN A 10 51.58 -5.49 -32.03
C ASN A 10 51.90 -5.71 -30.57
N ALA A 11 52.23 -4.63 -29.88
CA ALA A 11 52.55 -4.71 -28.47
C ALA A 11 51.30 -5.11 -27.71
N VAL A 12 50.29 -4.25 -27.78
CA VAL A 12 49.03 -4.46 -27.11
C VAL A 12 48.50 -5.85 -27.38
N GLU A 13 48.44 -6.18 -28.66
CA GLU A 13 47.96 -7.50 -29.12
C GLU A 13 48.82 -8.65 -28.55
N ALA A 14 50.10 -8.39 -28.36
CA ALA A 14 50.98 -9.39 -27.80
C ALA A 14 50.57 -9.57 -26.35
N ALA A 15 50.28 -8.45 -25.68
CA ALA A 15 49.88 -8.49 -24.27
C ALA A 15 48.57 -9.22 -24.02
N LEU A 16 47.65 -9.15 -24.96
CA LEU A 16 46.38 -9.82 -24.74
C LEU A 16 46.34 -11.27 -25.23
N ASP A 17 47.17 -11.60 -26.21
CA ASP A 17 47.20 -12.97 -26.71
C ASP A 17 47.80 -13.78 -25.58
N PRO A 18 47.05 -14.78 -25.07
CA PRO A 18 47.51 -15.64 -23.96
C PRO A 18 48.34 -16.81 -24.40
N SER A 19 48.60 -16.87 -25.70
CA SER A 19 49.39 -17.95 -26.27
C SER A 19 50.84 -17.50 -26.47
N VAL A 20 51.11 -16.26 -26.09
CA VAL A 20 52.45 -15.68 -26.23
C VAL A 20 53.35 -15.97 -25.05
N GLY A 21 54.63 -16.20 -25.34
CA GLY A 21 55.62 -16.47 -24.32
C GLY A 21 55.79 -15.31 -23.35
N PRO A 22 56.40 -15.57 -22.18
CA PRO A 22 56.64 -14.56 -21.13
C PRO A 22 57.64 -13.45 -21.43
N ILE A 23 58.62 -13.74 -22.28
CA ILE A 23 59.65 -12.75 -22.62
C ILE A 23 59.05 -11.88 -23.71
N ILE A 24 58.45 -12.52 -24.69
CA ILE A 24 57.81 -11.83 -25.79
C ILE A 24 56.83 -10.84 -25.14
N LYS A 25 55.89 -11.37 -24.37
CA LYS A 25 54.91 -10.55 -23.67
C LYS A 25 55.62 -9.46 -22.87
N GLN A 26 56.81 -9.78 -22.36
CA GLN A 26 57.58 -8.81 -21.59
C GLN A 26 57.85 -7.64 -22.52
N GLN A 27 58.42 -7.93 -23.69
CA GLN A 27 58.73 -6.89 -24.66
C GLN A 27 57.54 -5.94 -24.81
N ALA A 28 56.38 -6.51 -25.13
CA ALA A 28 55.14 -5.73 -25.31
C ALA A 28 54.86 -4.87 -24.10
N THR A 29 54.65 -5.52 -22.96
CA THR A 29 54.38 -4.83 -21.72
C THR A 29 55.37 -3.71 -21.52
N ASP A 30 56.66 -4.01 -21.67
CA ASP A 30 57.69 -3.01 -21.49
C ASP A 30 57.47 -1.88 -22.48
N PHE A 31 57.07 -2.24 -23.71
CA PHE A 31 56.82 -1.26 -24.76
C PHE A 31 55.71 -0.32 -24.30
N ILE A 32 54.55 -0.91 -24.04
CA ILE A 32 53.40 -0.17 -23.56
C ILE A 32 53.74 0.74 -22.38
N GLY A 33 54.56 0.22 -21.47
CA GLY A 33 54.95 1.01 -20.32
C GLY A 33 55.78 2.21 -20.71
N SER A 34 56.70 2.03 -21.65
CA SER A 34 57.58 3.12 -22.07
C SER A 34 56.72 4.26 -22.59
N LEU A 35 55.70 3.90 -23.36
CA LEU A 35 54.78 4.88 -23.91
C LEU A 35 54.33 5.94 -22.90
N ARG A 36 54.40 5.62 -21.63
CA ARG A 36 53.99 6.58 -20.61
C ARG A 36 55.15 7.48 -20.17
N SER A 37 56.35 6.91 -20.03
CA SER A 37 57.49 7.71 -19.59
C SER A 37 58.22 8.44 -20.71
N SER A 38 58.60 7.71 -21.76
CA SER A 38 59.32 8.31 -22.88
C SER A 38 58.74 9.64 -23.34
N SER A 39 59.60 10.49 -23.89
CA SER A 39 59.18 11.80 -24.36
C SER A 39 58.74 11.78 -25.82
N THR A 40 58.83 10.62 -26.46
CA THR A 40 58.41 10.50 -27.85
C THR A 40 57.10 9.74 -27.92
N GLY A 41 56.99 8.73 -27.07
CA GLY A 41 55.80 7.88 -27.04
C GLY A 41 54.46 8.54 -27.22
N TRP A 42 54.05 9.34 -26.24
CA TRP A 42 52.75 10.02 -26.30
C TRP A 42 52.39 10.60 -27.67
N LYS A 43 53.41 10.94 -28.45
CA LYS A 43 53.21 11.52 -29.78
C LYS A 43 52.63 10.45 -30.69
N ILE A 44 53.15 9.23 -30.55
CA ILE A 44 52.67 8.10 -31.34
C ILE A 44 51.16 7.96 -31.16
N CYS A 45 50.76 7.89 -29.89
CA CYS A 45 49.38 7.74 -29.51
C CYS A 45 48.50 8.83 -30.05
N HIS A 46 48.99 10.07 -30.02
CA HIS A 46 48.18 11.17 -30.52
C HIS A 46 47.65 10.88 -31.93
N GLU A 47 48.28 9.95 -32.63
CA GLU A 47 47.77 9.65 -33.93
C GLU A 47 46.80 8.48 -33.93
N ILE A 48 47.29 7.34 -33.47
CA ILE A 48 46.52 6.11 -33.41
C ILE A 48 45.05 6.29 -33.01
N PHE A 49 44.83 6.80 -31.79
CA PHE A 49 43.50 6.99 -31.21
C PHE A 49 42.32 7.50 -32.07
N SER A 50 42.57 8.46 -32.97
CA SER A 50 41.48 9.03 -33.79
C SER A 50 41.08 8.18 -35.00
N GLU A 51 41.84 7.12 -35.26
CA GLU A 51 41.66 6.24 -36.42
C GLU A 51 40.80 4.99 -36.28
N LYS A 52 39.49 5.11 -36.42
CA LYS A 52 38.63 3.94 -36.24
C LYS A 52 38.72 2.70 -37.13
N THR A 53 38.53 2.82 -38.43
CA THR A 53 38.53 1.59 -39.21
C THR A 53 39.80 0.73 -39.22
N LYS A 54 40.99 1.31 -39.06
CA LYS A 54 42.21 0.49 -39.08
C LYS A 54 42.62 -0.06 -37.72
N TYR A 55 42.28 0.66 -36.65
CA TYR A 55 42.68 0.29 -35.31
C TYR A 55 41.56 -0.25 -34.42
N LYS A 56 41.88 -1.22 -33.57
CA LYS A 56 40.90 -1.82 -32.67
C LYS A 56 40.82 -1.10 -31.34
N PRO A 57 39.64 -1.15 -30.69
CA PRO A 57 39.43 -0.51 -29.40
C PRO A 57 40.53 -0.90 -28.44
N SER A 58 40.83 -2.19 -28.40
CA SER A 58 41.87 -2.72 -27.55
C SER A 58 43.01 -1.71 -27.50
N THR A 59 43.48 -1.34 -28.69
CA THR A 59 44.59 -0.41 -28.87
C THR A 59 44.30 1.03 -28.46
N ARG A 60 43.33 1.66 -29.12
CA ARG A 60 42.95 3.05 -28.83
C ARG A 60 42.88 3.31 -27.35
N LEU A 61 42.29 2.40 -26.61
CA LEU A 61 42.17 2.54 -25.18
C LEU A 61 43.54 2.83 -24.58
N ILE A 62 44.48 1.94 -24.82
CA ILE A 62 45.81 2.15 -24.29
C ILE A 62 46.41 3.51 -24.72
N CYS A 63 45.99 3.99 -25.89
CA CYS A 63 46.46 5.27 -26.41
C CYS A 63 45.83 6.36 -25.56
N LEU A 64 44.53 6.24 -25.39
CA LEU A 64 43.78 7.19 -24.61
C LEU A 64 44.34 7.24 -23.21
N GLN A 65 44.62 6.06 -22.66
CA GLN A 65 45.16 5.98 -21.30
C GLN A 65 46.48 6.71 -21.21
N THR A 66 47.42 6.36 -22.09
CA THR A 66 48.70 7.03 -22.05
C THR A 66 48.53 8.54 -22.19
N LEU A 67 47.67 8.97 -23.12
CA LEU A 67 47.44 10.40 -23.32
C LEU A 67 46.97 11.11 -22.04
N SER A 68 46.11 10.46 -21.29
CA SER A 68 45.62 11.02 -20.05
C SER A 68 46.76 11.22 -19.09
N GLU A 69 47.49 10.15 -18.84
CA GLU A 69 48.59 10.24 -17.91
C GLU A 69 49.51 11.38 -18.33
N LYS A 70 49.60 11.63 -19.63
CA LYS A 70 50.47 12.71 -20.12
C LYS A 70 49.88 14.05 -19.75
N VAL A 71 48.62 14.23 -20.12
CA VAL A 71 47.88 15.44 -19.85
C VAL A 71 47.93 15.75 -18.38
N ARG A 72 47.70 14.71 -17.60
CA ARG A 72 47.66 14.84 -16.16
C ARG A 72 48.95 15.36 -15.55
N GLU A 73 50.07 15.02 -16.18
CA GLU A 73 51.37 15.44 -15.67
C GLU A 73 51.93 16.73 -16.27
N TRP A 74 51.30 17.27 -17.31
CA TRP A 74 51.81 18.48 -17.94
C TRP A 74 51.48 19.78 -17.23
N ASN A 75 52.14 20.85 -17.67
CA ASN A 75 51.97 22.18 -17.11
C ASN A 75 51.23 23.04 -18.15
N ASN A 76 50.59 24.11 -17.71
CA ASN A 76 49.88 24.97 -18.65
C ASN A 76 50.84 25.81 -19.49
N GLU A 77 51.99 26.18 -18.90
CA GLU A 77 52.97 27.02 -19.58
C GLU A 77 54.01 26.29 -20.40
N SER A 78 54.56 25.22 -19.82
CA SER A 78 55.60 24.42 -20.47
C SER A 78 55.05 23.55 -21.59
N ASN A 79 53.85 23.03 -21.37
CA ASN A 79 53.22 22.11 -22.30
C ASN A 79 51.94 22.62 -22.92
N LEU A 80 51.71 23.92 -22.86
CA LEU A 80 50.50 24.49 -23.41
C LEU A 80 50.27 24.11 -24.87
N LEU A 81 51.25 24.36 -25.74
CA LEU A 81 51.07 24.07 -27.16
C LEU A 81 50.62 22.61 -27.32
N GLU A 82 51.28 21.73 -26.57
CA GLU A 82 50.99 20.31 -26.64
C GLU A 82 49.59 19.95 -26.20
N LEU A 83 49.20 20.50 -25.06
CA LEU A 83 47.87 20.24 -24.53
C LEU A 83 46.81 20.62 -25.55
N GLN A 84 47.02 21.74 -26.22
CA GLN A 84 46.06 22.21 -27.19
C GLN A 84 46.01 21.31 -28.41
N MET A 85 47.16 20.79 -28.84
CA MET A 85 47.22 19.92 -30.01
C MET A 85 46.31 18.73 -29.77
N ILE A 86 46.37 18.25 -28.55
CA ILE A 86 45.58 17.12 -28.13
C ILE A 86 44.09 17.45 -28.13
N ARG A 87 43.73 18.46 -27.35
CA ARG A 87 42.34 18.90 -27.27
C ARG A 87 41.66 18.94 -28.64
N ASP A 88 42.31 19.59 -29.59
CA ASP A 88 41.77 19.72 -30.95
C ASP A 88 41.51 18.37 -31.56
N SER A 89 42.42 17.43 -31.31
CA SER A 89 42.31 16.07 -31.82
C SER A 89 41.22 15.28 -31.11
N VAL A 90 41.04 15.55 -29.83
CA VAL A 90 40.00 14.87 -29.05
C VAL A 90 38.62 15.48 -29.34
N TRP A 91 38.56 16.81 -29.32
CA TRP A 91 37.33 17.52 -29.59
C TRP A 91 36.87 17.14 -30.98
N SER A 92 37.80 16.79 -31.85
CA SER A 92 37.46 16.41 -33.22
C SER A 92 36.94 14.97 -33.19
N TYR A 93 37.58 14.17 -32.36
CA TYR A 93 37.18 12.78 -32.25
C TYR A 93 35.85 12.69 -31.57
N ILE A 94 35.47 13.75 -30.87
CA ILE A 94 34.20 13.72 -30.16
C ILE A 94 33.04 14.20 -31.03
N LYS A 95 33.27 15.24 -31.82
CA LYS A 95 32.22 15.75 -32.70
C LYS A 95 31.89 14.64 -33.67
N GLU A 96 32.86 13.73 -33.87
CA GLU A 96 32.71 12.56 -34.76
C GLU A 96 31.43 11.85 -34.37
N LEU A 97 31.37 11.44 -33.09
CA LEU A 97 30.22 10.75 -32.52
C LEU A 97 30.22 9.29 -32.93
N SER A 98 31.43 8.80 -33.25
CA SER A 98 31.59 7.41 -33.67
C SER A 98 32.08 6.53 -32.53
N PHE A 99 32.46 7.14 -31.41
CA PHE A 99 33.01 6.40 -30.27
C PHE A 99 32.01 5.82 -29.30
N LEU A 100 30.81 6.38 -29.31
CA LEU A 100 29.75 5.93 -28.44
C LEU A 100 29.27 4.55 -28.88
N ASP A 101 29.47 4.27 -30.17
CA ASP A 101 29.07 3.00 -30.76
C ASP A 101 30.09 1.89 -30.50
N GLU A 102 31.19 2.27 -29.87
CA GLU A 102 32.26 1.35 -29.52
C GLU A 102 32.17 0.97 -28.04
N PRO A 103 33.06 0.05 -27.58
CA PRO A 103 33.09 -0.41 -26.20
C PRO A 103 32.96 0.76 -25.25
N ALA A 104 32.34 0.51 -24.11
CA ALA A 104 32.11 1.58 -23.15
C ALA A 104 33.37 2.10 -22.47
N TYR A 105 34.42 1.30 -22.52
CA TYR A 105 35.68 1.70 -21.94
C TYR A 105 36.29 2.84 -22.78
N ILE A 106 35.84 3.03 -24.03
CA ILE A 106 36.40 4.13 -24.85
C ILE A 106 35.63 5.40 -24.71
N SER A 107 34.44 5.27 -24.13
CA SER A 107 33.73 6.49 -23.88
C SER A 107 34.31 6.98 -22.57
N ASN A 108 34.24 6.11 -21.56
CA ASN A 108 34.77 6.38 -20.23
C ASN A 108 36.21 6.87 -20.31
N ALA A 109 37.00 6.22 -21.17
CA ALA A 109 38.39 6.59 -21.33
C ALA A 109 38.46 8.01 -21.81
N VAL A 110 37.55 8.36 -22.73
CA VAL A 110 37.50 9.71 -23.29
C VAL A 110 37.01 10.70 -22.24
N GLN A 111 35.95 10.33 -21.50
CA GLN A 111 35.40 11.17 -20.45
C GLN A 111 36.54 11.65 -19.60
N HIS A 112 37.39 10.72 -19.21
CA HIS A 112 38.52 11.05 -18.36
C HIS A 112 39.52 12.03 -18.98
N LEU A 113 39.84 11.84 -20.26
CA LEU A 113 40.81 12.72 -20.87
C LEU A 113 40.17 14.09 -20.96
N LEU A 114 38.97 14.11 -21.54
CA LEU A 114 38.25 15.36 -21.70
C LEU A 114 38.23 16.10 -20.39
N THR A 115 37.90 15.39 -19.34
CA THR A 115 37.86 15.99 -18.03
C THR A 115 39.23 16.61 -17.68
N LEU A 116 40.26 15.80 -17.79
CA LEU A 116 41.62 16.25 -17.49
C LEU A 116 42.03 17.44 -18.33
N LEU A 117 41.76 17.34 -19.63
CA LEU A 117 42.13 18.42 -20.54
C LEU A 117 41.47 19.68 -20.03
N PHE A 118 40.17 19.59 -19.80
CA PHE A 118 39.36 20.69 -19.30
C PHE A 118 39.99 21.33 -18.08
N LEU A 119 40.34 20.48 -17.14
CA LEU A 119 40.95 20.96 -15.90
C LEU A 119 42.21 21.81 -16.08
N GLN A 120 42.80 21.82 -17.27
CA GLN A 120 43.99 22.61 -17.45
C GLN A 120 43.91 23.79 -18.42
N LEU A 121 42.93 23.85 -19.32
CA LEU A 121 42.91 25.00 -20.22
C LEU A 121 41.56 25.66 -20.37
N TYR A 122 40.52 25.05 -19.80
CA TYR A 122 39.15 25.56 -19.90
C TYR A 122 38.90 27.01 -19.56
N PRO A 123 39.33 27.41 -18.36
CA PRO A 123 39.10 28.81 -17.96
C PRO A 123 39.62 29.82 -18.99
N SER A 124 40.91 29.76 -19.34
CA SER A 124 41.56 30.68 -20.27
C SER A 124 41.72 30.20 -21.72
N ASN A 125 42.27 29.00 -21.90
CA ASN A 125 42.51 28.42 -23.24
C ASN A 125 41.34 27.72 -23.96
N TRP A 126 40.29 27.35 -23.20
CA TRP A 126 39.13 26.68 -23.77
C TRP A 126 37.85 27.37 -23.30
N ASN A 127 37.66 28.63 -23.69
CA ASN A 127 36.48 29.37 -23.27
C ASN A 127 35.14 28.80 -23.78
N ASP A 128 35.16 28.09 -24.89
CA ASP A 128 33.93 27.54 -25.47
C ASP A 128 33.65 26.08 -25.12
N PHE A 129 34.29 25.58 -24.07
CA PHE A 129 34.12 24.17 -23.64
C PHE A 129 32.63 23.77 -23.57
N PHE A 130 31.93 24.31 -22.59
CA PHE A 130 30.54 24.01 -22.36
C PHE A 130 29.66 24.46 -23.51
N ALA A 131 29.89 25.67 -23.99
CA ALA A 131 29.09 26.22 -25.07
C ALA A 131 29.13 25.30 -26.27
N SER A 132 30.29 24.70 -26.53
CA SER A 132 30.45 23.81 -27.67
C SER A 132 29.84 22.42 -27.45
N LEU A 133 29.93 21.92 -26.22
CA LEU A 133 29.38 20.62 -25.91
C LEU A 133 27.86 20.62 -26.00
N GLN A 134 27.26 21.72 -25.57
CA GLN A 134 25.81 21.88 -25.54
C GLN A 134 25.29 22.17 -26.94
N GLY A 135 26.15 22.80 -27.74
CA GLY A 135 25.80 23.12 -29.10
C GLY A 135 25.70 21.82 -29.87
N VAL A 136 26.56 20.87 -29.51
CA VAL A 136 26.56 19.55 -30.16
C VAL A 136 25.30 18.75 -29.85
N ILE A 137 24.89 18.76 -28.58
CA ILE A 137 23.70 18.04 -28.18
C ILE A 137 22.45 18.50 -28.90
N ALA A 138 22.21 19.80 -28.95
CA ALA A 138 21.02 20.29 -29.62
C ALA A 138 20.97 19.88 -31.08
N ALA A 139 22.13 19.75 -31.71
CA ALA A 139 22.19 19.39 -33.12
C ALA A 139 22.15 17.88 -33.41
N SER A 140 22.92 17.11 -32.66
CA SER A 140 22.97 15.66 -32.87
C SER A 140 21.66 14.99 -32.50
N SER A 141 21.10 15.37 -31.37
CA SER A 141 19.83 14.81 -30.88
C SER A 141 20.02 13.34 -30.51
N GLN A 142 21.24 12.98 -30.12
CA GLN A 142 21.54 11.61 -29.72
C GLN A 142 21.64 11.62 -28.21
N SER A 143 20.74 10.89 -27.56
CA SER A 143 20.70 10.84 -26.10
C SER A 143 21.99 10.28 -25.50
N GLU A 144 22.55 9.29 -26.18
CA GLU A 144 23.78 8.69 -25.70
C GLU A 144 24.82 9.78 -25.48
N PHE A 145 24.73 10.85 -26.27
CA PHE A 145 25.67 11.96 -26.12
C PHE A 145 25.23 12.86 -24.96
N SER A 146 23.93 13.05 -24.81
CA SER A 146 23.45 13.84 -23.70
C SER A 146 24.04 13.23 -22.44
N ASN A 147 23.96 11.90 -22.32
CA ASN A 147 24.46 11.19 -21.13
C ASN A 147 25.98 11.31 -21.07
N PHE A 148 26.63 11.30 -22.22
CA PHE A 148 28.06 11.44 -22.22
C PHE A 148 28.34 12.78 -21.57
N TYR A 149 27.74 13.83 -22.13
CA TYR A 149 27.93 15.19 -21.66
C TYR A 149 27.71 15.31 -20.18
N LEU A 150 26.76 14.55 -19.67
CA LEU A 150 26.42 14.55 -18.27
C LEU A 150 27.45 13.82 -17.42
N LYS A 151 27.88 12.64 -17.85
CA LYS A 151 28.87 11.89 -17.08
C LYS A 151 30.16 12.69 -17.04
N VAL A 152 30.24 13.68 -17.92
CA VAL A 152 31.41 14.55 -17.97
C VAL A 152 31.28 15.66 -16.92
N LEU A 153 30.11 16.30 -16.90
CA LEU A 153 29.84 17.37 -15.95
C LEU A 153 29.95 16.77 -14.56
N LEU A 154 29.86 15.44 -14.49
CA LEU A 154 29.92 14.67 -13.24
C LEU A 154 31.38 14.30 -12.86
N SER A 155 32.22 14.09 -13.88
CA SER A 155 33.63 13.76 -13.70
C SER A 155 34.27 15.05 -13.26
N ILE A 156 33.93 16.13 -13.96
CA ILE A 156 34.43 17.46 -13.63
C ILE A 156 34.10 17.78 -12.16
N GLY A 157 32.83 17.65 -11.80
CA GLY A 157 32.43 17.92 -10.42
C GLY A 157 33.12 17.05 -9.40
N ASP A 158 33.49 15.83 -9.75
CA ASP A 158 34.18 14.98 -8.79
C ASP A 158 35.57 15.57 -8.43
N GLU A 159 36.29 16.04 -9.45
CA GLU A 159 37.62 16.62 -9.25
C GLU A 159 37.61 17.99 -8.62
N ILE A 160 36.45 18.62 -8.61
CA ILE A 160 36.33 19.98 -8.10
C ILE A 160 35.96 20.16 -6.61
N ALA A 161 35.06 19.37 -6.05
CA ALA A 161 34.75 19.58 -4.63
C ALA A 161 34.67 18.31 -3.80
N ASP A 162 34.77 18.49 -2.48
CA ASP A 162 34.72 17.38 -1.53
C ASP A 162 34.81 17.96 -0.14
N SER A 163 34.56 17.12 0.85
CA SER A 163 34.63 17.54 2.24
C SER A 163 35.61 16.63 2.96
N LEU A 164 36.32 15.83 2.17
CA LEU A 164 37.30 14.91 2.71
C LEU A 164 38.40 15.66 3.46
N VAL A 165 39.12 14.96 4.33
CA VAL A 165 40.18 15.59 5.11
C VAL A 165 41.46 15.78 4.31
N LEU A 166 41.64 15.01 3.24
CA LEU A 166 42.83 15.11 2.41
C LEU A 166 42.75 16.32 1.51
N LYS A 167 42.93 17.50 2.09
CA LYS A 167 42.88 18.72 1.33
C LYS A 167 44.31 19.11 0.97
N THR A 168 44.43 20.16 0.17
CA THR A 168 45.73 20.67 -0.19
C THR A 168 45.40 22.12 -0.53
N ASP A 169 46.25 23.04 -0.11
CA ASP A 169 45.97 24.44 -0.39
C ASP A 169 45.93 24.65 -1.90
N VAL A 170 46.69 23.83 -2.63
CA VAL A 170 46.77 23.92 -4.09
C VAL A 170 45.53 23.35 -4.79
N GLN A 171 45.12 22.16 -4.36
CA GLN A 171 43.94 21.51 -4.93
C GLN A 171 42.75 22.41 -4.63
N ILE A 172 42.66 22.93 -3.41
CA ILE A 172 41.54 23.81 -3.07
C ILE A 172 41.55 25.08 -3.91
N GLN A 173 42.72 25.70 -4.06
CA GLN A 173 42.82 26.92 -4.86
C GLN A 173 42.65 26.66 -6.36
N LYS A 174 43.15 25.51 -6.82
CA LYS A 174 43.04 25.19 -8.25
C LYS A 174 41.57 24.83 -8.48
N ASP A 175 41.03 23.99 -7.60
CA ASP A 175 39.65 23.59 -7.71
C ASP A 175 38.74 24.81 -7.52
N ASN A 176 39.13 25.69 -6.61
CA ASN A 176 38.35 26.90 -6.36
C ASN A 176 38.34 27.82 -7.57
N LEU A 177 39.45 27.87 -8.29
CA LEU A 177 39.49 28.73 -9.46
C LEU A 177 38.57 28.23 -10.57
N VAL A 178 38.49 26.92 -10.71
CA VAL A 178 37.65 26.29 -11.73
C VAL A 178 36.18 26.60 -11.47
N LYS A 179 35.78 26.48 -10.22
CA LYS A 179 34.40 26.77 -9.87
C LYS A 179 34.11 28.26 -10.09
N ASP A 180 34.98 29.10 -9.53
CA ASP A 180 34.85 30.53 -9.67
C ASP A 180 34.76 30.85 -11.15
N ALA A 181 35.56 30.13 -11.94
CA ALA A 181 35.58 30.32 -13.39
C ALA A 181 34.29 29.86 -14.05
N ILE A 182 33.71 28.78 -13.54
CA ILE A 182 32.46 28.28 -14.09
C ILE A 182 31.31 29.20 -13.73
N ARG A 183 31.34 29.74 -12.53
CA ARG A 183 30.29 30.63 -12.08
C ARG A 183 30.15 31.85 -12.96
N ALA A 184 31.26 32.52 -13.22
CA ALA A 184 31.26 33.73 -14.02
C ALA A 184 31.12 33.55 -15.52
N ASN A 185 31.62 32.45 -16.06
CA ASN A 185 31.56 32.26 -17.50
C ASN A 185 30.49 31.38 -18.14
N ASP A 186 30.34 30.13 -17.65
CA ASP A 186 29.35 29.20 -18.23
C ASP A 186 28.24 28.69 -17.30
N MET A 187 28.43 28.81 -15.99
CA MET A 187 27.43 28.29 -15.05
C MET A 187 25.96 28.56 -15.36
N SER A 188 25.59 29.79 -15.65
CA SER A 188 24.20 30.10 -15.93
C SER A 188 23.58 29.30 -17.08
N ASP A 189 24.36 28.95 -18.11
CA ASP A 189 23.76 28.20 -19.21
C ASP A 189 23.79 26.70 -18.94
N ILE A 190 24.86 26.23 -18.30
CA ILE A 190 24.94 24.82 -17.97
C ILE A 190 23.61 24.50 -17.30
N VAL A 191 23.35 25.20 -16.20
CA VAL A 191 22.10 25.06 -15.45
C VAL A 191 20.82 25.24 -16.27
N SER A 192 20.84 26.16 -17.22
CA SER A 192 19.66 26.37 -18.01
C SER A 192 19.51 25.22 -18.98
N PHE A 193 20.63 24.74 -19.54
CA PHE A 193 20.61 23.63 -20.50
C PHE A 193 20.19 22.34 -19.81
N VAL A 194 20.76 22.12 -18.64
CA VAL A 194 20.42 20.97 -17.88
C VAL A 194 18.91 20.93 -17.63
N TYR A 195 18.37 21.93 -16.92
CA TYR A 195 16.93 21.97 -16.65
C TYR A 195 16.13 21.71 -17.93
N GLU A 196 16.56 22.34 -19.02
CA GLU A 196 15.87 22.18 -20.30
C GLU A 196 15.65 20.75 -20.71
N MET A 197 16.74 19.97 -20.79
CA MET A 197 16.64 18.56 -21.20
C MET A 197 16.02 17.72 -20.09
N MET A 198 16.15 18.18 -18.87
CA MET A 198 15.55 17.48 -17.77
C MET A 198 14.05 17.52 -18.04
N LEU A 199 13.53 18.67 -18.42
CA LEU A 199 12.11 18.80 -18.73
C LEU A 199 11.75 17.97 -19.96
N ALA A 200 12.48 18.23 -21.03
CA ALA A 200 12.30 17.52 -22.28
C ALA A 200 12.24 16.00 -22.09
N TYR A 201 13.34 15.43 -21.62
CA TYR A 201 13.43 13.99 -21.39
C TYR A 201 12.37 13.53 -20.41
N SER A 202 12.06 14.39 -19.46
CA SER A 202 11.02 14.08 -18.50
C SER A 202 9.76 13.70 -19.29
N ASN A 203 9.40 14.56 -20.25
CA ASN A 203 8.20 14.30 -21.05
C ASN A 203 8.43 13.20 -22.05
N ALA A 204 9.68 12.94 -22.41
CA ALA A 204 9.99 11.88 -23.34
C ALA A 204 9.76 10.55 -22.63
N LYS A 205 9.39 10.61 -21.36
CA LYS A 205 9.17 9.40 -20.57
C LYS A 205 10.41 8.58 -20.82
N ASN A 206 11.51 9.32 -20.77
CA ASN A 206 12.86 8.84 -20.97
C ASN A 206 13.65 9.19 -19.71
N TYR A 207 13.45 8.43 -18.64
CA TYR A 207 14.08 8.68 -17.34
C TYR A 207 15.53 8.27 -17.28
N GLY A 208 16.08 7.84 -18.40
CA GLY A 208 17.46 7.40 -18.40
C GLY A 208 18.38 8.58 -18.26
N THR A 209 17.96 9.66 -18.89
CA THR A 209 18.77 10.85 -18.86
C THR A 209 18.28 11.77 -17.80
N VAL A 210 16.97 11.85 -17.67
CA VAL A 210 16.37 12.70 -16.66
C VAL A 210 17.08 12.39 -15.36
N GLY A 211 17.52 11.15 -15.20
CA GLY A 211 18.21 10.75 -14.00
C GLY A 211 19.65 11.24 -13.86
N LEU A 212 20.38 11.33 -14.97
CA LEU A 212 21.75 11.81 -14.91
C LEU A 212 21.73 13.29 -14.55
N CYS A 213 20.70 13.99 -15.03
CA CYS A 213 20.53 15.42 -14.74
C CYS A 213 20.44 15.63 -13.26
N LEU A 214 19.60 14.83 -12.62
CA LEU A 214 19.42 14.87 -11.18
C LEU A 214 20.71 14.53 -10.44
N GLN A 215 21.48 13.61 -11.01
CA GLN A 215 22.75 13.20 -10.43
C GLN A 215 23.65 14.41 -10.35
N VAL A 216 23.74 15.11 -11.47
CA VAL A 216 24.55 16.31 -11.60
C VAL A 216 24.04 17.42 -10.70
N TYR A 217 22.77 17.77 -10.86
CA TYR A 217 22.17 18.83 -10.07
C TYR A 217 22.61 18.78 -8.64
N ALA A 218 22.36 17.66 -8.00
CA ALA A 218 22.71 17.45 -6.61
C ALA A 218 24.18 17.55 -6.34
N GLN A 219 25.01 17.19 -7.31
CA GLN A 219 26.44 17.23 -7.10
C GLN A 219 26.95 18.64 -7.16
N TRP A 220 26.48 19.37 -8.15
CA TRP A 220 26.88 20.77 -8.38
C TRP A 220 26.15 21.80 -7.54
N VAL A 221 25.16 21.37 -6.78
CA VAL A 221 24.39 22.30 -5.97
C VAL A 221 25.25 23.24 -5.14
N SER A 222 26.31 22.70 -4.53
CA SER A 222 27.20 23.52 -3.70
C SER A 222 27.76 24.76 -4.41
N TRP A 223 28.48 24.56 -5.51
CA TRP A 223 29.04 25.72 -6.18
C TRP A 223 28.16 26.30 -7.28
N ILE A 224 26.85 26.10 -7.19
CA ILE A 224 25.99 26.71 -8.19
C ILE A 224 25.49 28.04 -7.63
N ASN A 225 25.43 29.04 -8.49
CA ASN A 225 24.99 30.38 -8.11
C ASN A 225 23.57 30.29 -7.55
N ILE A 226 23.35 30.95 -6.42
CA ILE A 226 22.04 30.91 -5.80
C ILE A 226 20.91 31.36 -6.70
N ASN A 227 21.03 32.55 -7.29
CA ASN A 227 19.98 33.05 -8.17
C ASN A 227 19.53 32.01 -9.19
N LEU A 228 20.44 31.11 -9.57
CA LEU A 228 20.13 30.10 -10.57
C LEU A 228 19.41 28.90 -10.01
N ILE A 229 19.44 28.75 -8.70
CA ILE A 229 18.82 27.59 -8.08
C ILE A 229 17.54 27.87 -7.31
N VAL A 230 17.14 29.14 -7.28
CA VAL A 230 15.94 29.53 -6.57
C VAL A 230 14.69 29.42 -7.43
N ASN A 231 14.86 29.53 -8.75
CA ASN A 231 13.73 29.47 -9.70
C ASN A 231 12.76 28.41 -9.22
N GLU A 232 11.46 28.65 -9.38
CA GLU A 232 10.47 27.68 -8.90
C GLU A 232 10.12 26.58 -9.90
N PRO A 233 10.02 26.92 -11.18
CA PRO A 233 9.70 25.90 -12.18
C PRO A 233 10.58 24.66 -12.08
N CYS A 234 11.82 24.88 -11.65
CA CYS A 234 12.77 23.80 -11.46
C CYS A 234 12.38 23.05 -10.16
N MET A 235 11.89 23.79 -9.18
CA MET A 235 11.46 23.17 -7.94
C MET A 235 10.24 22.32 -8.28
N ASN A 236 9.23 22.96 -8.86
CA ASN A 236 8.02 22.25 -9.26
C ASN A 236 8.34 21.03 -10.11
N LEU A 237 9.43 21.10 -10.87
CA LEU A 237 9.79 19.98 -11.71
C LEU A 237 10.35 18.87 -10.86
N LEU A 238 11.40 19.14 -10.11
CA LEU A 238 11.96 18.10 -9.26
C LEU A 238 10.87 17.49 -8.39
N TYR A 239 10.00 18.30 -7.82
CA TYR A 239 8.95 17.75 -6.98
C TYR A 239 8.04 16.80 -7.76
N SER A 240 7.78 17.11 -9.03
CA SER A 240 6.91 16.23 -9.77
C SER A 240 7.58 14.89 -9.97
N PHE A 241 8.90 14.89 -10.19
CA PHE A 241 9.58 13.61 -10.38
C PHE A 241 9.22 12.66 -9.27
N LEU A 242 8.94 13.20 -8.10
CA LEU A 242 8.57 12.39 -6.95
C LEU A 242 7.55 11.34 -7.29
N GLN A 243 6.51 11.72 -8.00
CA GLN A 243 5.50 10.74 -8.36
C GLN A 243 6.04 9.65 -9.27
N ILE A 244 7.26 9.83 -9.78
CA ILE A 244 7.87 8.84 -10.68
C ILE A 244 8.85 7.92 -9.98
N GLU A 245 8.79 6.63 -10.28
CA GLU A 245 9.66 5.68 -9.61
C GLU A 245 11.17 5.76 -9.86
N GLU A 246 11.64 5.58 -11.08
CA GLU A 246 13.08 5.59 -11.22
C GLU A 246 13.70 6.88 -10.78
N LEU A 247 12.95 7.96 -10.97
CA LEU A 247 13.41 9.30 -10.63
C LEU A 247 13.29 9.76 -9.21
N ARG A 248 12.30 9.25 -8.47
CA ARG A 248 12.07 9.77 -7.13
C ARG A 248 13.17 9.76 -6.09
N CYS A 249 14.11 8.83 -6.13
CA CYS A 249 15.16 8.89 -5.10
C CYS A 249 16.12 10.00 -5.47
N ALA A 250 16.37 10.16 -6.77
CA ALA A 250 17.27 11.20 -7.27
C ALA A 250 16.65 12.56 -6.95
N ALA A 251 15.35 12.68 -7.23
CA ALA A 251 14.60 13.91 -7.01
C ALA A 251 14.63 14.33 -5.55
N CYS A 252 14.39 13.39 -4.65
CA CYS A 252 14.36 13.70 -3.24
C CYS A 252 15.73 14.06 -2.67
N GLU A 253 16.80 13.36 -3.09
CA GLU A 253 18.15 13.68 -2.59
C GLU A 253 18.62 15.05 -3.13
N THR A 254 18.24 15.33 -4.36
CA THR A 254 18.64 16.59 -4.97
C THR A 254 17.96 17.76 -4.30
N MET A 255 16.68 17.62 -3.93
CA MET A 255 15.98 18.73 -3.28
C MET A 255 16.57 18.99 -1.91
N THR A 256 16.93 17.93 -1.22
CA THR A 256 17.53 18.03 0.08
C THR A 256 18.80 18.85 -0.05
N GLU A 257 19.52 18.62 -1.15
CA GLU A 257 20.78 19.33 -1.38
C GLU A 257 20.54 20.84 -1.54
N ILE A 258 19.47 21.17 -2.25
CA ILE A 258 19.11 22.56 -2.49
C ILE A 258 18.64 23.22 -1.19
N VAL A 259 18.05 22.42 -0.33
CA VAL A 259 17.60 22.90 0.95
C VAL A 259 18.77 23.14 1.89
N ASN A 260 19.89 22.52 1.63
CA ASN A 260 20.98 22.72 2.55
C ASN A 260 21.94 23.79 2.11
N LYS A 261 21.81 24.19 0.84
CA LYS A 261 22.62 25.28 0.27
C LYS A 261 22.52 26.41 1.30
N LYS A 262 23.62 26.90 1.86
CA LYS A 262 23.51 27.97 2.88
C LYS A 262 23.15 29.36 2.37
N MET A 263 21.95 29.56 1.83
CA MET A 263 21.58 30.88 1.34
C MET A 263 21.10 31.78 2.48
N LYS A 264 20.84 33.06 2.17
CA LYS A 264 20.34 34.01 3.16
C LYS A 264 18.90 33.69 3.60
N PRO A 265 18.59 33.92 4.88
CA PRO A 265 17.24 33.65 5.43
C PRO A 265 16.09 34.07 4.54
N LEU A 266 16.22 35.22 3.91
CA LEU A 266 15.17 35.75 3.06
C LEU A 266 15.06 34.93 1.79
N GLU A 267 16.16 34.28 1.40
CA GLU A 267 16.15 33.49 0.17
C GLU A 267 15.70 32.04 0.37
N LYS A 268 16.18 31.42 1.46
CA LYS A 268 15.85 30.03 1.76
C LYS A 268 14.37 29.83 1.94
N LEU A 269 13.74 30.84 2.55
CA LEU A 269 12.31 30.83 2.80
C LEU A 269 11.45 30.86 1.55
N ASN A 270 12.01 31.33 0.44
CA ASN A 270 11.18 31.33 -0.76
C ASN A 270 11.14 29.93 -1.38
N LEU A 271 12.29 29.26 -1.43
CA LEU A 271 12.37 27.91 -1.97
C LEU A 271 11.55 27.06 -1.03
N LEU A 272 11.88 27.13 0.25
CA LEU A 272 11.17 26.36 1.27
C LEU A 272 9.67 26.51 1.20
N ASN A 273 9.18 27.50 0.47
CA ASN A 273 7.75 27.71 0.39
C ASN A 273 7.29 26.96 -0.82
N ILE A 274 8.14 26.92 -1.84
CA ILE A 274 7.74 26.20 -3.04
C ILE A 274 7.57 24.74 -2.64
N LEU A 275 8.51 24.22 -1.85
CA LEU A 275 8.44 22.84 -1.36
C LEU A 275 7.24 22.71 -0.45
N ASN A 276 7.22 23.53 0.59
CA ASN A 276 6.12 23.52 1.55
C ASN A 276 4.75 23.51 0.86
N LEU A 277 4.56 24.40 -0.10
CA LEU A 277 3.30 24.47 -0.80
C LEU A 277 3.04 23.18 -1.51
N ASN A 278 4.04 22.65 -2.20
CA ASN A 278 3.90 21.39 -2.95
C ASN A 278 3.58 20.20 -2.03
N LEU A 279 4.09 20.26 -0.82
CA LEU A 279 3.87 19.20 0.12
C LEU A 279 2.48 19.31 0.64
N PHE A 280 2.04 20.53 0.91
CA PHE A 280 0.71 20.71 1.48
C PHE A 280 -0.38 20.06 0.66
N PHE A 281 -0.44 20.38 -0.63
CA PHE A 281 -1.49 19.81 -1.43
C PHE A 281 -1.38 18.33 -1.72
N SER A 282 -0.22 17.71 -1.47
CA SER A 282 -0.15 16.27 -1.67
C SER A 282 -0.44 15.65 -0.30
N LYS A 283 -1.72 15.37 -0.06
CA LYS A 283 -2.18 14.80 1.21
C LYS A 283 -1.11 14.03 1.97
N THR A 289 4.30 2.74 -1.06
CA THR A 289 5.42 2.92 -0.16
C THR A 289 6.62 2.02 -0.53
N ASP A 290 7.76 2.30 0.11
CA ASP A 290 9.02 1.58 -0.06
C ASP A 290 9.82 2.04 1.17
N PRO A 291 10.97 1.41 1.45
CA PRO A 291 11.70 1.91 2.63
C PRO A 291 12.75 2.98 2.36
N ASN A 292 13.60 2.73 1.37
CA ASN A 292 14.66 3.70 1.03
C ASN A 292 14.04 5.01 0.59
N PHE A 293 12.82 4.94 0.06
CA PHE A 293 12.13 6.15 -0.39
C PHE A 293 11.84 6.94 0.86
N ASP A 294 11.12 6.29 1.77
CA ASP A 294 10.80 6.92 3.02
C ASP A 294 12.08 7.43 3.69
N GLU A 295 13.15 6.65 3.76
CA GLU A 295 14.34 7.19 4.40
C GLU A 295 14.69 8.52 3.69
N HIS A 296 14.43 8.59 2.38
CA HIS A 296 14.73 9.79 1.59
C HIS A 296 13.78 10.94 1.88
N VAL A 297 12.49 10.68 1.75
CA VAL A 297 11.49 11.70 2.02
C VAL A 297 11.68 12.25 3.42
N ALA A 298 11.94 11.35 4.35
CA ALA A 298 12.18 11.76 5.72
C ALA A 298 13.36 12.73 5.76
N LYS A 299 14.47 12.37 5.12
CA LYS A 299 15.63 13.26 5.13
C LYS A 299 15.25 14.64 4.58
N LEU A 300 14.33 14.63 3.60
CA LEU A 300 13.85 15.83 2.94
C LEU A 300 13.18 16.67 3.97
N ILE A 301 12.19 16.07 4.61
CA ILE A 301 11.48 16.79 5.63
C ILE A 301 12.47 17.20 6.71
N ASN A 302 13.22 16.26 7.26
CA ASN A 302 14.16 16.63 8.29
C ASN A 302 14.97 17.88 7.90
N ALA A 303 15.47 17.91 6.66
CA ALA A 303 16.27 19.03 6.19
C ALA A 303 15.52 20.35 6.28
N GLN A 304 14.29 20.38 5.77
CA GLN A 304 13.46 21.58 5.81
C GLN A 304 13.32 21.98 7.27
N GLY A 305 12.68 21.11 8.03
CA GLY A 305 12.45 21.37 9.44
C GLY A 305 13.63 22.05 10.11
N VAL A 306 14.77 21.39 10.11
CA VAL A 306 15.93 21.96 10.76
C VAL A 306 16.28 23.37 10.23
N GLU A 307 15.95 23.64 8.96
CA GLU A 307 16.17 24.94 8.33
C GLU A 307 15.17 25.94 8.89
N LEU A 308 13.89 25.68 8.71
CA LEU A 308 12.88 26.60 9.22
C LEU A 308 13.15 26.91 10.67
N VAL A 309 13.45 25.91 11.47
CA VAL A 309 13.69 26.18 12.88
C VAL A 309 14.95 27.00 13.09
N ALA A 310 16.03 26.66 12.39
CA ALA A 310 17.27 27.42 12.54
C ALA A 310 17.05 28.87 12.19
N ILE A 311 16.11 29.13 11.29
CA ILE A 311 15.79 30.47 10.84
C ILE A 311 14.97 31.24 11.85
N LYS A 312 14.02 30.61 12.51
CA LYS A 312 13.19 31.32 13.47
C LYS A 312 13.96 31.89 14.68
N SER A 313 15.17 31.39 14.97
CA SER A 313 15.94 31.88 16.12
C SER A 313 16.46 33.33 16.03
N ASP A 314 16.96 33.74 14.87
CA ASP A 314 17.43 35.11 14.68
C ASP A 314 16.58 35.67 13.54
N PRO A 315 15.27 35.83 13.78
CA PRO A 315 14.20 36.33 12.91
C PRO A 315 14.48 37.53 11.98
N SER A 316 15.26 38.48 12.46
CA SER A 316 15.62 39.67 11.69
C SER A 316 16.12 40.71 12.68
N SER A 319 10.96 40.41 7.82
CA SER A 319 9.76 41.25 7.96
C SER A 319 8.85 40.63 9.02
N PRO A 320 7.68 41.25 9.27
CA PRO A 320 6.79 40.67 10.28
C PRO A 320 6.00 39.53 9.64
N GLU A 321 5.74 39.67 8.35
CA GLU A 321 5.01 38.68 7.58
C GLU A 321 5.81 37.39 7.42
N LEU A 322 7.05 37.50 6.93
CA LEU A 322 7.91 36.33 6.75
C LEU A 322 8.08 35.61 8.08
N LYS A 323 8.01 36.35 9.17
CA LYS A 323 8.14 35.75 10.49
C LYS A 323 7.01 34.74 10.63
N GLU A 324 5.82 35.13 10.15
CA GLU A 324 4.63 34.29 10.21
C GLU A 324 4.82 33.13 9.25
N ASN A 325 5.00 33.45 7.97
CA ASN A 325 5.23 32.45 6.93
C ASN A 325 6.09 31.31 7.47
N CYS A 326 7.27 31.65 7.97
CA CYS A 326 8.17 30.65 8.52
C CYS A 326 7.47 29.70 9.49
N SER A 327 6.77 30.23 10.50
CA SER A 327 6.07 29.38 11.47
C SER A 327 4.93 28.56 10.87
N PHE A 328 4.35 29.06 9.78
CA PHE A 328 3.27 28.35 9.07
C PHE A 328 3.85 27.13 8.34
N GLN A 329 4.90 27.35 7.55
CA GLN A 329 5.57 26.26 6.86
C GLN A 329 6.01 25.22 7.87
N LEU A 330 6.62 25.69 8.96
CA LEU A 330 7.06 24.79 10.01
C LEU A 330 5.87 23.94 10.48
N TYR A 331 4.76 24.59 10.81
CA TYR A 331 3.58 23.89 11.27
C TYR A 331 3.14 22.81 10.29
N ASN A 332 3.04 23.15 9.00
CA ASN A 332 2.58 22.18 8.01
C ASN A 332 3.43 20.94 7.86
N LEU A 333 4.59 20.96 8.48
CA LEU A 333 5.49 19.83 8.44
C LEU A 333 5.28 18.97 9.67
N PHE A 334 4.38 19.35 10.55
CA PHE A 334 4.22 18.57 11.74
C PHE A 334 3.67 17.17 11.51
N PRO A 335 2.68 17.03 10.60
CA PRO A 335 2.10 15.72 10.34
C PRO A 335 3.10 14.74 9.77
N TYR A 336 4.08 15.30 9.08
CA TYR A 336 5.12 14.52 8.46
C TYR A 336 6.16 14.15 9.47
N LEU A 337 6.58 15.12 10.27
CA LEU A 337 7.58 14.85 11.30
C LEU A 337 7.12 13.68 12.14
N ILE A 338 5.81 13.54 12.29
CA ILE A 338 5.24 12.46 13.11
C ILE A 338 5.17 11.18 12.31
N ARG A 339 4.49 11.30 11.17
CA ARG A 339 4.30 10.23 10.21
C ARG A 339 5.58 9.44 9.93
N TYR A 340 6.74 10.07 10.17
CA TYR A 340 8.02 9.40 9.95
C TYR A 340 8.72 9.07 11.25
N LEU A 341 8.38 9.80 12.30
CA LEU A 341 9.01 9.57 13.59
C LEU A 341 8.46 8.24 14.06
N SER A 342 7.20 8.02 13.75
CA SER A 342 6.52 6.81 14.15
C SER A 342 6.63 5.72 13.10
N ASP A 343 7.73 5.70 12.38
CA ASP A 343 7.86 4.69 11.36
C ASP A 343 8.31 3.41 12.02
N ASP A 344 7.98 2.28 11.38
CA ASP A 344 8.35 0.97 11.89
C ASP A 344 9.84 0.71 11.78
N TYR A 345 10.48 1.28 10.76
CA TYR A 345 11.92 1.09 10.54
C TYR A 345 12.74 2.08 11.35
N ASP A 346 13.62 1.60 12.23
CA ASP A 346 14.41 2.51 13.04
C ASP A 346 15.14 3.51 12.19
N GLU A 347 15.61 3.07 11.03
CA GLU A 347 16.38 3.95 10.16
C GLU A 347 15.58 5.17 9.65
N THR A 348 14.32 4.94 9.28
CA THR A 348 13.44 6.00 8.81
C THR A 348 13.17 6.98 9.99
N SER A 349 12.89 6.43 11.18
CA SER A 349 12.64 7.24 12.36
C SER A 349 13.86 8.11 12.70
N THR A 350 15.04 7.52 12.73
CA THR A 350 16.21 8.30 13.08
C THR A 350 16.58 9.42 12.09
N ALA A 351 16.03 9.30 10.87
CA ALA A 351 16.29 10.27 9.82
C ALA A 351 15.69 11.60 10.21
N VAL A 352 14.76 11.57 11.14
CA VAL A 352 14.05 12.79 11.53
C VAL A 352 14.36 13.30 12.93
N PHE A 353 15.19 12.59 13.69
CA PHE A 353 15.54 13.00 15.06
C PHE A 353 16.08 14.42 15.22
N PRO A 354 17.00 14.83 14.33
CA PRO A 354 17.58 16.18 14.41
C PRO A 354 16.47 17.20 14.51
N PHE A 355 15.72 17.30 13.43
CA PHE A 355 14.59 18.20 13.33
C PHE A 355 13.76 18.09 14.61
N LEU A 356 13.34 16.89 14.97
CA LEU A 356 12.55 16.77 16.18
C LEU A 356 13.26 17.45 17.30
N SER A 357 14.55 17.14 17.44
CA SER A 357 15.35 17.72 18.52
C SER A 357 15.48 19.25 18.44
N ASP A 358 15.85 19.76 17.28
CA ASP A 358 15.98 21.19 17.05
C ASP A 358 14.67 21.88 17.38
N LEU A 359 13.56 21.20 17.10
CA LEU A 359 12.24 21.75 17.35
C LEU A 359 11.80 21.79 18.81
N LEU A 360 11.93 20.69 19.53
CA LEU A 360 11.50 20.67 20.91
C LEU A 360 12.28 21.66 21.71
N VAL A 361 13.49 21.96 21.23
CA VAL A 361 14.39 22.92 21.89
C VAL A 361 13.91 24.35 21.68
N SER A 362 13.32 24.62 20.53
CA SER A 362 12.80 25.95 20.26
C SER A 362 11.45 26.08 20.98
N LEU A 363 10.79 24.94 21.17
CA LEU A 363 9.51 24.94 21.84
C LEU A 363 9.73 25.12 23.32
N ARG A 364 10.83 24.58 23.84
CA ARG A 364 11.11 24.72 25.25
C ARG A 364 11.36 26.20 25.53
N LYS A 365 11.99 26.90 24.58
CA LYS A 365 12.30 28.32 24.75
C LYS A 365 11.04 29.16 24.69
N GLU A 366 10.09 28.74 23.84
CA GLU A 366 8.84 29.45 23.66
C GLU A 366 7.81 29.22 24.77
N SER A 367 7.96 28.15 25.55
CA SER A 367 7.01 27.90 26.64
C SER A 367 7.28 28.90 27.77
N SER A 368 7.27 30.18 27.40
CA SER A 368 7.53 31.26 28.35
C SER A 368 6.33 31.55 29.25
N SER A 369 5.12 31.27 28.76
CA SER A 369 3.92 31.53 29.55
C SER A 369 3.23 30.23 29.92
N LYS A 370 3.68 29.14 29.31
CA LYS A 370 3.13 27.80 29.51
C LYS A 370 1.65 27.75 29.13
N GLU A 371 1.27 28.62 28.19
CA GLU A 371 -0.10 28.65 27.68
C GLU A 371 -0.10 27.68 26.50
N LEU A 372 -0.88 26.61 26.58
CA LEU A 372 -0.90 25.67 25.48
C LEU A 372 -2.10 25.81 24.60
N SER A 373 -1.86 25.91 23.31
CA SER A 373 -2.97 26.01 22.36
C SER A 373 -3.37 24.56 22.14
N ALA A 374 -4.63 24.37 21.80
CA ALA A 374 -5.14 23.03 21.58
C ALA A 374 -4.40 22.34 20.45
N SER A 375 -3.67 23.09 19.65
CA SER A 375 -2.95 22.49 18.54
C SER A 375 -1.61 21.97 19.06
N LEU A 376 -0.98 22.72 19.96
CA LEU A 376 0.29 22.32 20.57
C LEU A 376 0.02 21.06 21.38
N LYS A 377 -1.07 21.12 22.15
CA LYS A 377 -1.50 19.97 22.94
C LYS A 377 -1.58 18.74 22.03
N GLU A 378 -2.47 18.80 21.03
CA GLU A 378 -2.66 17.70 20.09
C GLU A 378 -1.37 17.24 19.43
N PHE A 379 -0.49 18.19 19.12
CA PHE A 379 0.80 17.89 18.50
C PHE A 379 1.70 17.09 19.46
N LEU A 380 1.91 17.65 20.64
CA LEU A 380 2.75 16.97 21.61
C LEU A 380 2.26 15.61 21.99
N LYS A 381 0.95 15.37 21.87
CA LYS A 381 0.43 14.04 22.20
C LYS A 381 0.86 13.14 21.07
N SER A 382 0.51 13.56 19.87
CA SER A 382 0.86 12.82 18.69
C SER A 382 2.33 12.45 18.76
N LEU A 383 3.14 13.40 19.22
CA LEU A 383 4.58 13.19 19.35
C LEU A 383 4.94 12.10 20.35
N LEU A 384 4.26 12.02 21.47
CA LEU A 384 4.57 11.01 22.45
C LEU A 384 4.10 9.67 21.92
N GLU A 385 2.91 9.61 21.32
CA GLU A 385 2.42 8.36 20.78
C GLU A 385 3.60 7.77 20.04
N ALA A 386 4.22 8.63 19.24
CA ALA A 386 5.37 8.23 18.45
C ALA A 386 6.60 7.95 19.26
N ILE A 387 7.02 8.86 20.11
CA ILE A 387 8.21 8.58 20.88
C ILE A 387 8.05 7.30 21.66
N ILE A 388 6.84 7.01 22.15
CA ILE A 388 6.58 5.80 22.93
C ILE A 388 6.72 4.53 22.11
N LYS A 389 5.92 4.44 21.05
CA LYS A 389 5.91 3.32 20.12
C LYS A 389 7.35 2.90 19.78
N LYS A 390 8.19 3.91 19.64
CA LYS A 390 9.59 3.74 19.30
C LYS A 390 10.51 3.32 20.44
N MET A 391 10.03 3.33 21.68
CA MET A 391 10.91 2.96 22.80
C MET A 391 10.77 1.52 23.18
N LYS A 392 9.69 0.90 22.70
CA LYS A 392 9.37 -0.49 22.97
C LYS A 392 10.25 -1.42 22.20
N TYR A 393 10.54 -2.54 22.82
CA TYR A 393 11.33 -3.52 22.13
C TYR A 393 10.41 -4.03 21.03
N ASP A 394 11.06 -4.70 20.09
CA ASP A 394 10.43 -5.29 18.94
C ASP A 394 9.53 -6.45 19.34
N GLU A 395 8.23 -6.30 19.08
CA GLU A 395 7.23 -7.32 19.40
C GLU A 395 7.43 -8.62 18.66
N SER A 396 8.04 -8.53 17.50
CA SER A 396 8.29 -9.69 16.67
C SER A 396 9.76 -10.03 16.72
N GLN A 397 10.50 -9.36 17.59
CA GLN A 397 11.93 -9.63 17.68
C GLN A 397 12.46 -9.73 19.12
N GLU A 398 13.08 -10.88 19.39
CA GLU A 398 13.65 -11.21 20.67
C GLU A 398 14.89 -10.33 20.94
N TRP A 399 15.54 -10.55 22.07
CA TRP A 399 16.74 -9.80 22.39
C TRP A 399 17.85 -10.78 22.74
N ASP A 400 19.08 -10.27 22.88
CA ASP A 400 20.24 -11.10 23.20
C ASP A 400 21.03 -10.64 24.40
N ASP A 401 21.75 -11.56 25.03
CA ASP A 401 22.59 -11.23 26.18
C ASP A 401 23.88 -10.63 25.63
N ASP A 402 24.08 -10.80 24.33
CA ASP A 402 25.24 -10.27 23.64
C ASP A 402 25.43 -8.80 24.00
N PRO A 403 26.63 -8.48 24.50
CA PRO A 403 27.15 -7.18 24.95
C PRO A 403 28.01 -6.36 23.98
N ASP A 404 28.59 -6.99 22.96
CA ASP A 404 29.45 -6.26 22.06
C ASP A 404 29.06 -6.13 20.59
N SER A 405 28.35 -7.12 20.03
CA SER A 405 27.99 -7.04 18.61
C SER A 405 26.49 -7.07 18.30
N GLU A 406 25.65 -7.08 19.32
CA GLU A 406 24.22 -7.11 19.08
C GLU A 406 23.77 -5.68 18.74
N GLU A 407 22.66 -5.55 18.03
CA GLU A 407 22.19 -4.21 17.68
C GLU A 407 21.61 -3.45 18.89
N GLU A 408 21.56 -4.10 20.05
CA GLU A 408 21.06 -3.47 21.25
C GLU A 408 21.73 -2.14 21.54
N ALA A 409 23.06 -2.12 21.49
CA ALA A 409 23.79 -0.90 21.76
C ALA A 409 23.18 0.25 20.98
N GLU A 410 22.87 0.00 19.71
CA GLU A 410 22.28 1.03 18.88
C GLU A 410 20.84 1.31 19.31
N PHE A 411 20.15 0.27 19.77
CA PHE A 411 18.77 0.43 20.27
C PHE A 411 18.80 1.27 21.55
N GLN A 412 19.69 0.91 22.46
CA GLN A 412 19.82 1.64 23.70
C GLN A 412 20.19 3.07 23.42
N GLU A 413 20.79 3.31 22.25
CA GLU A 413 21.19 4.66 21.88
C GLU A 413 19.92 5.34 21.47
N MET A 414 19.26 4.79 20.45
CA MET A 414 18.02 5.40 20.00
C MET A 414 17.05 5.62 21.17
N ARG A 415 17.32 4.95 22.30
CA ARG A 415 16.49 5.09 23.48
C ARG A 415 16.98 6.31 24.21
N LYS A 416 18.30 6.41 24.34
CA LYS A 416 18.93 7.51 25.04
C LYS A 416 18.53 8.83 24.43
N LYS A 417 18.24 8.82 23.14
CA LYS A 417 17.80 10.02 22.45
C LYS A 417 16.33 10.22 22.77
N LEU A 418 15.52 9.21 22.43
CA LEU A 418 14.11 9.29 22.67
C LEU A 418 13.79 9.79 24.06
N LYS A 419 14.47 9.25 25.06
CA LYS A 419 14.24 9.68 26.44
C LYS A 419 14.46 11.19 26.57
N ILE A 420 15.48 11.69 25.90
CA ILE A 420 15.75 13.12 25.98
C ILE A 420 14.58 13.91 25.42
N PHE A 421 13.97 13.39 24.36
CA PHE A 421 12.82 14.07 23.78
C PHE A 421 11.75 14.09 24.84
N GLN A 422 11.53 12.96 25.50
CA GLN A 422 10.50 12.92 26.51
C GLN A 422 10.78 14.01 27.51
N ASP A 423 11.98 13.99 28.07
CA ASP A 423 12.40 14.99 29.06
C ASP A 423 12.08 16.39 28.57
N THR A 424 12.57 16.75 27.40
CA THR A 424 12.31 18.05 26.82
C THR A 424 10.82 18.35 26.72
N ILE A 425 9.99 17.33 26.52
CA ILE A 425 8.55 17.55 26.40
C ILE A 425 7.97 17.67 27.79
N ASN A 426 8.48 16.87 28.71
CA ASN A 426 7.99 16.95 30.07
C ASN A 426 8.36 18.34 30.57
N SER A 427 9.41 18.92 29.96
CA SER A 427 9.88 20.25 30.31
C SER A 427 8.89 21.25 29.75
N ILE A 428 8.60 21.14 28.47
CA ILE A 428 7.64 22.01 27.80
C ILE A 428 6.30 22.02 28.53
N ASP A 429 5.88 20.87 29.04
CA ASP A 429 4.62 20.78 29.77
C ASP A 429 4.55 19.48 30.60
N SER A 430 4.58 19.62 31.92
CA SER A 430 4.58 18.47 32.83
C SER A 430 3.27 17.70 33.06
N SER A 431 2.14 18.40 33.03
CA SER A 431 0.85 17.76 33.23
C SER A 431 0.63 16.75 32.12
N LEU A 432 0.69 17.24 30.89
CA LEU A 432 0.49 16.45 29.68
C LEU A 432 1.36 15.20 29.64
N PHE A 433 2.61 15.35 30.05
CA PHE A 433 3.52 14.23 30.08
C PHE A 433 2.98 13.22 31.10
N SER A 434 2.84 13.67 32.35
CA SER A 434 2.36 12.79 33.40
C SER A 434 1.15 12.00 32.99
N SER A 435 0.05 12.69 32.74
CA SER A 435 -1.16 11.98 32.38
C SER A 435 -0.83 10.95 31.31
N TYR A 436 -0.18 11.37 30.23
CA TYR A 436 0.15 10.46 29.15
C TYR A 436 1.00 9.29 29.63
N MET A 437 2.18 9.58 30.15
CA MET A 437 3.03 8.52 30.63
C MET A 437 2.36 7.58 31.59
N TYR A 438 1.36 8.04 32.34
CA TYR A 438 0.70 7.19 33.32
C TYR A 438 -0.18 6.22 32.58
N SER A 439 -1.02 6.75 31.70
CA SER A 439 -1.88 5.88 30.91
C SER A 439 -0.95 4.85 30.27
N ALA A 440 0.00 5.39 29.51
CA ALA A 440 0.99 4.59 28.82
C ALA A 440 1.50 3.43 29.63
N ILE A 441 2.00 3.69 30.83
CA ILE A 441 2.50 2.61 31.67
C ILE A 441 1.39 1.67 32.15
N THR A 442 0.22 2.26 32.36
CA THR A 442 -0.93 1.54 32.84
C THR A 442 -1.43 0.48 31.85
N SER A 443 -1.77 0.91 30.65
CA SER A 443 -2.28 0.01 29.64
C SER A 443 -1.30 -1.08 29.34
N SER A 444 -0.11 -0.71 28.92
CA SER A 444 0.90 -1.71 28.58
C SER A 444 0.84 -2.82 29.62
N LEU A 445 0.98 -2.45 30.88
CA LEU A 445 0.90 -3.46 31.91
C LEU A 445 -0.38 -4.29 31.75
N SER A 446 -1.52 -3.59 31.65
CA SER A 446 -2.82 -4.23 31.51
C SER A 446 -2.85 -5.15 30.33
N THR A 447 -2.40 -4.63 29.20
CA THR A 447 -2.36 -5.43 28.00
C THR A 447 -1.47 -6.63 28.20
N ALA A 448 -0.34 -6.40 28.85
CA ALA A 448 0.60 -7.46 29.12
C ALA A 448 -0.15 -8.62 29.74
N ALA A 449 -1.11 -8.31 30.61
CA ALA A 449 -1.90 -9.34 31.28
C ALA A 449 -2.70 -10.20 30.29
N THR A 450 -2.85 -9.69 29.08
CA THR A 450 -3.58 -10.35 27.99
C THR A 450 -2.68 -11.32 27.21
N LEU A 451 -1.40 -11.32 27.53
CA LEU A 451 -0.46 -12.16 26.79
C LEU A 451 0.26 -13.18 27.63
N SER A 452 0.61 -14.31 27.00
CA SER A 452 1.34 -15.35 27.71
C SER A 452 2.66 -14.71 28.08
N PRO A 453 3.27 -15.16 29.19
CA PRO A 453 4.56 -14.61 29.62
C PRO A 453 5.58 -14.56 28.50
N GLU A 454 5.53 -15.55 27.61
CA GLU A 454 6.48 -15.58 26.52
C GLU A 454 6.43 -14.34 25.61
N ASN A 455 5.22 -13.83 25.31
CA ASN A 455 5.10 -12.67 24.41
C ASN A 455 4.80 -11.37 25.15
N SER A 456 4.74 -11.42 26.47
CA SER A 456 4.37 -10.23 27.19
C SER A 456 5.52 -9.35 27.65
N TRP A 457 6.72 -9.89 27.68
CA TRP A 457 7.86 -9.12 28.19
C TRP A 457 8.18 -7.74 27.57
N GLN A 458 8.21 -7.64 26.24
CA GLN A 458 8.55 -6.36 25.60
C GLN A 458 7.71 -5.26 26.20
N LEU A 459 6.42 -5.54 26.27
CA LEU A 459 5.48 -4.58 26.80
C LEU A 459 5.76 -4.23 28.27
N ILE A 460 5.98 -5.23 29.11
CA ILE A 460 6.24 -5.01 30.52
C ILE A 460 7.54 -4.27 30.66
N GLU A 461 8.52 -4.69 29.88
CA GLU A 461 9.84 -4.08 29.90
C GLU A 461 9.71 -2.59 29.63
N PHE A 462 8.78 -2.24 28.76
CA PHE A 462 8.54 -0.83 28.42
C PHE A 462 8.12 -0.11 29.68
N ALA A 463 6.98 -0.53 30.22
CA ALA A 463 6.43 0.05 31.42
C ALA A 463 7.41 0.14 32.58
N LEU A 464 8.25 -0.87 32.75
CA LEU A 464 9.20 -0.83 33.84
C LEU A 464 10.30 0.15 33.52
N TYR A 465 10.64 0.27 32.25
CA TYR A 465 11.67 1.23 31.88
C TYR A 465 11.12 2.65 32.09
N GLU A 466 10.03 2.96 31.42
CA GLU A 466 9.41 4.27 31.57
C GLU A 466 9.26 4.64 33.04
N THR A 467 8.82 3.68 33.85
CA THR A 467 8.64 3.89 35.27
C THR A 467 9.99 4.30 35.84
N TYR A 468 10.99 3.46 35.61
CA TYR A 468 12.32 3.73 36.09
C TYR A 468 12.82 5.14 35.79
N ILE A 469 12.72 5.57 34.55
CA ILE A 469 13.20 6.90 34.24
C ILE A 469 12.24 8.00 34.67
N PHE A 470 10.97 7.63 34.87
CA PHE A 470 9.93 8.58 35.26
C PHE A 470 10.14 9.08 36.67
N GLY A 471 10.98 10.09 36.88
CA GLY A 471 11.17 10.58 38.23
C GLY A 471 12.59 10.42 38.74
N GLU A 472 13.55 10.49 37.83
CA GLU A 472 14.98 10.33 38.11
C GLU A 472 15.62 11.49 38.88
N GLY A 473 14.86 12.52 39.21
CA GLY A 473 15.46 13.64 39.93
C GLY A 473 14.82 14.03 41.25
N LEU A 474 14.05 13.12 41.84
CA LEU A 474 13.36 13.36 43.10
C LEU A 474 14.19 12.88 44.29
N ARG A 475 14.15 13.63 45.40
CA ARG A 475 14.92 13.26 46.59
C ARG A 475 14.15 13.24 47.93
N GLY A 476 13.06 14.01 48.04
CA GLY A 476 12.33 14.05 49.31
C GLY A 476 10.86 13.67 49.25
N PRO A 477 10.17 13.64 50.41
CA PRO A 477 8.76 13.27 50.56
C PRO A 477 7.76 13.92 49.60
N ASP A 478 8.02 15.17 49.21
CA ASP A 478 7.13 15.88 48.29
C ASP A 478 6.95 15.17 46.94
N ALA A 479 7.78 14.15 46.70
CA ALA A 479 7.78 13.39 45.46
C ALA A 479 6.82 12.22 45.38
N PHE A 480 6.71 11.48 46.47
CA PHE A 480 5.83 10.34 46.48
C PHE A 480 4.43 10.73 46.94
N PHE A 481 4.36 11.53 48.00
CA PHE A 481 3.06 11.97 48.51
C PHE A 481 3.07 13.48 48.81
N ASN A 482 1.90 14.12 48.84
CA ASN A 482 1.80 15.56 49.13
C ASN A 482 2.02 15.67 50.66
N GLU A 483 2.16 16.89 51.16
CA GLU A 483 2.40 17.07 52.58
C GLU A 483 1.14 17.20 53.43
N VAL A 484 0.11 17.86 52.90
CA VAL A 484 -1.12 18.06 53.67
C VAL A 484 -2.22 17.05 53.38
N ASP A 485 -2.57 16.92 52.11
CA ASP A 485 -3.61 15.97 51.73
C ASP A 485 -3.09 14.55 51.89
N LYS A 486 -1.81 14.39 51.60
CA LYS A 486 -1.15 13.10 51.64
C LYS A 486 -1.47 12.38 50.32
N SER A 487 -2.04 13.13 49.39
CA SER A 487 -2.38 12.57 48.08
C SER A 487 -1.06 12.21 47.45
N PRO A 488 -0.97 11.00 46.90
CA PRO A 488 0.23 10.48 46.24
C PRO A 488 0.41 10.96 44.79
N THR A 489 1.64 11.34 44.47
CA THR A 489 1.97 11.81 43.14
C THR A 489 1.80 10.66 42.17
N VAL A 490 1.66 10.98 40.89
CA VAL A 490 1.53 9.94 39.87
C VAL A 490 2.63 8.90 40.04
N LEU A 491 3.84 9.37 40.29
CA LEU A 491 4.98 8.48 40.46
C LEU A 491 4.65 7.29 41.34
N SER A 492 4.19 7.54 42.56
CA SER A 492 3.88 6.46 43.49
C SER A 492 2.66 5.64 43.07
N GLN A 493 1.67 6.28 42.46
CA GLN A 493 0.50 5.52 42.04
C GLN A 493 1.03 4.44 41.13
N ILE A 494 2.03 4.81 40.34
CA ILE A 494 2.67 3.90 39.41
C ILE A 494 3.36 2.82 40.21
N LEU A 495 4.28 3.25 41.06
CA LEU A 495 5.04 2.36 41.91
C LEU A 495 4.08 1.43 42.69
N ALA A 496 2.94 1.96 43.12
CA ALA A 496 1.98 1.13 43.84
C ALA A 496 1.62 0.04 42.90
N LEU A 497 1.08 0.45 41.76
CA LEU A 497 0.66 -0.45 40.70
C LEU A 497 1.73 -1.49 40.38
N VAL A 498 2.89 -1.01 40.00
CA VAL A 498 3.99 -1.87 39.63
C VAL A 498 4.24 -2.90 40.70
N THR A 499 4.40 -2.39 41.92
CA THR A 499 4.67 -3.21 43.09
C THR A 499 3.61 -4.30 43.32
N THR A 500 2.37 -3.98 42.94
CA THR A 500 1.23 -4.87 43.11
C THR A 500 0.98 -5.76 41.88
N SER A 501 1.79 -5.59 40.84
CA SER A 501 1.63 -6.40 39.64
C SER A 501 2.30 -7.71 39.84
N GLN A 502 2.18 -8.55 38.83
CA GLN A 502 2.80 -9.86 38.83
C GLN A 502 4.04 -9.74 37.97
N VAL A 503 4.70 -8.57 38.06
CA VAL A 503 5.92 -8.29 37.33
C VAL A 503 7.02 -9.17 37.92
N CYS A 504 6.93 -9.39 39.23
CA CYS A 504 7.91 -10.22 39.90
C CYS A 504 7.84 -11.64 39.40
N ARG A 505 6.64 -12.18 39.27
CA ARG A 505 6.53 -13.54 38.79
C ARG A 505 7.06 -13.71 37.35
N HIS A 506 7.20 -12.61 36.60
CA HIS A 506 7.70 -12.69 35.23
C HIS A 506 9.12 -13.23 35.17
N PRO A 507 9.37 -14.20 34.27
CA PRO A 507 10.66 -14.88 34.04
C PRO A 507 11.69 -14.21 33.14
N HIS A 508 11.28 -13.22 32.35
CA HIS A 508 12.26 -12.59 31.50
C HIS A 508 13.24 -11.80 32.32
N PRO A 509 14.55 -12.03 32.11
CA PRO A 509 15.61 -11.33 32.85
C PRO A 509 15.46 -9.84 32.83
N LEU A 510 15.42 -9.29 31.64
CA LEU A 510 15.29 -7.86 31.47
C LEU A 510 14.23 -7.28 32.38
N VAL A 511 13.14 -8.01 32.54
CA VAL A 511 12.07 -7.54 33.39
C VAL A 511 12.43 -7.68 34.85
N GLN A 512 13.16 -8.73 35.18
CA GLN A 512 13.52 -8.90 36.58
C GLN A 512 14.48 -7.81 36.92
N LEU A 513 15.55 -7.68 36.15
CA LEU A 513 16.53 -6.63 36.40
C LEU A 513 15.83 -5.32 36.60
N LEU A 514 15.21 -4.85 35.55
CA LEU A 514 14.51 -3.60 35.66
C LEU A 514 13.72 -3.48 36.99
N TYR A 515 12.86 -4.44 37.24
CA TYR A 515 12.07 -4.44 38.46
C TYR A 515 12.97 -4.11 39.63
N MET A 516 13.98 -4.95 39.89
CA MET A 516 14.90 -4.73 41.01
C MET A 516 15.59 -3.37 40.99
N GLU A 517 15.70 -2.77 39.81
CA GLU A 517 16.35 -1.46 39.71
C GLU A 517 15.34 -0.43 40.18
N ILE A 518 14.10 -0.60 39.76
CA ILE A 518 13.05 0.31 40.17
C ILE A 518 12.90 0.25 41.67
N LEU A 519 12.98 -0.95 42.23
CA LEU A 519 12.86 -1.14 43.67
C LEU A 519 13.96 -0.45 44.44
N VAL A 520 15.11 -0.26 43.81
CA VAL A 520 16.25 0.35 44.48
C VAL A 520 16.30 1.84 44.26
N ARG A 521 16.06 2.27 43.03
CA ARG A 521 16.10 3.69 42.77
C ARG A 521 15.10 4.38 43.70
N TYR A 522 13.91 3.79 43.86
CA TYR A 522 12.88 4.36 44.74
C TYR A 522 12.65 3.61 46.06
N ALA A 523 13.72 3.12 46.67
CA ALA A 523 13.57 2.40 47.92
C ALA A 523 12.93 3.32 48.97
N SER A 524 13.37 4.56 49.02
CA SER A 524 12.82 5.50 49.98
C SER A 524 11.28 5.51 49.96
N PHE A 525 10.69 5.02 48.87
CA PHE A 525 9.24 4.98 48.75
C PHE A 525 8.63 4.03 49.76
N PHE A 526 9.28 2.89 49.98
CA PHE A 526 8.76 1.91 50.90
C PHE A 526 8.75 2.35 52.36
N ASP A 527 9.16 3.59 52.61
CA ASP A 527 9.14 4.11 53.98
C ASP A 527 7.76 4.70 54.20
N TYR A 528 7.03 4.87 53.10
CA TYR A 528 5.68 5.40 53.14
C TYR A 528 4.66 4.28 52.96
N GLU A 529 4.97 3.32 52.09
CA GLU A 529 4.05 2.19 51.89
C GLU A 529 4.88 0.93 52.06
N SER A 530 4.99 0.54 53.32
CA SER A 530 5.79 -0.60 53.69
C SER A 530 5.21 -1.99 53.38
N ALA A 531 3.91 -2.09 53.22
CA ALA A 531 3.27 -3.38 52.99
C ALA A 531 4.04 -4.42 52.18
N ALA A 532 4.52 -4.03 51.01
CA ALA A 532 5.24 -4.97 50.15
C ALA A 532 6.58 -5.52 50.66
N ILE A 533 7.15 -4.87 51.67
CA ILE A 533 8.45 -5.25 52.21
C ILE A 533 8.71 -6.75 52.23
N PRO A 534 7.84 -7.55 52.89
CA PRO A 534 8.10 -9.00 52.92
C PRO A 534 8.14 -9.69 51.56
N ALA A 535 7.22 -9.30 50.68
CA ALA A 535 7.16 -9.86 49.34
C ALA A 535 8.42 -9.47 48.54
N LEU A 536 8.88 -8.25 48.75
CA LEU A 536 10.05 -7.72 48.04
C LEU A 536 11.36 -8.35 48.47
N ILE A 537 11.43 -8.78 49.72
CA ILE A 537 12.67 -9.39 50.14
C ILE A 537 12.72 -10.84 49.66
N GLU A 538 11.59 -11.54 49.78
CA GLU A 538 11.55 -12.92 49.33
C GLU A 538 11.92 -12.90 47.85
N TYR A 539 11.68 -11.76 47.21
CA TYR A 539 11.99 -11.58 45.78
C TYR A 539 13.48 -11.43 45.60
N PHE A 540 14.07 -10.45 46.27
CA PHE A 540 15.51 -10.24 46.15
C PHE A 540 16.24 -11.54 46.45
N VAL A 541 15.74 -12.33 47.40
CA VAL A 541 16.36 -13.63 47.71
C VAL A 541 15.73 -14.69 46.83
N GLY A 542 14.98 -14.26 45.81
CA GLY A 542 14.32 -15.21 44.94
C GLY A 542 15.25 -15.85 43.94
N PRO A 543 14.77 -16.92 43.28
CA PRO A 543 15.59 -17.61 42.27
C PRO A 543 15.64 -16.67 41.06
N ARG A 544 14.93 -15.56 41.18
CA ARG A 544 14.93 -14.52 40.17
C ARG A 544 15.74 -13.32 40.70
N GLY A 545 15.92 -13.26 42.01
CA GLY A 545 16.69 -12.19 42.62
C GLY A 545 18.17 -12.52 42.68
N ILE A 546 18.66 -12.81 43.88
CA ILE A 546 20.07 -13.13 44.09
C ILE A 546 20.50 -14.46 43.48
N HIS A 547 19.54 -15.33 43.23
CA HIS A 547 19.89 -16.62 42.70
C HIS A 547 19.58 -16.73 41.24
N ASN A 548 19.21 -15.59 40.64
CA ASN A 548 18.89 -15.55 39.22
C ASN A 548 19.91 -16.34 38.42
N THR A 549 19.45 -17.14 37.45
CA THR A 549 20.34 -17.97 36.63
C THR A 549 21.10 -17.18 35.57
N ASN A 550 20.53 -16.07 35.14
CA ASN A 550 21.16 -15.27 34.11
C ASN A 550 22.53 -14.71 34.49
N GLU A 551 23.54 -15.12 33.75
CA GLU A 551 24.90 -14.68 34.00
C GLU A 551 25.03 -13.17 34.01
N ARG A 552 24.07 -12.48 33.42
CA ARG A 552 24.13 -11.01 33.37
C ARG A 552 23.37 -10.32 34.49
N VAL A 553 22.43 -11.01 35.12
CA VAL A 553 21.68 -10.37 36.19
C VAL A 553 22.13 -10.78 37.58
N ARG A 554 22.66 -11.97 37.71
CA ARG A 554 23.11 -12.46 39.01
C ARG A 554 24.00 -11.45 39.77
N PRO A 555 25.07 -10.99 39.13
CA PRO A 555 26.01 -10.03 39.74
C PRO A 555 25.37 -8.68 40.08
N ARG A 556 24.52 -8.21 39.19
CA ARG A 556 23.85 -6.94 39.36
C ARG A 556 22.93 -7.06 40.56
N ALA A 557 22.16 -8.15 40.59
CA ALA A 557 21.23 -8.34 41.67
C ALA A 557 21.94 -8.25 42.99
N TRP A 558 23.16 -8.78 43.06
CA TRP A 558 23.88 -8.73 44.31
C TRP A 558 24.05 -7.29 44.74
N TYR A 559 24.66 -6.50 43.87
CA TYR A 559 24.85 -5.10 44.18
C TYR A 559 23.51 -4.57 44.66
N LEU A 560 22.52 -4.65 43.79
CA LEU A 560 21.20 -4.17 44.14
C LEU A 560 20.66 -4.69 45.49
N PHE A 561 20.75 -5.99 45.74
CA PHE A 561 20.23 -6.51 46.98
C PHE A 561 20.76 -5.69 48.09
N TYR A 562 22.09 -5.60 48.11
CA TYR A 562 22.82 -4.83 49.08
C TYR A 562 22.18 -3.45 49.23
N ARG A 563 22.25 -2.67 48.16
CA ARG A 563 21.66 -1.35 48.13
C ARG A 563 20.24 -1.29 48.73
N PHE A 564 19.41 -2.27 48.41
CA PHE A 564 18.04 -2.32 48.91
C PHE A 564 18.08 -2.61 50.41
N VAL A 565 18.83 -3.64 50.79
CA VAL A 565 18.98 -4.03 52.18
C VAL A 565 19.54 -2.87 52.99
N LYS A 566 20.34 -2.06 52.33
CA LYS A 566 20.93 -0.92 53.00
C LYS A 566 19.91 0.20 53.20
N SER A 567 18.99 0.35 52.27
CA SER A 567 18.00 1.41 52.39
C SER A 567 16.81 1.02 53.26
N ILE A 568 16.68 -0.27 53.54
CA ILE A 568 15.57 -0.75 54.34
C ILE A 568 16.14 -1.63 55.44
N LYS A 569 17.24 -1.15 56.02
CA LYS A 569 17.94 -1.87 57.07
C LYS A 569 17.06 -2.20 58.25
N LYS A 570 16.41 -1.16 58.74
CA LYS A 570 15.54 -1.23 59.90
C LYS A 570 14.34 -2.13 59.68
N GLN A 571 13.74 -2.04 58.49
CA GLN A 571 12.56 -2.84 58.13
C GLN A 571 12.79 -4.34 58.04
N VAL A 572 14.04 -4.76 57.98
CA VAL A 572 14.34 -6.18 57.92
C VAL A 572 15.20 -6.56 59.10
N VAL A 573 14.53 -7.03 60.14
CA VAL A 573 15.21 -7.45 61.34
C VAL A 573 14.56 -8.79 61.64
N ASN A 574 13.35 -8.95 61.11
CA ASN A 574 12.60 -10.18 61.28
C ASN A 574 12.90 -11.11 60.10
N TYR A 575 13.58 -10.56 59.10
CA TYR A 575 13.94 -11.29 57.90
C TYR A 575 15.42 -11.64 57.91
N THR A 576 16.11 -11.18 58.94
CA THR A 576 17.55 -11.41 59.12
C THR A 576 17.97 -12.87 59.11
N GLU A 577 17.44 -13.66 60.03
CA GLU A 577 17.79 -15.06 60.12
C GLU A 577 17.70 -15.75 58.75
N SER A 578 16.49 -15.84 58.24
CA SER A 578 16.24 -16.49 56.95
C SER A 578 17.16 -16.04 55.83
N SER A 579 17.02 -14.79 55.39
CA SER A 579 17.83 -14.26 54.31
C SER A 579 19.33 -14.61 54.39
N LEU A 580 19.94 -14.46 55.56
CA LEU A 580 21.35 -14.80 55.71
C LEU A 580 21.57 -16.25 55.27
N ALA A 581 20.71 -17.14 55.75
CA ALA A 581 20.80 -18.55 55.42
C ALA A 581 20.83 -18.74 53.92
N MET A 582 20.04 -17.95 53.20
CA MET A 582 19.98 -18.04 51.75
C MET A 582 21.26 -17.63 51.02
N LEU A 583 22.04 -16.72 51.60
CA LEU A 583 23.27 -16.25 50.96
C LEU A 583 24.50 -17.16 51.09
N GLY A 584 24.37 -18.26 51.81
CA GLY A 584 25.50 -19.15 52.01
C GLY A 584 26.28 -19.62 50.80
N ASP A 585 25.55 -20.03 49.76
CA ASP A 585 26.16 -20.56 48.53
C ASP A 585 26.91 -19.50 47.74
N LEU A 586 26.32 -18.32 47.69
CA LEU A 586 26.88 -17.19 46.96
C LEU A 586 28.10 -16.56 47.64
N LEU A 587 28.45 -17.06 48.82
CA LEU A 587 29.61 -16.50 49.52
C LEU A 587 30.89 -17.28 49.22
N ASN A 588 30.78 -18.27 48.33
CA ASN A 588 31.89 -19.14 47.91
C ASN A 588 32.75 -18.43 46.85
N ILE A 589 33.97 -18.91 46.67
CA ILE A 589 34.91 -18.29 45.71
C ILE A 589 35.65 -19.27 44.79
N SER A 590 35.39 -19.16 43.48
CA SER A 590 36.05 -20.01 42.49
C SER A 590 36.65 -19.12 41.40
N VAL A 591 37.72 -18.40 41.75
CA VAL A 591 38.36 -17.52 40.78
C VAL A 591 39.29 -18.29 39.85
N SER A 592 38.96 -18.26 38.56
CA SER A 592 39.77 -18.91 37.56
C SER A 592 40.38 -17.79 36.73
N PRO A 593 41.67 -17.89 36.38
CA PRO A 593 42.39 -16.89 35.59
C PRO A 593 42.30 -17.01 34.06
N VAL A 594 41.93 -15.90 33.40
CA VAL A 594 41.78 -15.85 31.95
C VAL A 594 42.81 -14.87 31.33
N THR A 595 42.39 -13.76 30.71
CA THR A 595 43.34 -12.79 30.15
C THR A 595 42.78 -11.47 29.60
N ASP A 598 42.63 -10.37 24.78
CA ASP A 598 43.46 -9.90 23.67
C ASP A 598 44.92 -10.31 23.85
N ALA A 599 45.50 -9.94 24.99
CA ALA A 599 46.88 -10.29 25.28
C ALA A 599 46.94 -11.78 25.56
N PRO A 600 48.05 -12.41 25.18
CA PRO A 600 48.29 -13.85 25.36
C PRO A 600 48.50 -14.25 26.84
N VAL A 601 48.67 -13.24 27.68
CA VAL A 601 48.95 -13.37 29.12
C VAL A 601 47.87 -12.99 30.15
N PRO A 602 47.87 -13.73 31.31
CA PRO A 602 46.90 -13.49 32.39
C PRO A 602 47.41 -12.48 33.44
N THR A 603 46.52 -11.97 34.28
CA THR A 603 46.87 -10.99 35.31
C THR A 603 45.78 -10.98 36.39
N LEU A 604 46.06 -10.36 37.53
CA LEU A 604 45.08 -10.29 38.60
C LEU A 604 43.85 -9.55 38.08
N ASN A 605 44.08 -8.39 37.47
CA ASN A 605 42.97 -7.61 36.93
C ASN A 605 42.10 -8.33 35.92
N SER A 606 42.71 -8.97 34.93
CA SER A 606 41.96 -9.69 33.92
C SER A 606 41.15 -10.82 34.56
N SER A 607 41.77 -11.51 35.51
CA SER A 607 41.16 -12.63 36.20
C SER A 607 39.94 -12.22 37.04
N ILE A 608 40.11 -11.17 37.85
CA ILE A 608 39.04 -10.67 38.70
C ILE A 608 37.85 -10.20 37.88
N ARG A 609 38.10 -9.53 36.77
CA ARG A 609 37.03 -9.06 35.91
C ARG A 609 36.26 -10.21 35.27
N ASN A 610 36.98 -11.25 34.85
CA ASN A 610 36.34 -12.40 34.23
C ASN A 610 35.45 -13.15 35.23
N SER A 611 35.46 -12.71 36.48
CA SER A 611 34.65 -13.34 37.52
C SER A 611 33.87 -12.26 38.27
N ASP A 612 32.65 -12.58 38.70
CA ASP A 612 31.81 -11.65 39.44
C ASP A 612 32.27 -11.49 40.87
N PHE A 613 33.53 -11.16 41.05
CA PHE A 613 34.05 -10.99 42.40
C PHE A 613 33.75 -9.59 42.89
N ASN A 614 34.05 -8.60 42.06
CA ASN A 614 33.81 -7.21 42.41
C ASN A 614 32.36 -7.02 42.80
N SER A 615 31.50 -7.89 42.29
CA SER A 615 30.09 -7.81 42.61
C SER A 615 29.83 -8.67 43.86
N GLN A 616 30.55 -9.78 43.96
CA GLN A 616 30.40 -10.68 45.09
C GLN A 616 30.82 -10.04 46.40
N LEU A 617 31.66 -9.01 46.35
CA LEU A 617 32.10 -8.34 47.58
C LEU A 617 30.91 -7.69 48.24
N TYR A 618 30.02 -7.11 47.42
CA TYR A 618 28.82 -6.46 47.90
C TYR A 618 27.94 -7.45 48.65
N LEU A 619 28.04 -8.71 48.27
CA LEU A 619 27.28 -9.75 48.93
C LEU A 619 27.80 -9.92 50.35
N PHE A 620 29.12 -9.83 50.53
CA PHE A 620 29.70 -9.98 51.86
C PHE A 620 29.31 -8.78 52.70
N GLU A 621 29.60 -7.59 52.19
CA GLU A 621 29.26 -6.37 52.88
C GLU A 621 27.81 -6.37 53.33
N THR A 622 26.96 -7.10 52.62
CA THR A 622 25.55 -7.15 52.98
C THR A 622 25.31 -8.10 54.13
N VAL A 623 26.02 -9.23 54.15
CA VAL A 623 25.86 -10.18 55.24
C VAL A 623 26.22 -9.43 56.51
N GLY A 624 27.25 -8.60 56.38
CA GLY A 624 27.73 -7.80 57.50
C GLY A 624 26.65 -6.91 58.01
N VAL A 625 25.88 -6.31 57.11
CA VAL A 625 24.81 -5.43 57.54
C VAL A 625 23.73 -6.26 58.21
N LEU A 626 23.45 -7.42 57.64
CA LEU A 626 22.43 -8.30 58.20
C LEU A 626 22.82 -8.71 59.61
N ILE A 627 24.01 -9.25 59.76
CA ILE A 627 24.44 -9.69 61.07
C ILE A 627 24.51 -8.59 62.11
N SER A 628 25.06 -7.44 61.74
CA SER A 628 25.22 -6.35 62.68
C SER A 628 24.02 -5.45 62.94
N SER A 629 22.93 -5.60 62.20
CA SER A 629 21.76 -4.76 62.46
C SER A 629 20.45 -5.55 62.50
N GLY A 630 20.54 -6.87 62.65
CA GLY A 630 19.35 -7.70 62.66
C GLY A 630 18.81 -8.11 64.01
N ASN A 631 19.36 -7.50 65.06
CA ASN A 631 18.96 -7.77 66.44
C ASN A 631 18.88 -9.26 66.75
N LEU A 632 19.82 -9.90 66.10
CA LEU A 632 20.10 -11.31 66.25
C LEU A 632 20.91 -11.14 67.51
N THR A 633 20.62 -11.96 68.51
CA THR A 633 21.31 -11.88 69.79
C THR A 633 22.81 -11.93 69.60
N PRO A 634 23.55 -11.20 70.45
CA PRO A 634 25.01 -11.20 70.34
C PRO A 634 25.58 -12.61 70.51
N GLU A 635 24.79 -13.49 71.12
CA GLU A 635 25.21 -14.87 71.34
C GLU A 635 25.35 -15.60 70.00
N GLU A 636 24.59 -15.16 68.98
CA GLU A 636 24.66 -15.77 67.66
C GLU A 636 25.48 -14.91 66.71
N GLN A 637 25.22 -13.60 66.74
CA GLN A 637 25.94 -12.70 65.84
C GLN A 637 27.46 -12.84 65.99
N ALA A 638 27.87 -13.49 67.07
CA ALA A 638 29.28 -13.72 67.28
C ALA A 638 29.54 -15.06 66.61
N LEU A 639 28.54 -15.94 66.63
CA LEU A 639 28.67 -17.25 66.03
C LEU A 639 28.70 -17.18 64.51
N TYR A 640 27.81 -16.37 63.95
CA TYR A 640 27.72 -16.22 62.51
C TYR A 640 28.95 -15.50 61.94
N CYS A 641 29.30 -14.38 62.55
CA CYS A 641 30.45 -13.61 62.09
C CYS A 641 31.71 -14.44 62.21
N ASP A 642 31.82 -15.23 63.28
CA ASP A 642 32.99 -16.08 63.48
C ASP A 642 32.99 -17.16 62.40
N SER A 643 31.80 -17.62 62.03
CA SER A 643 31.65 -18.65 61.02
C SER A 643 32.04 -18.19 59.61
N LEU A 644 31.81 -16.91 59.30
CA LEU A 644 32.18 -16.38 57.98
C LEU A 644 33.67 -16.10 57.93
N ILE A 645 34.14 -15.42 58.97
CA ILE A 645 35.55 -15.05 59.05
C ILE A 645 36.45 -16.25 58.99
N ASN A 646 36.24 -17.21 59.88
CA ASN A 646 37.09 -18.40 59.90
C ASN A 646 36.94 -19.30 58.67
N ALA A 647 35.83 -19.18 57.97
CA ALA A 647 35.61 -20.00 56.78
C ALA A 647 36.51 -19.52 55.64
N LEU A 648 36.64 -18.20 55.51
CA LEU A 648 37.49 -17.62 54.47
C LEU A 648 38.95 -17.73 54.92
N ILE A 649 39.18 -17.54 56.20
CA ILE A 649 40.52 -17.62 56.79
C ILE A 649 41.06 -19.03 56.70
N GLY A 650 40.26 -20.01 57.12
CA GLY A 650 40.68 -21.40 57.08
C GLY A 650 41.04 -21.86 55.68
N LYS A 651 40.39 -21.28 54.67
CA LYS A 651 40.64 -21.64 53.28
C LYS A 651 41.99 -21.06 52.82
N ALA A 652 42.26 -19.83 53.24
CA ALA A 652 43.50 -19.16 52.88
C ALA A 652 44.69 -19.88 53.52
N ASN A 653 44.51 -20.29 54.78
CA ASN A 653 45.53 -21.01 55.53
C ASN A 653 45.85 -22.36 54.88
N ALA A 654 44.79 -23.13 54.56
CA ALA A 654 44.94 -24.44 53.94
C ALA A 654 45.76 -24.39 52.65
N ALA A 655 45.48 -23.39 51.81
CA ALA A 655 46.19 -23.24 50.55
C ALA A 655 47.62 -22.78 50.77
N LEU A 656 47.79 -21.72 51.56
CA LEU A 656 49.11 -21.20 51.84
C LEU A 656 49.92 -22.19 52.69
N SER A 657 49.21 -23.09 53.38
CA SER A 657 49.86 -24.09 54.23
C SER A 657 50.36 -25.38 53.54
N SER A 658 50.12 -25.55 52.25
CA SER A 658 50.58 -26.77 51.60
C SER A 658 51.22 -26.65 50.21
N ASP A 659 51.06 -25.52 49.54
CA ASP A 659 51.62 -25.38 48.19
C ASP A 659 52.57 -24.21 48.01
N LEU A 660 53.49 -24.38 47.06
CA LEU A 660 54.49 -23.38 46.73
C LEU A 660 53.83 -22.06 46.29
N SER A 661 54.28 -20.96 46.88
CA SER A 661 53.76 -19.64 46.55
C SER A 661 54.83 -18.84 45.83
N GLU A 664 47.54 -20.90 41.70
CA GLU A 664 46.85 -19.63 41.61
C GLU A 664 46.18 -19.31 42.93
N ASN A 665 46.99 -19.12 43.96
CA ASN A 665 46.46 -18.79 45.26
C ASN A 665 46.67 -17.30 45.52
N ILE A 666 47.57 -16.68 44.76
CA ILE A 666 47.81 -15.25 44.93
C ILE A 666 46.43 -14.62 44.83
N ILE A 667 45.75 -14.86 43.70
CA ILE A 667 44.41 -14.35 43.46
C ILE A 667 43.50 -14.76 44.62
N SER A 668 43.54 -16.04 44.99
CA SER A 668 42.75 -16.60 46.08
C SER A 668 43.02 -15.96 47.45
N VAL A 669 44.25 -15.55 47.70
CA VAL A 669 44.60 -14.90 48.95
C VAL A 669 43.98 -13.51 48.87
N TYR A 670 44.44 -12.76 47.87
CA TYR A 670 43.95 -11.40 47.64
C TYR A 670 42.47 -11.29 47.85
N CYS A 671 41.71 -12.12 47.14
CA CYS A 671 40.27 -12.11 47.24
C CYS A 671 39.76 -12.52 48.62
N SER A 672 40.42 -13.49 49.25
CA SER A 672 40.01 -13.92 50.58
C SER A 672 40.23 -12.75 51.52
N LEU A 673 41.24 -11.94 51.18
CA LEU A 673 41.61 -10.75 51.97
C LEU A 673 40.50 -9.74 51.80
N MET A 674 40.22 -9.44 50.54
CA MET A 674 39.17 -8.49 50.19
C MET A 674 37.83 -8.87 50.81
N ALA A 675 37.57 -10.18 50.93
CA ALA A 675 36.31 -10.61 51.51
C ALA A 675 36.17 -9.99 52.89
N ILE A 676 37.06 -10.39 53.79
CA ILE A 676 37.05 -9.90 55.15
C ILE A 676 36.89 -8.38 55.21
N GLY A 677 37.61 -7.69 54.33
CA GLY A 677 37.56 -6.24 54.29
C GLY A 677 36.17 -5.67 54.08
N ASN A 678 35.47 -6.17 53.07
CA ASN A 678 34.13 -5.69 52.79
C ASN A 678 33.13 -6.19 53.82
N PHE A 679 33.46 -7.33 54.44
CA PHE A 679 32.60 -7.89 55.47
C PHE A 679 32.65 -6.90 56.63
N ALA A 680 33.82 -6.31 56.81
CA ALA A 680 34.04 -5.33 57.86
C ALA A 680 33.17 -4.12 57.54
N LYS A 681 33.21 -3.68 56.28
CA LYS A 681 32.43 -2.53 55.86
C LYS A 681 30.95 -2.72 56.15
N GLY A 682 30.54 -3.98 56.26
CA GLY A 682 29.15 -4.28 56.53
C GLY A 682 28.75 -3.91 57.94
N PHE A 683 29.76 -3.82 58.80
CA PHE A 683 29.52 -3.52 60.19
C PHE A 683 29.63 -2.04 60.51
N PRO A 684 29.07 -1.62 61.66
CA PRO A 684 29.09 -0.23 62.11
C PRO A 684 30.54 0.20 62.40
N ALA A 685 30.81 1.50 62.24
CA ALA A 685 32.15 2.05 62.38
C ALA A 685 32.66 2.60 63.71
N ARG A 686 31.86 2.49 64.77
CA ARG A 686 32.30 2.97 66.10
C ARG A 686 32.01 1.84 67.08
N GLY A 687 33.00 1.39 67.84
CA GLY A 687 32.75 0.28 68.75
C GLY A 687 33.02 0.44 70.22
N GLU A 689 30.79 1.13 72.83
CA GLU A 689 29.75 0.33 73.44
C GLU A 689 30.21 -1.07 73.06
N GLU A 690 30.18 -2.00 74.00
CA GLU A 690 30.69 -3.35 73.74
C GLU A 690 30.05 -4.11 72.60
N VAL A 691 30.79 -5.13 72.19
CA VAL A 691 30.45 -5.94 71.04
C VAL A 691 30.89 -7.39 71.09
N ALA A 692 30.26 -8.23 70.27
CA ALA A 692 30.63 -9.64 70.17
C ALA A 692 31.35 -9.85 68.83
N TRP A 693 31.09 -8.96 67.88
CA TRP A 693 31.74 -9.02 66.57
C TRP A 693 33.13 -8.39 66.69
N LEU A 694 33.47 -7.94 67.90
CA LEU A 694 34.77 -7.32 68.15
C LEU A 694 35.76 -8.44 68.45
N ALA A 695 35.37 -9.37 69.29
CA ALA A 695 36.23 -10.49 69.63
C ALA A 695 36.63 -11.24 68.37
N SER A 696 35.65 -11.43 67.48
CA SER A 696 35.89 -12.13 66.22
C SER A 696 36.88 -11.42 65.31
N PHE A 697 36.81 -10.10 65.29
CA PHE A 697 37.71 -9.31 64.46
C PHE A 697 39.14 -9.37 64.97
N ASN A 698 39.31 -9.62 66.26
CA ASN A 698 40.65 -9.71 66.85
C ASN A 698 41.25 -11.02 66.39
N LYS A 699 40.40 -12.04 66.35
CA LYS A 699 40.84 -13.34 65.90
C LYS A 699 41.20 -13.18 64.43
N ALA A 700 40.69 -12.11 63.83
CA ALA A 700 40.92 -11.84 62.42
C ALA A 700 42.31 -11.39 61.91
N SER A 701 42.95 -10.43 62.56
CA SER A 701 44.24 -9.94 62.08
C SER A 701 45.46 -10.78 62.48
N ASP A 702 45.26 -11.71 63.42
CA ASP A 702 46.35 -12.59 63.87
C ASP A 702 46.71 -13.52 62.73
N GLU A 703 45.68 -13.95 62.00
CA GLU A 703 45.88 -14.83 60.87
C GLU A 703 46.29 -14.02 59.65
N ILE A 704 46.03 -12.71 59.70
CA ILE A 704 46.40 -11.80 58.60
C ILE A 704 47.88 -11.46 58.75
N PHE A 705 48.31 -11.33 60.01
CA PHE A 705 49.71 -11.05 60.29
C PHE A 705 50.37 -12.40 60.07
N LEU A 706 49.60 -13.44 60.30
CA LEU A 706 50.09 -14.78 60.05
C LEU A 706 50.10 -14.74 58.52
N ILE A 707 49.05 -14.16 57.95
CA ILE A 707 48.89 -14.06 56.51
C ILE A 707 49.84 -13.09 55.81
N LEU A 708 50.30 -12.05 56.50
CA LEU A 708 51.22 -11.13 55.83
C LEU A 708 52.63 -11.70 55.82
N ASP A 709 53.08 -12.13 56.98
CA ASP A 709 54.42 -12.67 57.10
C ASP A 709 54.73 -13.95 56.33
N ARG A 710 53.73 -14.76 56.00
CA ARG A 710 54.03 -16.00 55.27
C ARG A 710 54.35 -15.71 53.81
N MET A 711 53.46 -15.00 53.13
CA MET A 711 53.65 -14.63 51.74
C MET A 711 53.02 -13.26 51.54
N GLY A 712 53.76 -12.21 51.90
CA GLY A 712 53.22 -10.86 51.75
C GLY A 712 53.98 -10.06 50.72
N PHE A 713 54.44 -10.77 49.70
CA PHE A 713 55.21 -10.21 48.62
C PHE A 713 54.48 -9.39 47.53
N ASN A 714 53.25 -9.76 47.15
CA ASN A 714 52.53 -9.05 46.07
C ASN A 714 51.95 -7.69 46.44
N GLU A 715 52.21 -6.71 45.58
CA GLU A 715 51.71 -5.35 45.77
C GLU A 715 50.21 -5.38 46.00
N ASP A 716 49.53 -6.38 45.44
CA ASP A 716 48.09 -6.49 45.60
C ASP A 716 47.75 -6.88 47.02
N ILE A 717 48.42 -7.88 47.56
CA ILE A 717 48.11 -8.27 48.94
C ILE A 717 48.47 -7.11 49.81
N ARG A 718 49.40 -6.33 49.33
CA ARG A 718 49.78 -5.19 50.12
C ARG A 718 48.49 -4.39 50.25
N GLY A 719 47.92 -4.00 49.11
CA GLY A 719 46.68 -3.24 49.16
C GLY A 719 45.60 -3.86 50.02
N ALA A 720 45.22 -5.08 49.65
CA ALA A 720 44.18 -5.85 50.32
C ALA A 720 44.32 -5.83 51.82
N VAL A 721 45.53 -6.12 52.27
CA VAL A 721 45.82 -6.13 53.68
C VAL A 721 45.76 -4.72 54.25
N ARG A 722 46.45 -3.75 53.62
CA ARG A 722 46.42 -2.36 54.08
C ARG A 722 44.95 -1.98 54.19
N PHE A 723 44.23 -2.17 53.07
CA PHE A 723 42.81 -1.87 52.93
C PHE A 723 42.00 -2.52 54.02
N THR A 724 42.36 -3.76 54.36
CA THR A 724 41.66 -4.49 55.40
C THR A 724 41.71 -3.76 56.74
N SER A 725 42.87 -3.23 57.11
CA SER A 725 42.99 -2.50 58.38
C SER A 725 42.15 -1.23 58.32
N GLY A 726 42.17 -0.57 57.17
CA GLY A 726 41.44 0.66 56.98
C GLY A 726 39.97 0.58 57.33
N ARG A 727 39.30 -0.49 56.93
CA ARG A 727 37.91 -0.60 57.28
C ARG A 727 37.67 -1.59 58.43
N ILE A 728 38.71 -2.33 58.84
CA ILE A 728 38.60 -3.29 59.97
C ILE A 728 38.81 -2.51 61.25
N ILE A 729 39.92 -1.79 61.31
CA ILE A 729 40.21 -1.02 62.50
C ILE A 729 39.18 0.14 62.57
N ASN A 730 38.39 0.40 61.50
CA ASN A 730 37.36 1.45 61.55
C ASN A 730 36.31 0.87 62.48
N VAL A 731 36.21 -0.45 62.54
CA VAL A 731 35.26 -1.09 63.44
C VAL A 731 36.15 -1.52 64.56
N VAL A 732 35.89 -0.98 65.74
CA VAL A 732 36.70 -1.26 66.92
C VAL A 732 38.10 -0.71 66.62
N GLY A 733 38.18 0.60 66.38
CA GLY A 733 39.46 1.23 66.08
C GLY A 733 40.38 1.51 67.24
N PRO A 734 39.84 1.86 68.41
CA PRO A 734 40.68 2.17 69.58
C PRO A 734 41.71 1.11 69.98
N ASP A 735 41.30 -0.15 70.11
CA ASP A 735 42.23 -1.21 70.52
C ASP A 735 43.24 -1.57 69.43
N MET A 736 42.87 -1.33 68.18
CA MET A 736 43.73 -1.67 67.04
C MET A 736 44.90 -0.73 66.74
N LEU A 737 44.73 0.56 67.00
CA LEU A 737 45.79 1.52 66.75
C LEU A 737 47.16 1.05 67.30
N PRO A 738 47.16 0.24 68.39
CA PRO A 738 48.41 -0.25 68.98
C PRO A 738 49.28 -1.21 68.14
N LYS A 739 48.66 -2.07 67.34
CA LYS A 739 49.41 -3.04 66.57
C LYS A 739 49.81 -2.62 65.16
N VAL A 740 49.25 -1.50 64.70
CA VAL A 740 49.59 -1.01 63.38
C VAL A 740 51.11 -0.88 63.21
N PRO A 741 51.85 -0.63 64.31
CA PRO A 741 53.31 -0.50 64.23
C PRO A 741 54.03 -1.64 63.50
N GLN A 742 53.58 -2.87 63.77
CA GLN A 742 54.19 -4.04 63.17
C GLN A 742 53.97 -4.09 61.67
N LEU A 743 52.90 -3.47 61.21
CA LEU A 743 52.60 -3.46 59.78
C LEU A 743 53.58 -2.55 59.08
N ILE A 744 53.74 -1.34 59.62
CA ILE A 744 54.65 -0.38 59.03
C ILE A 744 55.99 -1.07 58.81
N SER A 745 56.46 -1.85 59.77
CA SER A 745 57.75 -2.51 59.60
C SER A 745 57.83 -3.49 58.43
N ILE A 746 56.93 -4.48 58.40
CA ILE A 746 56.92 -5.48 57.34
C ILE A 746 56.60 -4.84 56.00
N LEU A 747 55.74 -3.84 56.05
CA LEU A 747 55.34 -3.14 54.85
C LEU A 747 56.43 -2.22 54.37
N LEU A 748 57.16 -1.61 55.28
CA LEU A 748 58.18 -0.68 54.83
C LEU A 748 59.49 -1.41 54.49
N ASN A 749 59.55 -2.71 54.81
CA ASN A 749 60.72 -3.53 54.50
C ASN A 749 60.75 -3.83 53.01
N SER A 750 59.62 -4.26 52.46
CA SER A 750 59.55 -4.57 51.04
C SER A 750 59.01 -3.40 50.22
N ILE A 751 58.73 -2.29 50.89
CA ILE A 751 58.17 -1.10 50.23
C ILE A 751 58.93 -0.70 48.98
N ASP A 752 58.18 -0.38 47.93
CA ASP A 752 58.73 0.04 46.66
C ASP A 752 58.42 1.52 46.52
N MET A 753 58.80 2.13 45.41
CA MET A 753 58.54 3.54 45.17
C MET A 753 57.05 3.86 45.14
N ASN A 754 56.26 2.95 44.58
CA ASN A 754 54.82 3.14 44.46
C ASN A 754 54.00 2.93 45.72
N GLU A 755 54.48 2.14 46.66
CA GLU A 755 53.73 1.86 47.88
C GLU A 755 54.04 2.75 49.09
N LEU A 756 55.19 3.42 49.08
CA LEU A 756 55.56 4.30 50.20
C LEU A 756 54.56 5.45 50.35
N VAL A 757 53.87 5.77 49.25
CA VAL A 757 52.88 6.83 49.20
C VAL A 757 51.56 6.34 49.76
N ASP A 758 51.23 5.10 49.42
CA ASP A 758 49.98 4.50 49.87
C ASP A 758 50.05 4.27 51.38
N VAL A 759 51.25 4.37 51.95
CA VAL A 759 51.41 4.18 53.38
C VAL A 759 51.16 5.48 54.12
N LEU A 760 51.59 6.58 53.54
CA LEU A 760 51.36 7.88 54.16
C LEU A 760 49.86 8.07 54.20
N SER A 761 49.23 7.94 53.04
CA SER A 761 47.80 8.08 52.91
C SER A 761 47.10 7.17 53.93
N PHE A 762 47.62 5.96 54.08
CA PHE A 762 47.04 5.01 55.03
C PHE A 762 47.10 5.55 56.44
N ILE A 763 48.20 6.20 56.77
CA ILE A 763 48.36 6.78 58.09
C ILE A 763 47.57 8.07 58.13
N SER A 764 47.67 8.86 57.06
CA SER A 764 46.97 10.13 56.96
C SER A 764 45.46 9.95 57.11
N GLN A 765 44.88 9.13 56.24
CA GLN A 765 43.45 8.88 56.31
C GLN A 765 43.18 8.28 57.69
N LEU A 766 44.18 7.57 58.21
CA LEU A 766 44.09 6.93 59.53
C LEU A 766 44.12 7.97 60.62
N ILE A 767 44.96 8.98 60.47
CA ILE A 767 45.06 10.03 61.46
C ILE A 767 43.72 10.71 61.69
N HIS A 768 42.92 10.82 60.63
CA HIS A 768 41.58 11.44 60.71
C HIS A 768 40.64 10.68 61.66
N ILE A 769 40.66 9.35 61.56
CA ILE A 769 39.82 8.46 62.37
C ILE A 769 40.19 8.45 63.86
N TYR A 770 41.47 8.35 64.15
CA TYR A 770 41.92 8.33 65.53
C TYR A 770 42.93 9.46 65.77
N LYS A 771 42.42 10.69 65.72
CA LYS A 771 43.24 11.89 65.88
C LYS A 771 44.05 11.95 67.18
N ASP A 772 43.39 11.72 68.30
CA ASP A 772 44.05 11.81 69.59
C ASP A 772 45.03 10.70 69.98
N ASN A 773 44.69 9.45 69.71
CA ASN A 773 45.55 8.34 70.11
C ASN A 773 46.53 7.73 69.13
N MET A 774 46.62 8.25 67.91
CA MET A 774 47.56 7.65 66.97
C MET A 774 48.99 8.12 67.20
N MET A 775 49.11 9.34 67.70
CA MET A 775 50.40 9.99 67.95
C MET A 775 51.61 9.23 68.50
N GLU A 776 51.48 8.49 69.60
CA GLU A 776 52.66 7.79 70.14
C GLU A 776 53.28 6.77 69.15
N ILE A 777 52.45 6.08 68.39
CA ILE A 777 52.97 5.11 67.42
C ILE A 777 53.46 5.87 66.17
N THR A 778 53.02 7.13 66.03
CA THR A 778 53.43 7.97 64.92
C THR A 778 54.91 8.27 65.00
N ASN A 779 55.32 8.72 66.19
CA ASN A 779 56.71 9.06 66.39
C ASN A 779 57.62 7.88 66.19
N ARG A 780 57.09 6.67 66.29
CA ARG A 780 57.93 5.51 66.05
C ARG A 780 58.13 5.39 64.55
N MET A 781 57.03 5.49 63.82
CA MET A 781 57.06 5.40 62.37
C MET A 781 57.91 6.50 61.72
N LEU A 782 57.63 7.77 62.03
CA LEU A 782 58.35 8.91 61.45
C LEU A 782 59.83 8.61 61.24
N PRO A 783 60.46 7.98 62.24
CA PRO A 783 61.88 7.64 62.16
C PRO A 783 62.17 6.66 61.02
N THR A 784 61.49 5.52 61.04
CA THR A 784 61.71 4.51 60.01
C THR A 784 61.15 5.02 58.68
N LEU A 785 60.06 5.78 58.74
CA LEU A 785 59.44 6.33 57.54
C LEU A 785 60.34 7.40 56.90
N LEU A 786 60.75 8.39 57.69
CA LEU A 786 61.59 9.47 57.19
C LEU A 786 62.95 8.98 56.68
N MET A 787 63.46 7.90 57.25
CA MET A 787 64.74 7.34 56.80
C MET A 787 64.52 6.80 55.40
N ARG A 788 63.38 6.16 55.20
CA ARG A 788 63.02 5.59 53.92
C ARG A 788 62.72 6.69 52.91
N ILE A 789 62.06 7.75 53.37
CA ILE A 789 61.68 8.88 52.51
C ILE A 789 62.87 9.67 51.96
N PHE A 790 63.79 10.11 52.84
CA PHE A 790 64.95 10.87 52.41
C PHE A 790 65.76 10.13 51.35
N SER A 791 65.87 8.82 51.49
CA SER A 791 66.61 8.00 50.54
C SER A 791 65.90 7.93 49.20
N SER A 792 64.62 7.60 49.24
CA SER A 792 63.81 7.50 48.03
C SER A 792 63.77 8.82 47.27
N LEU A 793 63.93 9.92 47.99
CA LEU A 793 63.91 11.23 47.38
C LEU A 793 65.28 11.70 46.89
N SER A 794 66.31 10.89 47.07
CA SER A 794 67.66 11.27 46.65
C SER A 794 68.25 10.48 45.48
N ALA A 795 67.67 9.33 45.16
CA ALA A 795 68.17 8.52 44.05
C ALA A 795 67.70 9.07 42.72
N THR A 800 63.25 4.51 35.48
CA THR A 800 62.03 3.94 34.94
C THR A 800 60.83 4.30 35.82
N ASP A 801 61.10 4.83 37.01
CA ASP A 801 60.04 5.22 37.92
C ASP A 801 60.33 6.60 38.52
N ASP A 802 61.37 7.26 38.01
CA ASP A 802 61.76 8.60 38.49
C ASP A 802 60.57 9.56 38.47
N ALA A 803 59.90 9.65 37.33
CA ALA A 803 58.75 10.53 37.19
C ALA A 803 57.67 10.08 38.16
N VAL A 804 57.54 8.77 38.31
CA VAL A 804 56.53 8.19 39.20
C VAL A 804 56.76 8.53 40.67
N LYS A 805 57.88 8.04 41.21
CA LYS A 805 58.21 8.27 42.61
C LYS A 805 58.26 9.75 42.97
N GLN A 806 58.97 10.54 42.18
CA GLN A 806 59.10 11.98 42.44
C GLN A 806 57.75 12.64 42.67
N ASN A 807 56.89 12.54 41.66
CA ASN A 807 55.56 13.12 41.75
C ASN A 807 54.78 12.59 42.96
N ASP A 808 54.73 11.26 43.09
CA ASP A 808 53.99 10.62 44.16
C ASP A 808 54.57 10.83 45.56
N LEU A 809 55.89 10.88 45.67
CA LEU A 809 56.50 11.08 46.98
C LEU A 809 56.56 12.56 47.31
N ARG A 810 56.68 13.41 46.30
CA ARG A 810 56.73 14.85 46.52
C ARG A 810 55.45 15.29 47.20
N LYS A 811 54.32 14.91 46.60
CA LYS A 811 53.00 15.30 47.11
C LYS A 811 52.52 14.63 48.40
N SER A 812 53.09 13.49 48.78
CA SER A 812 52.65 12.79 49.99
C SER A 812 53.44 13.28 51.20
N TYR A 813 54.72 13.54 50.99
CA TYR A 813 55.58 14.04 52.05
C TYR A 813 55.04 15.43 52.38
N ILE A 814 54.72 16.19 51.33
CA ILE A 814 54.17 17.52 51.51
C ILE A 814 52.94 17.41 52.40
N SER A 815 51.97 16.59 52.01
CA SER A 815 50.72 16.44 52.76
C SER A 815 50.80 15.83 54.17
N PHE A 816 51.67 14.85 54.37
CA PHE A 816 51.80 14.19 55.67
C PHE A 816 52.30 15.13 56.78
N ILE A 817 53.20 16.04 56.41
CA ILE A 817 53.75 16.99 57.37
C ILE A 817 52.66 17.96 57.77
N LEU A 818 51.81 18.34 56.80
CA LEU A 818 50.71 19.26 57.05
C LEU A 818 49.81 18.72 58.15
N GLN A 819 49.36 17.48 57.97
CA GLN A 819 48.49 16.85 58.95
C GLN A 819 49.14 16.87 60.32
N LEU A 820 50.33 16.26 60.41
CA LEU A 820 51.06 16.19 61.66
C LEU A 820 51.08 17.55 62.38
N LEU A 821 51.16 18.64 61.63
CA LEU A 821 51.18 19.98 62.22
C LEU A 821 49.82 20.38 62.77
N ASN A 822 48.77 20.22 61.98
CA ASN A 822 47.43 20.59 62.41
C ASN A 822 46.84 19.58 63.41
N LYS A 823 47.25 18.32 63.29
CA LYS A 823 46.78 17.27 64.19
C LYS A 823 47.43 17.42 65.53
N GLY A 824 48.39 18.33 65.63
CA GLY A 824 49.08 18.55 66.88
C GLY A 824 50.08 17.45 67.17
N PHE A 825 51.01 17.24 66.24
CA PHE A 825 52.04 16.21 66.39
C PHE A 825 53.46 16.75 66.39
N GLY A 826 53.60 18.07 66.22
CA GLY A 826 54.91 18.71 66.19
C GLY A 826 55.78 18.27 67.37
N SER A 827 55.34 18.64 68.58
CA SER A 827 56.04 18.32 69.82
C SER A 827 56.55 16.88 69.89
N ILE A 828 55.78 15.96 69.33
CA ILE A 828 56.13 14.55 69.32
C ILE A 828 57.34 14.27 68.44
N LEU A 829 57.58 15.14 67.45
CA LEU A 829 58.71 14.99 66.55
C LEU A 829 59.96 15.70 67.05
N PHE A 830 60.01 15.99 68.34
CA PHE A 830 61.18 16.63 68.93
C PHE A 830 61.81 15.58 69.80
N THR A 831 61.08 14.48 69.98
CA THR A 831 61.52 13.35 70.77
C THR A 831 62.88 12.89 70.26
N GLU A 832 63.50 11.98 71.00
CA GLU A 832 64.81 11.46 70.67
C GLU A 832 64.96 11.05 69.21
N GLU A 833 64.02 10.27 68.71
CA GLU A 833 64.07 9.80 67.33
C GLU A 833 63.93 10.87 66.26
N ASN A 834 63.20 11.94 66.54
CA ASN A 834 62.99 12.99 65.55
C ASN A 834 64.02 14.11 65.51
N GLN A 835 64.64 14.40 66.66
CA GLN A 835 65.62 15.47 66.77
C GLN A 835 66.78 15.37 65.79
N VAL A 836 67.09 14.16 65.34
CA VAL A 836 68.20 13.97 64.40
C VAL A 836 67.81 14.33 62.98
N TYR A 837 66.50 14.40 62.75
CA TYR A 837 65.98 14.67 61.42
C TYR A 837 65.26 16.02 61.31
N PHE A 838 64.92 16.61 62.45
CA PHE A 838 64.25 17.90 62.45
C PHE A 838 64.86 18.89 61.47
N ASP A 839 66.19 19.04 61.52
CA ASP A 839 66.89 19.97 60.64
C ASP A 839 66.69 19.71 59.15
N PRO A 840 66.96 18.48 58.67
CA PRO A 840 66.80 18.13 57.26
C PRO A 840 65.36 18.19 56.78
N LEU A 841 64.42 17.82 57.65
CA LEU A 841 63.01 17.84 57.30
C LEU A 841 62.57 19.29 57.06
N ILE A 842 63.13 20.18 57.87
CA ILE A 842 62.85 21.61 57.78
C ILE A 842 63.53 22.19 56.54
N ASN A 843 64.77 21.75 56.33
CA ASN A 843 65.58 22.22 55.19
C ASN A 843 64.96 21.71 53.88
N SER A 844 64.69 20.41 53.85
CA SER A 844 64.10 19.75 52.70
C SER A 844 62.81 20.39 52.26
N ILE A 845 62.16 21.06 53.20
CA ILE A 845 60.92 21.75 52.86
C ILE A 845 61.33 22.97 52.06
N LEU A 846 62.44 23.59 52.49
CA LEU A 846 62.97 24.78 51.83
C LEU A 846 63.40 24.43 50.41
N HIS A 847 64.05 23.27 50.26
CA HIS A 847 64.51 22.81 48.95
C HIS A 847 63.30 22.58 48.04
N PHE A 848 62.30 21.91 48.59
CA PHE A 848 61.08 21.61 47.85
C PHE A 848 60.60 22.91 47.21
N ALA A 849 60.63 23.99 47.98
CA ALA A 849 60.20 25.29 47.48
C ALA A 849 61.18 25.78 46.41
N PRO A 855 55.02 24.65 40.40
CA PRO A 855 54.31 25.63 41.21
C PRO A 855 53.56 24.98 42.36
N ALA A 856 52.54 24.20 42.03
CA ALA A 856 51.71 23.52 43.03
C ALA A 856 52.47 23.01 44.25
N THR A 857 53.63 22.40 44.03
CA THR A 857 54.41 21.87 45.14
C THR A 857 54.91 23.00 46.03
N GLN A 858 55.41 24.05 45.38
CA GLN A 858 55.91 25.23 46.09
C GLN A 858 54.85 25.77 47.02
N LYS A 859 53.61 25.83 46.54
CA LYS A 859 52.52 26.35 47.34
C LYS A 859 52.36 25.56 48.65
N SER A 860 52.37 24.23 48.56
CA SER A 860 52.22 23.38 49.74
C SER A 860 53.38 23.56 50.71
N SER A 861 54.59 23.57 50.17
CA SER A 861 55.77 23.73 50.97
C SER A 861 55.74 25.03 51.75
N ILE A 862 55.26 26.10 51.13
CA ILE A 862 55.23 27.38 51.82
C ILE A 862 54.15 27.36 52.90
N ALA A 863 53.11 26.56 52.70
CA ALA A 863 52.07 26.46 53.70
C ALA A 863 52.70 25.70 54.86
N LEU A 864 53.50 24.68 54.52
CA LEU A 864 54.19 23.85 55.50
C LEU A 864 55.14 24.67 56.38
N VAL A 865 56.07 25.39 55.75
CA VAL A 865 57.02 26.21 56.49
C VAL A 865 56.23 27.14 57.41
N SER A 866 55.04 27.56 56.95
CA SER A 866 54.17 28.43 57.72
C SER A 866 53.56 27.66 58.89
N LYS A 867 53.28 26.38 58.66
CA LYS A 867 52.72 25.51 59.69
C LYS A 867 53.72 25.34 60.82
N MET A 868 54.97 25.05 60.47
CA MET A 868 56.01 24.86 61.45
C MET A 868 56.27 26.16 62.19
N VAL A 869 56.29 27.26 61.44
CA VAL A 869 56.53 28.58 62.03
C VAL A 869 55.45 28.94 63.04
N SER A 870 54.24 29.15 62.56
CA SER A 870 53.12 29.50 63.43
C SER A 870 52.93 28.51 64.58
N LEU A 871 52.98 27.21 64.28
CA LEU A 871 52.82 26.18 65.30
C LEU A 871 54.05 26.07 66.17
N ALA A 879 67.15 25.57 69.18
CA ALA A 879 67.52 24.62 68.13
C ALA A 879 67.71 25.31 66.83
N GLY A 880 67.00 24.87 65.83
CA GLY A 880 67.24 25.56 64.61
C GLY A 880 66.03 26.39 64.21
N PHE A 881 65.07 26.57 65.10
CA PHE A 881 63.82 27.26 64.73
C PHE A 881 63.96 28.73 64.27
N GLU A 882 64.73 29.51 65.02
CA GLU A 882 64.97 30.92 64.70
C GLU A 882 65.80 31.03 63.41
N ASN A 883 66.78 30.14 63.23
CA ASN A 883 67.62 30.16 62.03
C ASN A 883 66.79 29.83 60.79
N PHE A 884 65.89 28.87 60.94
CA PHE A 884 65.02 28.50 59.85
C PHE A 884 64.04 29.63 59.54
N THR A 885 63.61 30.32 60.61
CA THR A 885 62.71 31.45 60.46
C THR A 885 63.39 32.52 59.60
N LEU A 886 64.65 32.86 59.93
CA LEU A 886 65.38 33.86 59.15
C LEU A 886 65.55 33.35 57.72
N SER A 887 65.96 32.09 57.66
CA SER A 887 66.22 31.35 56.43
C SER A 887 65.02 31.37 55.51
N LEU A 888 63.85 31.66 56.08
CA LEU A 888 62.64 31.77 55.28
C LEU A 888 62.70 33.09 54.55
N THR A 889 63.23 34.10 55.24
CA THR A 889 63.39 35.44 54.69
C THR A 889 64.05 35.46 53.31
N PRO A 890 65.15 34.71 53.15
CA PRO A 890 65.81 34.70 51.84
C PRO A 890 64.93 34.06 50.78
N LEU A 891 64.09 33.11 51.21
CA LEU A 891 63.20 32.41 50.29
C LEU A 891 62.16 33.34 49.68
N CYS A 892 61.91 34.47 50.32
CA CYS A 892 60.95 35.44 49.80
C CYS A 892 61.56 36.27 48.69
N PHE A 893 62.87 36.47 48.75
CA PHE A 893 63.57 37.24 47.72
C PHE A 893 64.07 36.30 46.63
N GLU A 894 64.18 35.02 46.96
CA GLU A 894 64.64 34.00 46.02
C GLU A 894 63.53 33.58 45.07
N MET A 895 62.29 33.92 45.41
CA MET A 895 61.14 33.58 44.60
C MET A 895 61.15 34.19 43.20
N PRO A 896 61.41 35.51 43.06
CA PRO A 896 61.43 36.17 41.75
C PRO A 896 62.62 35.91 40.83
N VAL A 897 63.56 35.08 41.25
CA VAL A 897 64.73 34.78 40.43
C VAL A 897 64.27 34.00 39.19
N ASN A 898 63.14 33.31 39.32
CA ASN A 898 62.58 32.53 38.23
C ASN A 898 61.98 33.43 37.16
N LEU A 909 51.18 32.32 40.55
CA LEU A 909 50.85 33.65 41.06
C LEU A 909 50.49 33.59 42.54
N VAL A 910 49.70 32.58 42.92
CA VAL A 910 49.29 32.40 44.31
C VAL A 910 50.49 32.21 45.23
N VAL A 911 51.53 31.55 44.72
CA VAL A 911 52.72 31.33 45.52
C VAL A 911 53.19 32.68 46.02
N LEU A 912 53.25 33.66 45.11
CA LEU A 912 53.68 35.02 45.44
C LEU A 912 52.88 35.64 46.59
N GLY A 913 51.60 35.29 46.67
CA GLY A 913 50.77 35.82 47.73
C GLY A 913 51.02 35.09 49.04
N GLU A 914 50.98 33.77 48.99
CA GLU A 914 51.22 32.94 50.17
C GLU A 914 52.62 33.16 50.68
N LEU A 915 53.45 33.76 49.83
CA LEU A 915 54.83 34.07 50.18
C LEU A 915 54.84 35.28 51.11
N ALA A 916 54.11 36.32 50.72
CA ALA A 916 54.04 37.52 51.53
C ALA A 916 53.04 37.30 52.65
N GLY A 917 52.42 36.12 52.65
CA GLY A 917 51.46 35.77 53.67
C GLY A 917 52.23 35.16 54.83
N LEU A 918 53.23 34.35 54.50
CA LEU A 918 54.06 33.75 55.53
C LEU A 918 54.88 34.89 56.12
N GLN A 919 55.32 35.80 55.27
CA GLN A 919 56.13 36.95 55.70
C GLN A 919 55.31 37.83 56.63
N LYS A 920 54.02 37.98 56.33
CA LYS A 920 53.14 38.78 57.17
C LYS A 920 53.00 38.09 58.53
N ILE A 921 52.84 36.77 58.49
CA ILE A 921 52.70 35.95 59.69
C ILE A 921 53.98 36.00 60.52
N ILE A 922 55.12 36.00 59.84
CA ILE A 922 56.42 36.03 60.48
C ILE A 922 56.52 37.09 61.57
N LEU A 923 56.15 38.31 61.22
CA LEU A 923 56.20 39.44 62.13
C LEU A 923 55.53 39.22 63.48
N GLU A 924 54.32 38.66 63.46
CA GLU A 924 53.56 38.41 64.68
C GLU A 924 54.22 37.54 65.75
N LYS A 925 54.74 36.37 65.37
CA LYS A 925 55.37 35.48 66.35
C LYS A 925 56.73 35.97 66.82
N LEU A 926 57.48 36.63 65.93
CA LEU A 926 58.81 37.14 66.34
C LEU A 926 58.76 38.58 66.86
N GLY A 927 57.70 39.28 66.49
CA GLY A 927 57.54 40.64 66.94
C GLY A 927 58.61 41.68 66.62
N ASP A 928 59.05 42.36 67.67
CA ASP A 928 60.03 43.45 67.57
C ASP A 928 61.45 43.13 67.11
N ILE A 929 61.92 41.90 67.27
CA ILE A 929 63.26 41.58 66.79
C ILE A 929 63.19 41.30 65.30
N TYR A 930 62.23 40.47 64.92
CA TYR A 930 62.07 40.10 63.52
C TYR A 930 62.29 41.27 62.54
N LYS A 931 61.57 42.37 62.71
CA LYS A 931 61.77 43.52 61.82
C LYS A 931 63.14 44.14 62.07
N SER A 932 63.57 44.07 63.33
CA SER A 932 64.86 44.59 63.80
C SER A 932 66.06 43.87 63.18
N TYR A 933 65.88 42.59 62.88
CA TYR A 933 66.93 41.76 62.28
C TYR A 933 66.96 41.96 60.77
N LEU A 934 65.83 42.39 60.21
CA LEU A 934 65.71 42.65 58.78
C LEU A 934 66.27 44.03 58.45
N VAL A 935 66.15 44.96 59.41
CA VAL A 935 66.66 46.32 59.24
C VAL A 935 68.18 46.31 59.34
N THR A 936 68.68 45.71 60.41
CA THR A 936 70.10 45.62 60.67
C THR A 936 70.86 44.68 59.72
N VAL A 937 70.39 43.44 59.63
CA VAL A 937 71.02 42.40 58.81
C VAL A 937 70.72 42.29 57.32
N TYR A 938 69.47 41.97 56.99
CA TYR A 938 69.04 41.78 55.61
C TYR A 938 69.06 43.00 54.71
N PHE A 939 68.48 44.10 55.17
CA PHE A 939 68.44 45.32 54.38
C PHE A 939 69.83 45.72 53.91
N PRO A 940 70.82 45.58 54.78
CA PRO A 940 72.21 45.94 54.47
C PRO A 940 72.85 45.08 53.37
N THR A 941 72.51 43.79 53.33
CA THR A 941 73.04 42.88 52.33
C THR A 941 72.25 42.94 51.02
N ASP A 946 67.38 51.08 48.96
CA ASP A 946 66.99 51.86 50.12
C ASP A 946 65.51 52.21 50.11
N VAL A 947 64.88 52.12 48.94
CA VAL A 947 63.46 52.44 48.79
C VAL A 947 62.54 51.21 48.87
N MET A 948 63.01 50.08 48.35
CA MET A 948 62.20 48.86 48.40
C MET A 948 62.13 48.33 49.83
N ALA A 949 63.24 48.41 50.56
CA ALA A 949 63.27 47.96 51.95
C ALA A 949 62.36 48.88 52.77
N SER A 950 62.35 50.15 52.41
CA SER A 950 61.50 51.13 53.09
C SER A 950 60.04 50.73 52.97
N GLU A 951 59.52 50.70 51.74
CA GLU A 951 58.13 50.34 51.50
C GLU A 951 57.77 48.97 52.07
N TYR A 952 58.66 48.00 51.93
CA TYR A 952 58.41 46.66 52.45
C TYR A 952 58.18 46.58 53.97
N LEU A 953 59.16 47.03 54.75
CA LEU A 953 59.05 47.01 56.20
C LEU A 953 57.81 47.74 56.73
N GLN A 954 57.17 48.53 55.88
CA GLN A 954 55.98 49.30 56.27
C GLN A 954 54.69 48.48 56.41
N ALA A 955 54.41 47.62 55.43
CA ALA A 955 53.20 46.82 55.45
C ALA A 955 53.15 45.83 56.62
N ILE A 972 56.50 42.78 45.07
CA ILE A 972 57.35 41.76 44.47
C ILE A 972 57.39 41.92 42.95
N GLN A 973 56.22 42.20 42.35
CA GLN A 973 56.13 42.37 40.91
C GLN A 973 56.91 43.61 40.50
N ALA A 974 57.04 44.54 41.44
CA ALA A 974 57.76 45.79 41.23
C ALA A 974 59.26 45.54 41.43
N LEU A 975 59.59 44.76 42.46
CA LEU A 975 60.98 44.41 42.75
C LEU A 975 61.50 43.56 41.59
N LYS A 976 60.58 42.82 40.96
CA LYS A 976 60.90 41.95 39.82
C LYS A 976 60.96 42.75 38.52
N SER A 977 60.22 43.86 38.51
CA SER A 977 60.18 44.73 37.34
C SER A 977 60.82 46.08 37.68
N MET B 3 8.52 32.86 -59.56
CA MET B 3 8.92 31.66 -58.79
C MET B 3 7.68 30.84 -58.44
N SER B 4 7.48 29.75 -59.17
CA SER B 4 6.35 28.84 -58.94
C SER B 4 6.17 28.60 -57.45
N ALA B 5 7.28 28.43 -56.75
CA ALA B 5 7.23 28.22 -55.32
C ALA B 5 6.67 29.47 -54.67
N GLN B 6 7.30 30.62 -54.94
CA GLN B 6 6.86 31.88 -54.34
C GLN B 6 5.36 32.13 -54.50
N ASP B 7 4.76 31.53 -55.52
CA ASP B 7 3.33 31.69 -55.72
C ASP B 7 2.56 30.95 -54.63
N VAL B 8 2.99 29.73 -54.37
CA VAL B 8 2.36 28.93 -53.35
C VAL B 8 2.53 29.62 -52.00
N GLU B 9 3.74 30.14 -51.75
CA GLU B 9 4.01 30.79 -50.47
C GLU B 9 3.09 31.97 -50.26
N ASN B 10 2.84 32.72 -51.34
CA ASN B 10 1.99 33.89 -51.25
C ASN B 10 0.53 33.51 -51.03
N ALA B 11 0.12 32.39 -51.60
CA ALA B 11 -1.27 31.94 -51.44
C ALA B 11 -1.50 31.50 -50.02
N VAL B 12 -0.70 30.54 -49.59
CA VAL B 12 -0.78 30.03 -48.24
C VAL B 12 -0.68 31.20 -47.25
N GLU B 13 0.35 32.04 -47.42
CA GLU B 13 0.56 33.17 -46.53
C GLU B 13 -0.67 34.11 -46.53
N ALA B 14 -1.35 34.19 -47.66
CA ALA B 14 -2.54 35.03 -47.78
C ALA B 14 -3.64 34.40 -46.97
N ALA B 15 -3.76 33.08 -47.04
CA ALA B 15 -4.79 32.37 -46.31
C ALA B 15 -4.65 32.41 -44.79
N LEU B 16 -3.42 32.58 -44.28
CA LEU B 16 -3.24 32.63 -42.85
C LEU B 16 -3.24 34.04 -42.29
N ASP B 17 -2.88 35.04 -43.11
CA ASP B 17 -2.87 36.43 -42.65
C ASP B 17 -4.34 36.77 -42.49
N PRO B 18 -4.78 37.11 -41.27
CA PRO B 18 -6.18 37.45 -41.01
C PRO B 18 -6.49 38.92 -41.27
N SER B 19 -5.52 39.64 -41.80
CA SER B 19 -5.69 41.06 -42.11
C SER B 19 -6.03 41.20 -43.60
N VAL B 20 -6.07 40.07 -44.29
CA VAL B 20 -6.35 40.02 -45.72
C VAL B 20 -7.82 39.98 -46.08
N GLY B 21 -8.20 40.74 -47.10
CA GLY B 21 -9.58 40.80 -47.54
C GLY B 21 -10.14 39.45 -47.92
N PRO B 22 -11.48 39.32 -48.05
CA PRO B 22 -12.18 38.07 -48.40
C PRO B 22 -12.06 37.61 -49.85
N ILE B 23 -11.79 38.54 -50.78
CA ILE B 23 -11.66 38.17 -52.20
C ILE B 23 -10.22 37.75 -52.42
N ILE B 24 -9.31 38.54 -51.88
CA ILE B 24 -7.88 38.26 -51.98
C ILE B 24 -7.74 36.85 -51.41
N LYS B 25 -8.21 36.65 -50.17
CA LYS B 25 -8.17 35.36 -49.48
C LYS B 25 -8.81 34.28 -50.33
N GLN B 26 -9.80 34.68 -51.10
CA GLN B 26 -10.48 33.75 -51.96
C GLN B 26 -9.46 33.25 -52.98
N GLN B 27 -8.81 34.19 -53.69
CA GLN B 27 -7.82 33.85 -54.69
C GLN B 27 -6.89 32.78 -54.14
N ALA B 28 -6.29 33.07 -52.98
CA ALA B 28 -5.38 32.15 -52.32
C ALA B 28 -6.04 30.80 -52.08
N THR B 29 -7.15 30.78 -51.36
CA THR B 29 -7.84 29.52 -51.08
C THR B 29 -8.13 28.76 -52.37
N ASP B 30 -8.54 29.49 -53.39
CA ASP B 30 -8.84 28.87 -54.66
C ASP B 30 -7.55 28.30 -55.27
N PHE B 31 -6.45 29.03 -55.12
CA PHE B 31 -5.14 28.58 -55.64
C PHE B 31 -4.74 27.28 -54.98
N ILE B 32 -4.68 27.29 -53.65
CA ILE B 32 -4.31 26.13 -52.86
C ILE B 32 -5.18 24.93 -53.25
N GLY B 33 -6.47 25.19 -53.44
CA GLY B 33 -7.38 24.12 -53.81
C GLY B 33 -7.09 23.53 -55.17
N SER B 34 -6.75 24.38 -56.14
CA SER B 34 -6.45 23.92 -57.49
C SER B 34 -5.29 22.96 -57.40
N LEU B 35 -4.30 23.28 -56.57
CA LEU B 35 -3.12 22.44 -56.41
C LEU B 35 -3.47 20.97 -56.23
N ARG B 36 -4.67 20.67 -55.75
CA ARG B 36 -5.07 19.28 -55.57
C ARG B 36 -5.65 18.67 -56.83
N SER B 37 -6.46 19.45 -57.55
CA SER B 37 -7.09 18.95 -58.77
C SER B 37 -6.22 19.07 -60.02
N SER B 38 -5.74 20.27 -60.31
CA SER B 38 -4.91 20.50 -61.49
C SER B 38 -3.90 19.39 -61.73
N SER B 39 -3.53 19.20 -62.99
CA SER B 39 -2.56 18.16 -63.35
C SER B 39 -1.13 18.69 -63.33
N THR B 40 -0.97 19.99 -63.10
CA THR B 40 0.36 20.60 -63.06
C THR B 40 0.77 20.91 -61.63
N GLY B 41 -0.21 21.34 -60.83
CA GLY B 41 0.04 21.70 -59.44
C GLY B 41 0.94 20.81 -58.63
N TRP B 42 0.57 19.54 -58.47
CA TRP B 42 1.38 18.63 -57.67
C TRP B 42 2.87 18.67 -58.01
N LYS B 43 3.20 19.01 -59.26
CA LYS B 43 4.61 19.07 -59.68
C LYS B 43 5.34 20.20 -58.97
N ILE B 44 4.65 21.31 -58.79
CA ILE B 44 5.18 22.48 -58.10
C ILE B 44 5.61 22.04 -56.69
N CYS B 45 4.67 21.41 -55.98
CA CYS B 45 4.89 20.94 -54.60
C CYS B 45 6.02 19.97 -54.45
N HIS B 46 6.16 19.07 -55.40
CA HIS B 46 7.27 18.13 -55.34
C HIS B 46 8.62 18.89 -55.17
N GLU B 47 8.66 20.18 -55.50
CA GLU B 47 9.92 20.90 -55.35
C GLU B 47 9.97 21.61 -54.00
N ILE B 48 9.01 22.49 -53.76
CA ILE B 48 8.94 23.25 -52.52
C ILE B 48 9.25 22.48 -51.21
N PHE B 49 8.47 21.45 -50.91
CA PHE B 49 8.59 20.62 -49.69
C PHE B 49 9.95 20.19 -49.15
N SER B 50 10.88 19.81 -50.04
CA SER B 50 12.22 19.33 -49.63
C SER B 50 13.17 20.45 -49.22
N GLU B 51 12.80 21.68 -49.57
CA GLU B 51 13.61 22.86 -49.27
C GLU B 51 13.21 23.31 -47.87
N LYS B 52 14.05 23.04 -46.89
CA LYS B 52 13.68 23.41 -45.53
C LYS B 52 14.19 24.77 -45.10
N THR B 53 15.03 25.40 -45.91
CA THR B 53 15.56 26.70 -45.54
C THR B 53 14.71 27.85 -46.06
N LYS B 54 14.58 27.90 -47.37
CA LYS B 54 13.85 28.97 -48.04
C LYS B 54 12.34 28.92 -47.87
N TYR B 55 11.83 27.85 -47.27
CA TYR B 55 10.39 27.75 -47.12
C TYR B 55 9.92 27.48 -45.70
N LYS B 56 8.79 28.06 -45.34
CA LYS B 56 8.24 27.89 -44.00
C LYS B 56 7.37 26.66 -43.84
N PRO B 57 7.32 26.09 -42.63
CA PRO B 57 6.51 24.90 -42.37
C PRO B 57 5.12 25.12 -42.93
N SER B 58 4.57 26.27 -42.57
CA SER B 58 3.23 26.66 -43.00
C SER B 58 3.03 26.14 -44.41
N THR B 59 3.95 26.49 -45.30
CA THR B 59 3.86 26.11 -46.71
C THR B 59 4.11 24.65 -47.01
N ARG B 60 5.30 24.15 -46.65
CA ARG B 60 5.61 22.76 -46.90
C ARG B 60 4.45 21.84 -46.56
N LEU B 61 3.84 22.07 -45.40
CA LEU B 61 2.73 21.25 -44.99
C LEU B 61 1.74 21.13 -46.14
N ILE B 62 1.24 22.27 -46.59
CA ILE B 62 0.28 22.26 -47.68
C ILE B 62 0.82 21.52 -48.91
N CYS B 63 2.13 21.48 -49.06
CA CYS B 63 2.70 20.78 -50.20
C CYS B 63 2.60 19.30 -49.94
N LEU B 64 2.97 18.92 -48.73
CA LEU B 64 2.91 17.54 -48.31
C LEU B 64 1.48 17.03 -48.42
N GLN B 65 0.54 17.83 -47.93
CA GLN B 65 -0.86 17.43 -47.98
C GLN B 65 -1.27 17.17 -49.44
N THR B 66 -1.05 18.16 -50.30
CA THR B 66 -1.43 17.96 -51.69
C THR B 66 -0.78 16.67 -52.23
N LEU B 67 0.52 16.53 -52.01
CA LEU B 67 1.24 15.34 -52.48
C LEU B 67 0.62 14.01 -52.05
N SER B 68 0.10 13.96 -50.82
CA SER B 68 -0.54 12.75 -50.34
C SER B 68 -1.83 12.54 -51.12
N GLU B 69 -2.66 13.58 -51.18
CA GLU B 69 -3.90 13.42 -51.92
C GLU B 69 -3.60 12.97 -53.35
N LYS B 70 -2.44 13.33 -53.88
CA LYS B 70 -2.05 12.93 -55.25
C LYS B 70 -1.70 11.43 -55.28
N VAL B 71 -0.83 11.04 -54.36
CA VAL B 71 -0.38 9.66 -54.22
C VAL B 71 -1.58 8.77 -53.94
N ARG B 72 -2.45 9.22 -53.04
CA ARG B 72 -3.62 8.47 -52.68
C ARG B 72 -4.52 8.13 -53.86
N GLU B 73 -4.57 9.02 -54.85
CA GLU B 73 -5.44 8.84 -56.01
C GLU B 73 -4.80 8.24 -57.26
N TRP B 74 -3.49 8.03 -57.25
CA TRP B 74 -2.81 7.46 -58.42
C TRP B 74 -2.88 5.96 -58.54
N ASN B 75 -2.40 5.47 -59.68
CA ASN B 75 -2.39 4.05 -59.98
C ASN B 75 -0.94 3.59 -60.06
N ASN B 76 -0.69 2.31 -59.78
CA ASN B 76 0.65 1.75 -59.82
C ASN B 76 1.17 1.70 -61.24
N GLU B 77 0.29 1.48 -62.22
CA GLU B 77 0.70 1.38 -63.64
C GLU B 77 0.70 2.69 -64.44
N SER B 78 -0.35 3.49 -64.27
CA SER B 78 -0.47 4.74 -65.00
C SER B 78 0.42 5.83 -64.42
N ASN B 79 0.60 5.78 -63.11
CA ASN B 79 1.38 6.78 -62.44
C ASN B 79 2.66 6.26 -61.79
N LEU B 80 3.19 5.14 -62.25
CA LEU B 80 4.40 4.57 -61.61
C LEU B 80 5.66 5.42 -61.59
N LEU B 81 6.09 5.96 -62.73
CA LEU B 81 7.29 6.79 -62.73
C LEU B 81 7.10 7.97 -61.78
N GLU B 82 5.89 8.53 -61.77
CA GLU B 82 5.59 9.67 -60.92
C GLU B 82 5.70 9.32 -59.44
N LEU B 83 5.07 8.22 -59.04
CA LEU B 83 5.07 7.77 -57.65
C LEU B 83 6.49 7.59 -57.15
N GLN B 84 7.33 7.01 -58.01
CA GLN B 84 8.73 6.75 -57.66
C GLN B 84 9.58 8.00 -57.55
N MET B 85 9.31 9.01 -58.38
CA MET B 85 10.06 10.28 -58.36
C MET B 85 9.84 10.92 -56.99
N ILE B 86 8.60 10.83 -56.53
CA ILE B 86 8.21 11.38 -55.24
C ILE B 86 8.94 10.59 -54.16
N ARG B 87 8.74 9.28 -54.10
CA ARG B 87 9.39 8.48 -53.08
C ARG B 87 10.85 8.86 -52.90
N ASP B 88 11.58 8.91 -54.00
CA ASP B 88 13.00 9.26 -53.96
C ASP B 88 13.23 10.59 -53.28
N SER B 89 12.37 11.58 -53.56
CA SER B 89 12.47 12.91 -52.95
C SER B 89 12.07 12.95 -51.48
N VAL B 90 11.15 12.06 -51.08
CA VAL B 90 10.70 11.98 -49.68
C VAL B 90 11.69 11.16 -48.87
N TRP B 91 12.13 10.04 -49.45
CA TRP B 91 13.07 9.18 -48.78
C TRP B 91 14.34 9.96 -48.61
N SER B 92 14.60 10.91 -49.50
CA SER B 92 15.80 11.73 -49.40
C SER B 92 15.56 12.77 -48.30
N TYR B 93 14.34 13.31 -48.24
CA TYR B 93 13.99 14.31 -47.23
C TYR B 93 13.91 13.68 -45.84
N ILE B 94 13.87 12.35 -45.81
CA ILE B 94 13.79 11.66 -44.54
C ILE B 94 15.16 11.30 -43.99
N LYS B 95 16.06 10.83 -44.84
CA LYS B 95 17.42 10.47 -44.40
C LYS B 95 18.01 11.80 -43.89
N GLU B 96 17.53 12.90 -44.45
CA GLU B 96 17.94 14.22 -44.01
C GLU B 96 17.00 14.30 -42.84
N LEU B 97 17.50 14.13 -41.62
CA LEU B 97 16.60 14.15 -40.46
C LEU B 97 16.34 15.56 -39.88
N SER B 98 16.17 16.54 -40.76
CA SER B 98 15.95 17.92 -40.34
C SER B 98 14.49 18.23 -40.11
N PHE B 99 13.63 17.28 -40.42
CA PHE B 99 12.20 17.50 -40.29
C PHE B 99 11.62 17.23 -38.92
N LEU B 100 12.36 16.47 -38.11
CA LEU B 100 11.90 16.14 -36.76
C LEU B 100 12.06 17.34 -35.84
N ASP B 101 12.96 18.23 -36.24
CA ASP B 101 13.24 19.44 -35.48
C ASP B 101 12.25 20.54 -35.82
N GLU B 102 11.33 20.26 -36.73
CA GLU B 102 10.32 21.23 -37.13
C GLU B 102 8.98 20.90 -36.50
N PRO B 103 7.94 21.72 -36.77
CA PRO B 103 6.62 21.45 -36.18
C PRO B 103 6.19 19.99 -36.38
N ALA B 104 5.40 19.46 -35.46
CA ALA B 104 4.93 18.09 -35.57
C ALA B 104 3.95 17.91 -36.70
N TYR B 105 3.31 18.95 -37.25
CA TYR B 105 2.46 18.52 -38.35
C TYR B 105 3.34 18.14 -39.55
N ILE B 106 4.64 18.43 -39.55
CA ILE B 106 5.46 18.04 -40.73
C ILE B 106 5.92 16.61 -40.63
N SER B 107 6.05 16.14 -39.39
CA SER B 107 6.40 14.75 -39.19
C SER B 107 5.14 13.99 -39.55
N ASN B 108 4.08 14.26 -38.80
CA ASN B 108 2.82 13.60 -39.04
C ASN B 108 2.37 13.66 -40.49
N ALA B 109 2.65 14.79 -41.13
CA ALA B 109 2.29 14.94 -42.53
C ALA B 109 3.14 14.00 -43.41
N VAL B 110 4.39 13.81 -43.01
CA VAL B 110 5.31 12.92 -43.72
C VAL B 110 5.00 11.46 -43.42
N GLN B 111 4.62 11.16 -42.18
CA GLN B 111 4.30 9.78 -41.85
C GLN B 111 3.21 9.34 -42.81
N HIS B 112 2.23 10.23 -43.01
CA HIS B 112 1.09 9.94 -43.88
C HIS B 112 1.45 9.70 -45.33
N LEU B 113 2.37 10.49 -45.87
CA LEU B 113 2.76 10.32 -47.27
C LEU B 113 3.53 9.03 -47.36
N LEU B 114 4.53 8.91 -46.49
CA LEU B 114 5.39 7.73 -46.46
C LEU B 114 4.50 6.52 -46.44
N THR B 115 3.54 6.51 -45.52
CA THR B 115 2.62 5.39 -45.43
C THR B 115 1.92 5.14 -46.78
N LEU B 116 1.30 6.18 -47.33
CA LEU B 116 0.58 6.08 -48.61
C LEU B 116 1.49 5.60 -49.70
N LEU B 117 2.68 6.20 -49.80
CA LEU B 117 3.62 5.76 -50.81
C LEU B 117 3.82 4.25 -50.69
N PHE B 118 4.20 3.84 -49.50
CA PHE B 118 4.44 2.45 -49.18
C PHE B 118 3.26 1.59 -49.63
N LEU B 119 2.06 1.99 -49.28
CA LEU B 119 0.92 1.22 -49.67
C LEU B 119 0.86 0.97 -51.15
N GLN B 120 1.64 1.69 -51.94
CA GLN B 120 1.61 1.48 -53.37
C GLN B 120 2.85 0.88 -54.01
N LEU B 121 3.99 0.86 -53.32
CA LEU B 121 5.20 0.31 -53.91
C LEU B 121 5.96 -0.75 -53.13
N TYR B 122 5.66 -0.94 -51.86
CA TYR B 122 6.40 -1.91 -51.03
C TYR B 122 6.59 -3.36 -51.47
N PRO B 123 5.54 -3.97 -51.97
CA PRO B 123 5.71 -5.36 -52.37
C PRO B 123 6.63 -5.61 -53.57
N SER B 124 6.61 -4.70 -54.54
CA SER B 124 7.35 -4.89 -55.79
C SER B 124 8.17 -3.74 -56.37
N ASN B 125 8.03 -2.54 -55.83
CA ASN B 125 8.77 -1.37 -56.34
C ASN B 125 9.69 -0.78 -55.27
N TRP B 126 9.42 -1.13 -54.01
CA TRP B 126 10.21 -0.62 -52.89
C TRP B 126 10.55 -1.79 -51.96
N ASN B 127 11.32 -2.74 -52.48
CA ASN B 127 11.70 -3.92 -51.71
C ASN B 127 12.49 -3.64 -50.44
N ASP B 128 13.22 -2.53 -50.43
CA ASP B 128 14.05 -2.17 -49.28
C ASP B 128 13.44 -1.15 -48.31
N PHE B 129 12.11 -0.99 -48.32
CA PHE B 129 11.44 -0.03 -47.43
C PHE B 129 11.86 -0.18 -45.96
N PHE B 130 11.51 -1.32 -45.36
CA PHE B 130 11.84 -1.57 -43.97
C PHE B 130 13.32 -1.69 -43.73
N ALA B 131 13.97 -2.46 -44.57
CA ALA B 131 15.40 -2.68 -44.46
C ALA B 131 16.15 -1.35 -44.41
N SER B 132 15.72 -0.37 -45.21
CA SER B 132 16.37 0.94 -45.25
C SER B 132 16.01 1.84 -44.08
N LEU B 133 14.79 1.70 -43.57
CA LEU B 133 14.32 2.50 -42.45
C LEU B 133 15.03 2.09 -41.18
N GLN B 134 15.23 0.78 -41.04
CA GLN B 134 15.89 0.19 -39.87
C GLN B 134 17.39 0.44 -39.91
N GLY B 135 17.94 0.47 -41.11
CA GLY B 135 19.36 0.73 -41.25
C GLY B 135 19.64 2.15 -40.81
N VAL B 136 18.70 3.06 -41.10
CA VAL B 136 18.84 4.46 -40.73
C VAL B 136 18.82 4.62 -39.22
N ILE B 137 17.99 3.82 -38.54
CA ILE B 137 17.90 3.91 -37.11
C ILE B 137 19.18 3.48 -36.39
N ALA B 138 19.75 2.35 -36.79
CA ALA B 138 20.97 1.91 -36.14
C ALA B 138 22.11 2.91 -36.30
N ALA B 139 22.12 3.65 -37.40
CA ALA B 139 23.18 4.62 -37.65
C ALA B 139 22.97 6.00 -37.02
N SER B 140 21.77 6.56 -37.17
CA SER B 140 21.50 7.88 -36.63
C SER B 140 21.56 7.89 -35.11
N SER B 141 20.95 6.88 -34.50
CA SER B 141 20.91 6.77 -33.05
C SER B 141 20.09 7.89 -32.43
N GLN B 142 19.11 8.39 -33.17
CA GLN B 142 18.22 9.45 -32.68
C GLN B 142 16.87 8.79 -32.37
N SER B 143 16.50 8.81 -31.11
CA SER B 143 15.24 8.20 -30.66
C SER B 143 14.00 8.79 -31.33
N GLU B 144 13.98 10.11 -31.50
CA GLU B 144 12.85 10.74 -32.14
C GLU B 144 12.58 10.03 -33.46
N PHE B 145 13.64 9.54 -34.12
CA PHE B 145 13.47 8.83 -35.39
C PHE B 145 12.96 7.42 -35.12
N SER B 146 13.41 6.79 -34.04
CA SER B 146 12.93 5.47 -33.73
C SER B 146 11.44 5.58 -33.61
N ASN B 147 11.01 6.64 -32.94
CA ASN B 147 9.58 6.86 -32.73
C ASN B 147 8.86 7.16 -34.04
N PHE B 148 9.54 7.86 -34.94
CA PHE B 148 8.95 8.15 -36.22
C PHE B 148 8.70 6.80 -36.89
N TYR B 149 9.78 6.01 -37.03
CA TYR B 149 9.72 4.70 -37.63
C TYR B 149 8.59 3.87 -37.06
N LEU B 150 8.32 4.07 -35.77
CA LEU B 150 7.27 3.32 -35.11
C LEU B 150 5.88 3.87 -35.41
N LYS B 151 5.75 5.19 -35.42
CA LYS B 151 4.46 5.77 -35.70
C LYS B 151 4.07 5.44 -37.14
N VAL B 152 5.07 5.05 -37.91
CA VAL B 152 4.86 4.67 -39.29
C VAL B 152 4.35 3.23 -39.32
N LEU B 153 5.07 2.31 -38.69
CA LEU B 153 4.65 0.91 -38.64
C LEU B 153 3.23 0.84 -38.11
N LEU B 154 2.86 1.89 -37.38
CA LEU B 154 1.56 2.01 -36.76
C LEU B 154 0.48 2.60 -37.71
N SER B 155 0.93 3.44 -38.62
CA SER B 155 0.01 4.06 -39.57
C SER B 155 -0.15 3.14 -40.77
N ILE B 156 0.73 2.16 -40.87
CA ILE B 156 0.69 1.17 -41.94
C ILE B 156 -0.31 0.12 -41.47
N GLY B 157 -0.09 -0.34 -40.24
CA GLY B 157 -0.96 -1.33 -39.64
C GLY B 157 -2.39 -0.84 -39.53
N ASP B 158 -2.60 0.44 -39.29
CA ASP B 158 -3.96 0.94 -39.18
C ASP B 158 -4.66 0.74 -40.51
N GLU B 159 -3.93 0.88 -41.62
CA GLU B 159 -4.58 0.68 -42.92
C GLU B 159 -4.85 -0.78 -43.21
N ILE B 160 -3.96 -1.65 -42.76
CA ILE B 160 -4.14 -3.08 -42.96
C ILE B 160 -5.12 -3.76 -41.94
N ALA B 161 -5.48 -3.04 -40.87
CA ALA B 161 -6.38 -3.52 -39.82
C ALA B 161 -7.73 -3.99 -40.35
N ASP B 162 -8.42 -4.80 -39.57
CA ASP B 162 -9.73 -5.31 -40.00
C ASP B 162 -10.82 -5.31 -38.94
N SER B 163 -11.19 -4.14 -38.44
CA SER B 163 -12.23 -4.04 -37.42
C SER B 163 -13.49 -3.37 -37.89
N LEU B 164 -13.54 -2.99 -39.15
CA LEU B 164 -14.73 -2.35 -39.65
C LEU B 164 -15.65 -3.36 -40.30
N VAL B 165 -16.94 -3.15 -40.12
CA VAL B 165 -17.89 -4.01 -40.77
C VAL B 165 -17.80 -3.47 -42.20
N LEU B 166 -17.24 -2.27 -42.33
CA LEU B 166 -17.08 -1.61 -43.62
C LEU B 166 -15.89 -2.16 -44.40
N LYS B 167 -16.01 -3.41 -44.82
CA LYS B 167 -14.96 -4.07 -45.59
C LYS B 167 -15.33 -3.91 -47.07
N THR B 168 -14.37 -4.17 -47.93
CA THR B 168 -14.58 -4.14 -49.36
C THR B 168 -13.77 -5.34 -49.79
N ASP B 169 -14.19 -6.02 -50.85
CA ASP B 169 -13.43 -7.17 -51.27
C ASP B 169 -12.07 -6.70 -51.79
N VAL B 170 -12.02 -5.44 -52.23
CA VAL B 170 -10.80 -4.86 -52.78
C VAL B 170 -9.74 -4.46 -51.75
N GLN B 171 -10.13 -3.70 -50.73
CA GLN B 171 -9.17 -3.29 -49.72
C GLN B 171 -8.86 -4.43 -48.77
N ILE B 172 -9.63 -5.53 -48.87
CA ILE B 172 -9.37 -6.71 -48.04
C ILE B 172 -8.28 -7.45 -48.80
N GLN B 173 -8.45 -7.54 -50.12
CA GLN B 173 -7.51 -8.21 -51.00
C GLN B 173 -6.26 -7.36 -51.14
N LYS B 174 -6.43 -6.04 -51.14
CA LYS B 174 -5.30 -5.12 -51.25
C LYS B 174 -4.58 -5.16 -49.90
N ASP B 175 -5.34 -5.01 -48.82
CA ASP B 175 -4.77 -5.06 -47.49
C ASP B 175 -4.19 -6.46 -47.24
N ASN B 176 -4.85 -7.52 -47.71
CA ASN B 176 -4.33 -8.89 -47.56
C ASN B 176 -3.01 -9.10 -48.29
N LEU B 177 -2.85 -8.50 -49.47
CA LEU B 177 -1.60 -8.67 -50.23
C LEU B 177 -0.39 -8.02 -49.55
N VAL B 178 -0.63 -6.91 -48.86
CA VAL B 178 0.41 -6.16 -48.15
C VAL B 178 0.92 -6.98 -46.97
N LYS B 179 0.00 -7.56 -46.21
CA LYS B 179 0.39 -8.36 -45.06
C LYS B 179 1.14 -9.59 -45.57
N ASP B 180 0.55 -10.31 -46.53
CA ASP B 180 1.17 -11.51 -47.09
C ASP B 180 2.56 -11.12 -47.56
N ALA B 181 2.64 -9.94 -48.17
CA ALA B 181 3.91 -9.43 -48.68
C ALA B 181 4.90 -9.18 -47.56
N ILE B 182 4.41 -8.64 -46.45
CA ILE B 182 5.29 -8.35 -45.34
C ILE B 182 5.73 -9.65 -44.63
N ARG B 183 4.84 -10.63 -44.57
CA ARG B 183 5.15 -11.89 -43.93
C ARG B 183 6.32 -12.57 -44.61
N ALA B 184 6.26 -12.66 -45.92
CA ALA B 184 7.31 -13.31 -46.68
C ALA B 184 8.59 -12.52 -46.92
N ASN B 185 8.51 -11.19 -46.93
CA ASN B 185 9.70 -10.42 -47.23
C ASN B 185 10.47 -9.72 -46.10
N ASP B 186 9.76 -8.98 -45.24
CA ASP B 186 10.41 -8.22 -44.16
C ASP B 186 9.95 -8.51 -42.73
N MET B 187 8.81 -9.16 -42.58
CA MET B 187 8.27 -9.45 -41.25
C MET B 187 9.22 -10.01 -40.20
N SER B 188 10.06 -10.95 -40.58
CA SER B 188 10.97 -11.53 -39.61
C SER B 188 11.93 -10.53 -39.03
N ASP B 189 12.37 -9.55 -39.81
CA ASP B 189 13.31 -8.56 -39.29
C ASP B 189 12.65 -7.43 -38.53
N ILE B 190 11.46 -7.01 -38.98
CA ILE B 190 10.75 -5.93 -38.31
C ILE B 190 10.63 -6.32 -36.83
N VAL B 191 10.06 -7.51 -36.61
CA VAL B 191 9.86 -8.05 -35.28
C VAL B 191 11.17 -8.17 -34.50
N SER B 192 12.24 -8.60 -35.16
CA SER B 192 13.51 -8.76 -34.50
C SER B 192 14.06 -7.42 -34.13
N PHE B 193 13.98 -6.47 -35.06
CA PHE B 193 14.45 -5.12 -34.81
C PHE B 193 13.66 -4.49 -33.68
N VAL B 194 12.34 -4.59 -33.77
CA VAL B 194 11.51 -4.02 -32.73
C VAL B 194 11.91 -4.61 -31.38
N TYR B 195 11.87 -5.93 -31.21
CA TYR B 195 12.24 -6.55 -29.93
C TYR B 195 13.59 -6.00 -29.47
N GLU B 196 14.53 -5.94 -30.40
CA GLU B 196 15.86 -5.44 -30.10
C GLU B 196 15.83 -4.11 -29.35
N MET B 197 15.26 -3.09 -29.99
CA MET B 197 15.19 -1.78 -29.37
C MET B 197 14.29 -1.74 -28.17
N MET B 198 13.29 -2.59 -28.17
CA MET B 198 12.40 -2.67 -27.04
C MET B 198 13.27 -3.01 -25.83
N LEU B 199 14.20 -3.95 -26.02
CA LEU B 199 15.10 -4.37 -24.94
C LEU B 199 16.06 -3.23 -24.60
N ALA B 200 16.71 -2.70 -25.63
CA ALA B 200 17.67 -1.62 -25.45
C ALA B 200 17.04 -0.51 -24.66
N TYR B 201 16.06 0.14 -25.29
CA TYR B 201 15.36 1.23 -24.65
C TYR B 201 14.87 0.87 -23.27
N SER B 202 14.42 -0.37 -23.12
CA SER B 202 13.94 -0.84 -21.83
C SER B 202 15.07 -0.58 -20.83
N ASN B 203 16.29 -0.97 -21.19
CA ASN B 203 17.42 -0.77 -20.28
C ASN B 203 17.86 0.67 -20.24
N ALA B 204 17.56 1.42 -21.30
CA ALA B 204 17.96 2.82 -21.36
C ALA B 204 17.13 3.66 -20.41
N LYS B 205 16.29 2.97 -19.65
CA LYS B 205 15.41 3.66 -18.71
C LYS B 205 14.67 4.82 -19.40
N ASN B 206 14.24 4.64 -20.65
CA ASN B 206 13.48 5.69 -21.37
C ASN B 206 12.23 5.06 -21.96
N TYR B 207 11.28 4.77 -21.05
CA TYR B 207 10.06 4.09 -21.40
C TYR B 207 9.24 4.66 -22.57
N GLY B 208 9.47 5.91 -22.94
CA GLY B 208 8.75 6.50 -24.05
C GLY B 208 8.85 5.66 -25.34
N THR B 209 10.07 5.34 -25.78
CA THR B 209 10.22 4.58 -27.03
C THR B 209 9.63 3.20 -26.92
N VAL B 210 9.92 2.56 -25.79
CA VAL B 210 9.46 1.20 -25.59
C VAL B 210 7.95 1.07 -25.64
N GLY B 211 7.25 2.10 -25.16
CA GLY B 211 5.80 2.08 -25.22
C GLY B 211 5.27 2.07 -26.66
N LEU B 212 6.01 2.67 -27.61
CA LEU B 212 5.59 2.67 -29.01
C LEU B 212 5.77 1.27 -29.58
N CYS B 213 6.76 0.55 -29.06
CA CYS B 213 7.05 -0.81 -29.50
C CYS B 213 5.92 -1.73 -29.09
N LEU B 214 5.42 -1.49 -27.89
CA LEU B 214 4.31 -2.26 -27.36
C LEU B 214 3.04 -1.90 -28.12
N GLN B 215 2.90 -0.63 -28.48
CA GLN B 215 1.73 -0.18 -29.23
C GLN B 215 1.64 -0.99 -30.50
N VAL B 216 2.76 -1.03 -31.23
CA VAL B 216 2.91 -1.77 -32.49
C VAL B 216 2.76 -3.28 -32.31
N TYR B 217 3.52 -3.86 -31.37
CA TYR B 217 3.43 -5.28 -31.14
C TYR B 217 2.00 -5.75 -31.14
N ALA B 218 1.21 -5.17 -30.23
CA ALA B 218 -0.18 -5.51 -30.07
C ALA B 218 -1.05 -5.30 -31.31
N GLN B 219 -0.73 -4.30 -32.11
CA GLN B 219 -1.50 -4.01 -33.32
C GLN B 219 -1.19 -5.03 -34.41
N TRP B 220 0.09 -5.32 -34.56
CA TRP B 220 0.57 -6.28 -35.55
C TRP B 220 0.49 -7.74 -35.16
N VAL B 221 0.07 -8.05 -33.94
CA VAL B 221 0.00 -9.45 -33.51
C VAL B 221 -0.81 -10.35 -34.44
N SER B 222 -1.93 -9.83 -34.93
CA SER B 222 -2.77 -10.58 -35.83
C SER B 222 -2.01 -11.14 -37.01
N TRP B 223 -1.53 -10.27 -37.89
CA TRP B 223 -0.80 -10.76 -39.05
C TRP B 223 0.69 -11.01 -38.89
N ILE B 224 1.13 -11.35 -37.68
CA ILE B 224 2.55 -11.63 -37.47
C ILE B 224 2.68 -13.13 -37.47
N ASN B 225 3.72 -13.62 -38.15
CA ASN B 225 4.00 -15.06 -38.24
C ASN B 225 4.10 -15.65 -36.84
N ILE B 226 3.44 -16.78 -36.64
CA ILE B 226 3.45 -17.42 -35.33
C ILE B 226 4.84 -17.74 -34.83
N ASN B 227 5.65 -18.41 -35.63
CA ASN B 227 7.00 -18.76 -35.22
C ASN B 227 7.77 -17.56 -34.63
N LEU B 228 7.44 -16.36 -35.09
CA LEU B 228 8.12 -15.15 -34.66
C LEU B 228 7.59 -14.61 -33.35
N ILE B 229 6.41 -15.06 -32.95
CA ILE B 229 5.81 -14.55 -31.72
C ILE B 229 5.80 -15.54 -30.55
N VAL B 230 6.31 -16.73 -30.79
CA VAL B 230 6.34 -17.77 -29.76
C VAL B 230 7.59 -17.68 -28.88
N ASN B 231 8.66 -17.08 -29.41
CA ASN B 231 9.92 -16.95 -28.68
C ASN B 231 9.62 -16.56 -27.24
N GLU B 232 10.39 -17.09 -26.29
CA GLU B 232 10.14 -16.77 -24.88
C GLU B 232 10.81 -15.50 -24.37
N PRO B 233 12.07 -15.26 -24.76
CA PRO B 233 12.73 -14.03 -24.28
C PRO B 233 11.90 -12.77 -24.48
N CYS B 234 11.04 -12.79 -25.49
CA CYS B 234 10.16 -11.67 -25.79
C CYS B 234 8.99 -11.73 -24.83
N MET B 235 8.63 -12.94 -24.43
CA MET B 235 7.54 -13.10 -23.45
C MET B 235 8.12 -12.61 -22.12
N ASN B 236 9.26 -13.18 -21.72
CA ASN B 236 9.90 -12.78 -20.48
C ASN B 236 10.13 -11.28 -20.43
N LEU B 237 10.30 -10.65 -21.58
CA LEU B 237 10.52 -9.21 -21.60
C LEU B 237 9.23 -8.47 -21.34
N LEU B 238 8.21 -8.71 -22.13
CA LEU B 238 6.93 -8.05 -21.91
C LEU B 238 6.43 -8.27 -20.49
N TYR B 239 6.60 -9.47 -19.95
CA TYR B 239 6.15 -9.72 -18.58
C TYR B 239 6.92 -8.80 -17.60
N SER B 240 8.19 -8.58 -17.88
CA SER B 240 8.97 -7.74 -16.99
C SER B 240 8.41 -6.32 -16.99
N PHE B 241 7.92 -5.88 -18.14
CA PHE B 241 7.36 -4.54 -18.24
C PHE B 241 6.15 -4.43 -17.38
N LEU B 242 5.72 -5.54 -16.81
CA LEU B 242 4.54 -5.47 -15.97
C LEU B 242 4.91 -4.75 -14.69
N GLN B 243 6.17 -4.91 -14.27
CA GLN B 243 6.66 -4.32 -13.03
C GLN B 243 6.93 -2.86 -13.17
N ILE B 244 6.80 -2.38 -14.38
CA ILE B 244 7.04 -0.98 -14.61
C ILE B 244 5.75 -0.20 -14.84
N GLU B 245 5.55 0.88 -14.09
CA GLU B 245 4.32 1.67 -14.22
C GLU B 245 4.06 2.21 -15.61
N GLU B 246 5.04 2.85 -16.21
CA GLU B 246 4.87 3.42 -17.53
C GLU B 246 4.50 2.46 -18.65
N LEU B 247 4.87 1.19 -18.49
CA LEU B 247 4.65 0.16 -19.51
C LEU B 247 3.64 -0.90 -19.14
N ARG B 248 3.20 -0.83 -17.90
CA ARG B 248 2.23 -1.75 -17.32
C ARG B 248 0.98 -2.09 -18.20
N CYS B 249 0.20 -1.09 -18.56
CA CYS B 249 -1.01 -1.29 -19.35
C CYS B 249 -0.63 -1.82 -20.72
N ALA B 250 0.41 -1.22 -21.29
CA ALA B 250 0.89 -1.60 -22.61
C ALA B 250 1.29 -3.08 -22.60
N ALA B 251 2.33 -3.41 -21.83
CA ALA B 251 2.83 -4.76 -21.74
C ALA B 251 1.67 -5.70 -21.60
N CYS B 252 0.65 -5.29 -20.87
CA CYS B 252 -0.48 -6.15 -20.64
C CYS B 252 -1.41 -6.40 -21.85
N GLU B 253 -1.96 -5.35 -22.44
CA GLU B 253 -2.85 -5.54 -23.58
C GLU B 253 -2.14 -6.30 -24.69
N THR B 254 -0.84 -6.09 -24.82
CA THR B 254 -0.11 -6.78 -25.87
C THR B 254 0.00 -8.28 -25.57
N MET B 255 0.14 -8.67 -24.31
CA MET B 255 0.24 -10.10 -24.01
C MET B 255 -1.07 -10.80 -24.30
N THR B 256 -2.16 -10.18 -23.88
CA THR B 256 -3.48 -10.71 -24.16
C THR B 256 -3.59 -10.96 -25.66
N GLU B 257 -3.21 -9.95 -26.44
CA GLU B 257 -3.25 -10.06 -27.89
C GLU B 257 -2.53 -11.32 -28.36
N ILE B 258 -1.35 -11.62 -27.79
CA ILE B 258 -0.65 -12.84 -28.19
C ILE B 258 -1.40 -14.05 -27.66
N VAL B 259 -1.89 -13.98 -26.45
CA VAL B 259 -2.66 -15.11 -25.96
C VAL B 259 -3.83 -15.39 -26.87
N ASN B 260 -4.55 -14.39 -27.35
CA ASN B 260 -5.67 -14.73 -28.22
C ASN B 260 -5.35 -14.82 -29.71
N LYS B 261 -4.08 -15.08 -30.04
CA LYS B 261 -3.64 -15.22 -31.43
C LYS B 261 -4.16 -16.58 -31.88
N LYS B 262 -4.62 -16.67 -33.11
CA LYS B 262 -5.13 -17.93 -33.62
C LYS B 262 -3.97 -18.85 -34.01
N MET B 263 -3.56 -19.71 -33.10
CA MET B 263 -2.47 -20.66 -33.36
C MET B 263 -2.86 -22.03 -32.81
N LYS B 264 -2.15 -23.07 -33.26
CA LYS B 264 -2.42 -24.46 -32.86
C LYS B 264 -2.17 -24.82 -31.40
N PRO B 265 -3.08 -25.60 -30.79
CA PRO B 265 -2.99 -26.03 -29.40
C PRO B 265 -1.58 -26.27 -28.91
N LEU B 266 -0.91 -27.27 -29.44
CA LEU B 266 0.45 -27.55 -29.01
C LEU B 266 1.31 -26.28 -28.96
N GLU B 267 0.98 -25.31 -29.82
CA GLU B 267 1.73 -24.04 -29.88
C GLU B 267 1.32 -23.05 -28.77
N LYS B 268 0.01 -22.83 -28.63
CA LYS B 268 -0.52 -21.93 -27.64
C LYS B 268 -0.15 -22.35 -26.23
N LEU B 269 -0.03 -23.65 -26.02
CA LEU B 269 0.32 -24.16 -24.71
C LEU B 269 1.75 -23.87 -24.33
N ASN B 270 2.61 -23.59 -25.32
CA ASN B 270 3.98 -23.30 -24.96
C ASN B 270 4.10 -21.85 -24.51
N LEU B 271 3.40 -20.93 -25.17
CA LEU B 271 3.45 -19.53 -24.77
C LEU B 271 2.74 -19.44 -23.41
N LEU B 272 1.55 -20.02 -23.35
CA LEU B 272 0.80 -19.99 -22.12
C LEU B 272 1.55 -20.55 -20.92
N ASN B 273 2.67 -21.23 -21.16
CA ASN B 273 3.43 -21.80 -20.06
C ASN B 273 4.44 -20.77 -19.65
N ILE B 274 4.98 -20.07 -20.62
CA ILE B 274 5.93 -19.03 -20.31
C ILE B 274 5.18 -18.05 -19.41
N LEU B 275 3.96 -17.66 -19.80
CA LEU B 275 3.17 -16.76 -19.00
C LEU B 275 2.87 -17.38 -17.66
N ASN B 276 2.25 -18.56 -17.69
CA ASN B 276 1.89 -19.29 -16.48
C ASN B 276 3.07 -19.38 -15.53
N LEU B 277 4.21 -19.79 -16.06
CA LEU B 277 5.38 -19.92 -15.22
C LEU B 277 5.75 -18.59 -14.60
N ASN B 278 5.82 -17.52 -15.40
CA ASN B 278 6.15 -16.18 -14.90
C ASN B 278 5.12 -15.80 -13.85
N LEU B 279 3.87 -15.99 -14.19
CA LEU B 279 2.81 -15.66 -13.28
C LEU B 279 2.91 -16.35 -11.94
N PHE B 280 3.47 -17.56 -11.92
CA PHE B 280 3.54 -18.28 -10.66
C PHE B 280 4.54 -17.68 -9.71
N PHE B 281 5.76 -17.49 -10.21
CA PHE B 281 6.81 -16.97 -9.38
C PHE B 281 6.68 -15.43 -9.20
N SER B 282 5.67 -14.82 -9.81
CA SER B 282 5.45 -13.37 -9.72
C SER B 282 4.45 -12.96 -8.65
N LYS B 283 3.54 -13.86 -8.33
CA LYS B 283 2.55 -13.59 -7.30
C LYS B 283 3.23 -13.20 -6.01
N SER B 284 2.69 -12.18 -5.35
CA SER B 284 3.20 -11.72 -4.07
C SER B 284 4.61 -11.15 -4.11
N GLN B 285 5.18 -11.00 -5.29
CA GLN B 285 6.52 -10.43 -5.38
C GLN B 285 6.39 -8.92 -5.57
N THR B 289 -1.13 -1.36 -6.64
CA THR B 289 -2.57 -1.10 -6.73
C THR B 289 -2.91 -0.04 -7.80
N ASP B 290 -4.10 -0.15 -8.43
CA ASP B 290 -4.66 0.79 -9.44
C ASP B 290 -5.87 0.03 -10.06
N PRO B 291 -6.86 0.76 -10.60
CA PRO B 291 -7.98 0.02 -11.18
C PRO B 291 -7.84 -0.42 -12.65
N ASN B 292 -7.46 0.49 -13.54
CA ASN B 292 -7.32 0.16 -14.95
C ASN B 292 -6.28 -0.94 -15.13
N PHE B 293 -5.30 -0.98 -14.24
CA PHE B 293 -4.28 -2.01 -14.29
C PHE B 293 -4.96 -3.34 -14.04
N ASP B 294 -5.66 -3.41 -12.93
CA ASP B 294 -6.39 -4.62 -12.58
C ASP B 294 -7.35 -5.01 -13.69
N GLU B 295 -8.12 -4.06 -14.25
CA GLU B 295 -9.03 -4.43 -15.33
C GLU B 295 -8.17 -5.10 -16.41
N HIS B 296 -6.95 -4.61 -16.59
CA HIS B 296 -6.06 -5.17 -17.59
C HIS B 296 -5.56 -6.55 -17.24
N VAL B 297 -4.98 -6.69 -16.04
CA VAL B 297 -4.45 -7.97 -15.56
C VAL B 297 -5.52 -9.03 -15.59
N ALA B 298 -6.71 -8.63 -15.20
CA ALA B 298 -7.85 -9.54 -15.20
C ALA B 298 -8.10 -9.98 -16.64
N LYS B 299 -8.15 -9.03 -17.58
CA LYS B 299 -8.37 -9.39 -18.97
C LYS B 299 -7.30 -10.39 -19.38
N LEU B 300 -6.11 -10.21 -18.84
CA LEU B 300 -5.01 -11.09 -19.16
C LEU B 300 -5.30 -12.49 -18.68
N ILE B 301 -5.65 -12.62 -17.42
CA ILE B 301 -5.97 -13.91 -16.88
C ILE B 301 -7.18 -14.50 -17.62
N ASN B 302 -8.25 -13.73 -17.73
CA ASN B 302 -9.45 -14.21 -18.40
C ASN B 302 -9.07 -14.84 -19.73
N ALA B 303 -8.24 -14.14 -20.51
CA ALA B 303 -7.79 -14.58 -21.84
C ALA B 303 -7.13 -15.94 -21.77
N GLN B 304 -6.20 -16.10 -20.82
CA GLN B 304 -5.53 -17.38 -20.65
C GLN B 304 -6.55 -18.42 -20.29
N GLY B 305 -7.21 -18.21 -19.17
CA GLY B 305 -8.22 -19.16 -18.72
C GLY B 305 -9.07 -19.69 -19.85
N VAL B 306 -9.79 -18.81 -20.52
CA VAL B 306 -10.65 -19.22 -21.62
C VAL B 306 -9.93 -20.05 -22.70
N GLU B 307 -8.63 -19.81 -22.86
CA GLU B 307 -7.81 -20.55 -23.82
C GLU B 307 -7.54 -21.96 -23.28
N LEU B 308 -6.89 -22.05 -22.13
CA LEU B 308 -6.62 -23.34 -21.53
C LEU B 308 -7.89 -24.18 -21.50
N VAL B 309 -8.99 -23.60 -21.05
CA VAL B 309 -10.23 -24.36 -21.00
C VAL B 309 -10.71 -24.76 -22.41
N ALA B 310 -10.67 -23.83 -23.36
CA ALA B 310 -11.11 -24.14 -24.71
C ALA B 310 -10.27 -25.29 -25.25
N ILE B 311 -9.01 -25.34 -24.82
CA ILE B 311 -8.10 -26.39 -25.27
C ILE B 311 -8.38 -27.76 -24.68
N LYS B 312 -8.63 -27.82 -23.39
CA LYS B 312 -8.91 -29.10 -22.76
C LYS B 312 -10.13 -29.84 -23.34
N SER B 313 -11.02 -29.16 -24.08
CA SER B 313 -12.18 -29.86 -24.63
C SER B 313 -11.83 -30.92 -25.70
N ASP B 314 -11.11 -30.57 -26.78
CA ASP B 314 -10.71 -31.61 -27.73
C ASP B 314 -9.32 -32.05 -27.31
N PRO B 315 -9.23 -33.22 -26.67
CA PRO B 315 -8.02 -33.83 -26.16
C PRO B 315 -7.19 -34.64 -27.15
N SER B 316 -7.81 -35.13 -28.22
CA SER B 316 -7.13 -35.93 -29.23
C SER B 316 -5.84 -35.31 -29.72
N GLU B 317 -5.79 -33.98 -29.75
CA GLU B 317 -4.61 -33.27 -30.21
C GLU B 317 -3.33 -33.65 -29.44
N LEU B 318 -3.39 -33.54 -28.12
CA LEU B 318 -2.25 -33.84 -27.26
C LEU B 318 -2.47 -35.02 -26.31
N SER B 319 -1.36 -35.57 -25.82
CA SER B 319 -1.36 -36.72 -24.92
C SER B 319 -1.36 -36.32 -23.44
N PRO B 320 -1.59 -37.30 -22.53
CA PRO B 320 -1.63 -36.98 -21.11
C PRO B 320 -0.48 -36.12 -20.56
N GLU B 321 0.63 -36.00 -21.28
CA GLU B 321 1.74 -35.16 -20.80
C GLU B 321 1.36 -33.68 -20.93
N LEU B 322 0.93 -33.28 -22.13
CA LEU B 322 0.51 -31.91 -22.36
C LEU B 322 -0.91 -31.79 -21.82
N LYS B 323 -1.58 -32.93 -21.75
CA LYS B 323 -2.94 -33.00 -21.23
C LYS B 323 -2.90 -32.61 -19.76
N GLU B 324 -1.83 -33.01 -19.07
CA GLU B 324 -1.63 -32.71 -17.66
C GLU B 324 -1.24 -31.26 -17.55
N ASN B 325 -0.13 -30.93 -18.21
CA ASN B 325 0.37 -29.56 -18.24
C ASN B 325 -0.80 -28.58 -18.33
N CYS B 326 -1.63 -28.73 -19.36
CA CYS B 326 -2.78 -27.87 -19.53
C CYS B 326 -3.56 -27.69 -18.22
N SER B 327 -3.98 -28.79 -17.59
CA SER B 327 -4.75 -28.72 -16.34
C SER B 327 -4.00 -28.08 -15.19
N PHE B 328 -2.67 -28.17 -15.25
CA PHE B 328 -1.84 -27.60 -14.22
C PHE B 328 -1.86 -26.09 -14.36
N GLN B 329 -1.56 -25.61 -15.55
CA GLN B 329 -1.57 -24.19 -15.77
C GLN B 329 -2.93 -23.66 -15.38
N LEU B 330 -3.99 -24.36 -15.79
CA LEU B 330 -5.34 -23.90 -15.48
C LEU B 330 -5.47 -23.71 -13.96
N TYR B 331 -5.13 -24.76 -13.22
CA TYR B 331 -5.20 -24.76 -11.79
C TYR B 331 -4.51 -23.53 -11.17
N ASN B 332 -3.26 -23.28 -11.59
CA ASN B 332 -2.48 -22.16 -11.06
C ASN B 332 -3.08 -20.77 -11.26
N LEU B 333 -4.14 -20.71 -12.06
CA LEU B 333 -4.81 -19.47 -12.34
C LEU B 333 -6.05 -19.38 -11.48
N PHE B 334 -6.31 -20.39 -10.67
CA PHE B 334 -7.50 -20.32 -9.86
C PHE B 334 -7.44 -19.21 -8.82
N PRO B 335 -6.28 -19.04 -8.16
CA PRO B 335 -6.22 -17.98 -7.16
C PRO B 335 -6.51 -16.61 -7.73
N TYR B 336 -6.09 -16.40 -8.98
CA TYR B 336 -6.28 -15.15 -9.69
C TYR B 336 -7.72 -15.01 -10.16
N LEU B 337 -8.29 -16.08 -10.69
CA LEU B 337 -9.66 -16.03 -11.14
C LEU B 337 -10.54 -15.52 -9.99
N ILE B 338 -10.16 -15.86 -8.77
CA ILE B 338 -10.91 -15.47 -7.58
C ILE B 338 -10.55 -14.06 -7.14
N ARG B 339 -9.26 -13.85 -6.95
CA ARG B 339 -8.71 -12.58 -6.54
C ARG B 339 -9.29 -11.40 -7.36
N TYR B 340 -9.78 -11.68 -8.56
CA TYR B 340 -10.34 -10.65 -9.42
C TYR B 340 -11.85 -10.74 -9.49
N LEU B 341 -12.37 -11.94 -9.34
CA LEU B 341 -13.81 -12.13 -9.39
C LEU B 341 -14.40 -11.44 -8.19
N SER B 342 -13.66 -11.50 -7.09
CA SER B 342 -14.09 -10.88 -5.84
C SER B 342 -13.57 -9.45 -5.69
N ASP B 343 -13.40 -8.75 -6.80
CA ASP B 343 -12.89 -7.40 -6.72
C ASP B 343 -14.05 -6.51 -6.36
N ASP B 344 -13.75 -5.37 -5.77
CA ASP B 344 -14.75 -4.38 -5.37
C ASP B 344 -15.34 -3.64 -6.61
N TYR B 345 -14.55 -3.51 -7.67
CA TYR B 345 -15.01 -2.79 -8.85
C TYR B 345 -15.73 -3.68 -9.86
N ASP B 346 -17.04 -3.53 -9.94
CA ASP B 346 -17.80 -4.33 -10.88
C ASP B 346 -17.06 -4.53 -12.21
N GLU B 347 -16.40 -3.50 -12.73
CA GLU B 347 -15.69 -3.63 -14.00
C GLU B 347 -14.47 -4.56 -13.95
N THR B 348 -13.80 -4.63 -12.80
CA THR B 348 -12.65 -5.54 -12.69
C THR B 348 -13.19 -6.95 -12.52
N SER B 349 -14.24 -7.06 -11.72
CA SER B 349 -14.78 -8.38 -11.47
C SER B 349 -15.34 -8.96 -12.75
N THR B 350 -16.12 -8.17 -13.45
CA THR B 350 -16.79 -8.61 -14.68
C THR B 350 -15.89 -9.06 -15.79
N ALA B 351 -14.65 -8.56 -15.77
CA ALA B 351 -13.72 -8.93 -16.83
C ALA B 351 -13.34 -10.38 -16.83
N VAL B 352 -13.62 -11.08 -15.74
CA VAL B 352 -13.27 -12.50 -15.64
C VAL B 352 -14.46 -13.47 -15.81
N PHE B 353 -15.67 -12.92 -15.83
CA PHE B 353 -16.84 -13.77 -16.00
C PHE B 353 -16.74 -14.84 -17.08
N PRO B 354 -16.33 -14.46 -18.30
CA PRO B 354 -16.21 -15.46 -19.39
C PRO B 354 -15.49 -16.72 -18.92
N PHE B 355 -14.23 -16.54 -18.55
CA PHE B 355 -13.40 -17.62 -18.06
C PHE B 355 -14.15 -18.35 -16.96
N LEU B 356 -14.61 -17.62 -15.96
CA LEU B 356 -15.33 -18.30 -14.90
C LEU B 356 -16.41 -19.19 -15.52
N SER B 357 -17.21 -18.61 -16.39
CA SER B 357 -18.29 -19.33 -17.03
C SER B 357 -17.78 -20.51 -17.83
N ASP B 358 -16.85 -20.27 -18.73
CA ASP B 358 -16.28 -21.34 -19.53
C ASP B 358 -15.84 -22.52 -18.66
N LEU B 359 -15.25 -22.19 -17.50
CA LEU B 359 -14.73 -23.16 -16.56
C LEU B 359 -15.75 -23.98 -15.80
N LEU B 360 -16.73 -23.33 -15.21
CA LEU B 360 -17.74 -24.07 -14.46
C LEU B 360 -18.46 -25.00 -15.41
N VAL B 361 -18.44 -24.66 -16.69
CA VAL B 361 -19.09 -25.47 -17.71
C VAL B 361 -18.30 -26.73 -18.00
N SER B 362 -16.98 -26.63 -17.95
CA SER B 362 -16.17 -27.82 -18.19
C SER B 362 -16.19 -28.62 -16.89
N LEU B 363 -16.40 -27.93 -15.78
CA LEU B 363 -16.44 -28.60 -14.49
C LEU B 363 -17.75 -29.35 -14.36
N ARG B 364 -18.83 -28.80 -14.91
CA ARG B 364 -20.10 -29.48 -14.82
C ARG B 364 -20.01 -30.77 -15.60
N LYS B 365 -19.27 -30.74 -16.71
CA LYS B 365 -19.12 -31.92 -17.56
C LYS B 365 -18.13 -32.94 -17.01
N GLU B 366 -17.31 -32.55 -16.05
CA GLU B 366 -16.35 -33.46 -15.46
C GLU B 366 -16.90 -34.10 -14.18
N SER B 367 -17.92 -33.50 -13.58
CA SER B 367 -18.51 -34.05 -12.37
C SER B 367 -19.29 -35.30 -12.75
N SER B 368 -18.61 -36.23 -13.42
CA SER B 368 -19.19 -37.48 -13.85
C SER B 368 -19.38 -38.49 -12.72
N SER B 369 -18.51 -38.41 -11.70
CA SER B 369 -18.57 -39.32 -10.56
C SER B 369 -18.98 -38.59 -9.28
N LYS B 370 -18.97 -37.27 -9.35
CA LYS B 370 -19.32 -36.42 -8.22
C LYS B 370 -18.36 -36.66 -7.05
N GLU B 371 -17.14 -37.05 -7.38
CA GLU B 371 -16.12 -37.26 -6.35
C GLU B 371 -15.41 -35.92 -6.24
N LEU B 372 -15.43 -35.29 -5.07
CA LEU B 372 -14.74 -34.03 -4.94
C LEU B 372 -13.40 -34.15 -4.23
N SER B 373 -12.38 -33.54 -4.84
CA SER B 373 -11.05 -33.57 -4.28
C SER B 373 -10.76 -32.21 -3.69
N ALA B 374 -10.03 -32.19 -2.59
CA ALA B 374 -9.68 -30.97 -1.88
C ALA B 374 -9.54 -29.72 -2.72
N SER B 375 -8.68 -29.79 -3.74
CA SER B 375 -8.51 -28.62 -4.55
C SER B 375 -9.85 -28.04 -5.01
N LEU B 376 -10.81 -28.91 -5.31
CA LEU B 376 -12.12 -28.48 -5.79
C LEU B 376 -13.13 -28.06 -4.77
N LYS B 377 -13.17 -28.72 -3.62
CA LYS B 377 -14.15 -28.27 -2.64
C LYS B 377 -13.71 -26.84 -2.16
N GLU B 378 -12.44 -26.72 -1.76
CA GLU B 378 -11.90 -25.44 -1.31
C GLU B 378 -12.00 -24.39 -2.40
N PHE B 379 -11.87 -24.82 -3.65
CA PHE B 379 -11.95 -23.90 -4.78
C PHE B 379 -13.35 -23.36 -4.95
N LEU B 380 -14.33 -24.26 -5.02
CA LEU B 380 -15.73 -23.87 -5.18
C LEU B 380 -16.26 -23.04 -4.05
N LYS B 381 -15.70 -23.21 -2.86
CA LYS B 381 -16.16 -22.40 -1.74
C LYS B 381 -15.63 -21.01 -2.05
N SER B 382 -14.32 -20.94 -2.24
CA SER B 382 -13.65 -19.69 -2.56
C SER B 382 -14.47 -18.96 -3.61
N LEU B 383 -14.93 -19.72 -4.59
CA LEU B 383 -15.72 -19.16 -5.68
C LEU B 383 -17.07 -18.59 -5.22
N LEU B 384 -17.71 -19.26 -4.27
CA LEU B 384 -18.97 -18.74 -3.81
C LEU B 384 -18.74 -17.52 -2.93
N GLU B 385 -17.70 -17.55 -2.10
CA GLU B 385 -17.38 -16.40 -1.26
C GLU B 385 -17.43 -15.22 -2.20
N ALA B 386 -16.74 -15.39 -3.32
CA ALA B 386 -16.68 -14.38 -4.35
C ALA B 386 -18.03 -14.12 -5.02
N ILE B 387 -18.72 -15.15 -5.51
CA ILE B 387 -20.01 -14.89 -6.16
C ILE B 387 -20.99 -14.20 -5.23
N ILE B 388 -20.95 -14.53 -3.96
CA ILE B 388 -21.84 -13.93 -3.00
C ILE B 388 -21.51 -12.47 -2.79
N LYS B 389 -20.29 -12.19 -2.35
CA LYS B 389 -19.85 -10.82 -2.12
C LYS B 389 -20.33 -9.88 -3.23
N LYS B 390 -20.26 -10.37 -4.46
CA LYS B 390 -20.65 -9.63 -5.63
C LYS B 390 -22.15 -9.52 -5.93
N MET B 391 -22.98 -10.27 -5.21
CA MET B 391 -24.42 -10.22 -5.43
C MET B 391 -25.12 -9.24 -4.50
N LYS B 392 -24.38 -8.79 -3.48
CA LYS B 392 -24.95 -7.86 -2.53
C LYS B 392 -24.98 -6.45 -3.05
N TYR B 393 -25.97 -5.69 -2.60
CA TYR B 393 -26.05 -4.32 -3.02
C TYR B 393 -24.85 -3.67 -2.37
N ASP B 394 -24.51 -2.50 -2.88
CA ASP B 394 -23.41 -1.70 -2.41
C ASP B 394 -23.69 -1.16 -1.01
N GLU B 395 -22.89 -1.57 -0.04
CA GLU B 395 -23.10 -1.10 1.33
C GLU B 395 -22.94 0.39 1.49
N SER B 396 -22.32 1.00 0.47
CA SER B 396 -22.02 2.42 0.41
C SER B 396 -22.95 3.13 -0.52
N GLN B 397 -23.06 2.60 -1.73
CA GLN B 397 -23.96 3.19 -2.69
C GLN B 397 -25.34 2.62 -2.31
N GLU B 398 -26.38 3.37 -2.61
CA GLU B 398 -27.74 2.94 -2.33
C GLU B 398 -28.52 3.07 -3.62
N TRP B 399 -29.64 2.38 -3.67
CA TRP B 399 -30.48 2.34 -4.86
C TRP B 399 -31.54 3.44 -5.06
N ASP B 400 -32.11 3.49 -6.27
CA ASP B 400 -33.16 4.46 -6.61
C ASP B 400 -34.18 3.82 -7.57
N ASP B 401 -35.18 4.57 -8.01
CA ASP B 401 -36.21 3.99 -8.87
C ASP B 401 -36.28 4.36 -10.35
N ASP B 402 -35.28 5.07 -10.89
CA ASP B 402 -35.33 5.45 -12.30
C ASP B 402 -34.88 4.31 -13.20
N PRO B 403 -35.64 4.02 -14.25
CA PRO B 403 -35.30 2.94 -15.18
C PRO B 403 -34.29 3.21 -16.32
N ASP B 404 -34.05 4.49 -16.66
CA ASP B 404 -33.16 4.82 -17.78
C ASP B 404 -31.71 5.21 -17.49
N SER B 405 -31.48 6.01 -16.45
CA SER B 405 -30.13 6.41 -16.11
C SER B 405 -29.74 5.80 -14.76
N GLU B 406 -30.36 4.66 -14.47
CA GLU B 406 -30.11 3.94 -13.24
C GLU B 406 -29.22 2.76 -13.59
N GLU B 407 -28.20 2.55 -12.79
CA GLU B 407 -27.27 1.44 -13.01
C GLU B 407 -27.84 0.09 -12.58
N GLU B 408 -28.91 0.07 -11.81
CA GLU B 408 -29.46 -1.20 -11.36
C GLU B 408 -29.70 -2.16 -12.50
N ALA B 409 -30.05 -1.66 -13.68
CA ALA B 409 -30.26 -2.55 -14.82
C ALA B 409 -29.02 -3.40 -15.06
N GLU B 410 -27.85 -2.75 -15.06
CA GLU B 410 -26.59 -3.45 -15.26
C GLU B 410 -26.26 -4.30 -14.03
N PHE B 411 -26.64 -3.81 -12.85
CA PHE B 411 -26.41 -4.54 -11.60
C PHE B 411 -27.26 -5.80 -11.64
N GLN B 412 -28.51 -5.63 -12.06
CA GLN B 412 -29.42 -6.74 -12.15
C GLN B 412 -28.87 -7.70 -13.17
N GLU B 413 -28.14 -7.17 -14.15
CA GLU B 413 -27.60 -8.05 -15.17
C GLU B 413 -26.48 -8.85 -14.52
N MET B 414 -25.52 -8.14 -13.95
CA MET B 414 -24.41 -8.82 -13.30
C MET B 414 -24.94 -9.79 -12.27
N ARG B 415 -26.20 -9.66 -11.91
CA ARG B 415 -26.79 -10.57 -10.96
C ARG B 415 -27.31 -11.79 -11.71
N LYS B 416 -27.90 -11.53 -12.88
CA LYS B 416 -28.46 -12.58 -13.72
C LYS B 416 -27.37 -13.56 -14.14
N LYS B 417 -26.14 -13.04 -14.24
CA LYS B 417 -25.02 -13.86 -14.62
C LYS B 417 -24.54 -14.60 -13.38
N LEU B 418 -24.27 -13.85 -12.32
CA LEU B 418 -23.82 -14.45 -11.06
C LEU B 418 -24.71 -15.60 -10.61
N LYS B 419 -26.02 -15.41 -10.70
CA LYS B 419 -26.98 -16.46 -10.33
C LYS B 419 -26.73 -17.74 -11.12
N ILE B 420 -26.52 -17.59 -12.43
CA ILE B 420 -26.23 -18.73 -13.29
C ILE B 420 -24.98 -19.46 -12.78
N PHE B 421 -23.96 -18.72 -12.37
CA PHE B 421 -22.78 -19.35 -11.85
C PHE B 421 -23.20 -20.19 -10.64
N GLN B 422 -24.03 -19.61 -9.81
CA GLN B 422 -24.44 -20.31 -8.63
C GLN B 422 -25.07 -21.60 -9.06
N ASP B 423 -26.03 -21.47 -9.97
CA ASP B 423 -26.77 -22.63 -10.47
C ASP B 423 -25.81 -23.73 -10.95
N THR B 424 -24.89 -23.33 -11.82
CA THR B 424 -23.93 -24.26 -12.37
C THR B 424 -23.10 -24.93 -11.27
N ILE B 425 -22.89 -24.21 -10.17
CA ILE B 425 -22.11 -24.77 -9.08
C ILE B 425 -22.99 -25.66 -8.28
N ASN B 426 -24.25 -25.26 -8.09
CA ASN B 426 -25.17 -26.09 -7.34
C ASN B 426 -25.32 -27.37 -8.12
N SER B 427 -25.11 -27.27 -9.43
CA SER B 427 -25.19 -28.39 -10.36
C SER B 427 -23.98 -29.30 -10.13
N ILE B 428 -22.79 -28.71 -10.18
CA ILE B 428 -21.56 -29.46 -9.95
C ILE B 428 -21.61 -30.22 -8.62
N ASP B 429 -22.15 -29.57 -7.57
CA ASP B 429 -22.27 -30.17 -6.24
C ASP B 429 -23.35 -29.46 -5.43
N SER B 430 -24.45 -30.16 -5.16
CA SER B 430 -25.56 -29.58 -4.40
C SER B 430 -25.42 -29.49 -2.89
N SER B 431 -24.67 -30.41 -2.26
CA SER B 431 -24.50 -30.37 -0.81
C SER B 431 -23.76 -29.10 -0.41
N LEU B 432 -22.63 -28.89 -1.05
CA LEU B 432 -21.76 -27.75 -0.82
C LEU B 432 -22.48 -26.43 -1.01
N PHE B 433 -23.34 -26.38 -2.04
CA PHE B 433 -24.08 -25.17 -2.32
C PHE B 433 -24.99 -24.94 -1.12
N SER B 434 -25.86 -25.90 -0.85
CA SER B 434 -26.80 -25.79 0.26
C SER B 434 -26.15 -25.34 1.54
N SER B 435 -25.23 -26.12 2.07
CA SER B 435 -24.61 -25.72 3.31
C SER B 435 -24.17 -24.25 3.21
N TYR B 436 -23.36 -23.95 2.19
CA TYR B 436 -22.90 -22.58 2.03
C TYR B 436 -24.02 -21.55 1.99
N MET B 437 -24.96 -21.71 1.06
CA MET B 437 -26.08 -20.78 0.91
C MET B 437 -26.90 -20.64 2.17
N TYR B 438 -26.95 -21.70 2.97
CA TYR B 438 -27.72 -21.65 4.19
C TYR B 438 -27.01 -20.74 5.18
N SER B 439 -25.72 -20.96 5.38
CA SER B 439 -24.93 -20.13 6.29
C SER B 439 -25.03 -18.70 5.78
N ALA B 440 -24.63 -18.54 4.54
CA ALA B 440 -24.67 -17.26 3.87
C ALA B 440 -25.95 -16.50 4.20
N ILE B 441 -27.11 -17.11 3.99
CA ILE B 441 -28.39 -16.46 4.26
C ILE B 441 -28.62 -16.21 5.76
N THR B 442 -28.11 -17.14 6.55
CA THR B 442 -28.28 -17.07 7.98
C THR B 442 -27.55 -15.94 8.64
N SER B 443 -26.25 -15.82 8.37
CA SER B 443 -25.42 -14.77 8.96
C SER B 443 -25.88 -13.39 8.53
N SER B 444 -25.93 -13.16 7.23
CA SER B 444 -26.37 -11.87 6.72
C SER B 444 -27.57 -11.43 7.55
N LEU B 445 -28.59 -12.29 7.67
CA LEU B 445 -29.75 -11.93 8.47
C LEU B 445 -29.34 -11.57 9.90
N SER B 446 -28.55 -12.43 10.54
CA SER B 446 -28.09 -12.19 11.91
C SER B 446 -27.39 -10.86 12.00
N THR B 447 -26.43 -10.68 11.10
CA THR B 447 -25.65 -9.46 11.08
C THR B 447 -26.55 -8.27 10.87
N ALA B 448 -27.52 -8.43 9.99
CA ALA B 448 -28.43 -7.33 9.71
C ALA B 448 -28.99 -6.88 11.05
N ALA B 449 -29.27 -7.84 11.93
CA ALA B 449 -29.81 -7.49 13.23
C ALA B 449 -28.87 -6.55 14.03
N THR B 450 -27.62 -6.50 13.60
CA THR B 450 -26.57 -5.70 14.25
C THR B 450 -26.60 -4.28 13.72
N LEU B 451 -27.47 -4.05 12.74
CA LEU B 451 -27.52 -2.77 12.10
C LEU B 451 -28.86 -2.05 12.18
N SER B 452 -28.79 -0.72 12.26
CA SER B 452 -30.00 0.06 12.34
C SER B 452 -30.68 -0.22 11.00
N PRO B 453 -32.01 -0.14 10.99
CA PRO B 453 -32.75 -0.40 9.76
C PRO B 453 -32.22 0.39 8.54
N GLU B 454 -31.68 1.56 8.80
CA GLU B 454 -31.18 2.37 7.70
C GLU B 454 -30.03 1.73 6.95
N ASN B 455 -29.12 1.07 7.67
CA ASN B 455 -27.96 0.46 7.02
C ASN B 455 -28.05 -1.05 6.94
N SER B 456 -29.16 -1.64 7.37
CA SER B 456 -29.27 -3.10 7.31
C SER B 456 -29.91 -3.69 6.05
N TRP B 457 -30.59 -2.88 5.26
CA TRP B 457 -31.28 -3.37 4.07
C TRP B 457 -30.46 -4.15 3.03
N GLN B 458 -29.34 -3.61 2.55
CA GLN B 458 -28.57 -4.32 1.52
C GLN B 458 -28.41 -5.78 1.89
N LEU B 459 -27.99 -5.99 3.13
CA LEU B 459 -27.76 -7.32 3.67
C LEU B 459 -29.00 -8.23 3.65
N ILE B 460 -30.11 -7.71 4.17
CA ILE B 460 -31.37 -8.45 4.19
C ILE B 460 -31.80 -8.72 2.77
N GLU B 461 -31.70 -7.70 1.92
CA GLU B 461 -32.11 -7.82 0.54
C GLU B 461 -31.38 -8.97 -0.07
N PHE B 462 -30.13 -9.17 0.35
CA PHE B 462 -29.32 -10.27 -0.17
C PHE B 462 -29.96 -11.59 0.18
N ALA B 463 -30.05 -11.84 1.48
CA ALA B 463 -30.66 -13.05 2.00
C ALA B 463 -32.03 -13.33 1.38
N LEU B 464 -32.90 -12.33 1.31
CA LEU B 464 -34.21 -12.59 0.73
C LEU B 464 -34.12 -12.89 -0.75
N TYR B 465 -33.12 -12.32 -1.42
CA TYR B 465 -32.98 -12.59 -2.83
C TYR B 465 -32.53 -14.04 -2.97
N GLU B 466 -31.43 -14.37 -2.29
CA GLU B 466 -30.88 -15.72 -2.33
C GLU B 466 -31.94 -16.76 -1.99
N THR B 467 -32.71 -16.46 -0.94
CA THR B 467 -33.79 -17.33 -0.53
C THR B 467 -34.74 -17.48 -1.72
N TYR B 468 -35.24 -16.36 -2.20
CA TYR B 468 -36.14 -16.39 -3.34
C TYR B 468 -35.65 -17.29 -4.48
N ILE B 469 -34.40 -17.15 -4.90
CA ILE B 469 -33.94 -18.00 -6.01
C ILE B 469 -33.47 -19.36 -5.52
N PHE B 470 -33.23 -19.47 -4.22
CA PHE B 470 -32.69 -20.71 -3.66
C PHE B 470 -33.40 -22.03 -3.95
N GLY B 471 -34.72 -22.03 -3.82
CA GLY B 471 -35.44 -23.26 -4.12
C GLY B 471 -35.62 -23.26 -5.62
N GLU B 472 -35.46 -24.41 -6.29
CA GLU B 472 -35.62 -24.44 -7.74
C GLU B 472 -37.01 -23.90 -8.10
N GLY B 473 -37.16 -23.40 -9.32
CA GLY B 473 -38.42 -22.85 -9.77
C GLY B 473 -39.65 -23.71 -9.52
N LEU B 474 -39.55 -25.02 -9.82
CA LEU B 474 -40.66 -25.95 -9.62
C LEU B 474 -40.51 -26.67 -8.28
N ARG B 475 -41.58 -27.27 -7.80
CA ARG B 475 -41.57 -27.98 -6.52
C ARG B 475 -42.26 -29.33 -6.54
N GLY B 476 -41.79 -30.22 -5.68
CA GLY B 476 -42.34 -31.57 -5.49
C GLY B 476 -42.55 -31.57 -3.98
N PRO B 477 -43.71 -31.92 -3.44
CA PRO B 477 -43.84 -31.86 -1.98
C PRO B 477 -42.69 -32.21 -1.07
N ASP B 478 -41.83 -33.13 -1.50
CA ASP B 478 -40.68 -33.49 -0.70
C ASP B 478 -39.67 -32.36 -0.56
N ALA B 479 -39.88 -31.28 -1.31
CA ALA B 479 -38.98 -30.13 -1.28
C ALA B 479 -39.04 -29.29 -0.02
N PHE B 480 -40.11 -29.35 0.75
CA PHE B 480 -40.14 -28.58 1.99
C PHE B 480 -39.78 -29.48 3.16
N PHE B 481 -40.32 -30.69 3.19
CA PHE B 481 -40.03 -31.64 4.27
C PHE B 481 -39.96 -33.04 3.63
N ASN B 482 -39.15 -33.95 4.19
CA ASN B 482 -39.03 -35.29 3.63
C ASN B 482 -40.36 -36.03 3.50
N ASP B 485 -38.45 -39.66 7.15
CA ASP B 485 -37.85 -38.91 8.24
C ASP B 485 -38.61 -37.61 8.41
N LYS B 486 -39.28 -37.20 7.33
CA LYS B 486 -40.06 -35.98 7.33
C LYS B 486 -39.32 -34.79 7.95
N SER B 487 -38.01 -34.77 7.74
CA SER B 487 -37.15 -33.71 8.23
C SER B 487 -37.21 -32.62 7.18
N PRO B 488 -37.35 -31.37 7.59
CA PRO B 488 -37.44 -30.27 6.63
C PRO B 488 -36.16 -29.99 5.84
N THR B 489 -36.30 -29.78 4.54
CA THR B 489 -35.16 -29.48 3.70
C THR B 489 -34.61 -28.12 4.10
N VAL B 490 -33.39 -27.83 3.68
CA VAL B 490 -32.76 -26.54 3.99
C VAL B 490 -33.71 -25.41 3.60
N LEU B 491 -34.31 -25.55 2.42
CA LEU B 491 -35.23 -24.56 1.92
C LEU B 491 -36.18 -24.08 3.01
N SER B 492 -36.93 -25.00 3.58
CA SER B 492 -37.88 -24.62 4.60
C SER B 492 -37.28 -24.12 5.91
N GLN B 493 -36.10 -24.60 6.26
CA GLN B 493 -35.47 -24.12 7.49
C GLN B 493 -35.25 -22.63 7.28
N ILE B 494 -34.91 -22.28 6.04
CA ILE B 494 -34.70 -20.90 5.64
C ILE B 494 -36.03 -20.17 5.73
N LEU B 495 -37.00 -20.67 4.99
CA LEU B 495 -38.32 -20.11 4.99
C LEU B 495 -38.88 -19.97 6.40
N ALA B 496 -38.48 -20.88 7.29
CA ALA B 496 -38.94 -20.84 8.68
C ALA B 496 -38.35 -19.61 9.28
N LEU B 497 -37.04 -19.56 9.21
CA LEU B 497 -36.24 -18.45 9.71
C LEU B 497 -36.65 -17.08 9.17
N VAL B 498 -36.71 -16.97 7.85
CA VAL B 498 -37.10 -15.71 7.26
C VAL B 498 -38.46 -15.29 7.77
N THR B 499 -39.41 -16.21 7.70
CA THR B 499 -40.77 -15.96 8.15
C THR B 499 -40.87 -15.47 9.59
N THR B 500 -39.93 -15.90 10.43
CA THR B 500 -39.90 -15.52 11.83
C THR B 500 -39.10 -14.26 12.08
N SER B 501 -38.23 -13.92 11.14
CA SER B 501 -37.39 -12.74 11.28
C SER B 501 -38.20 -11.47 11.15
N GLN B 502 -37.65 -10.36 11.67
CA GLN B 502 -38.29 -9.06 11.56
C GLN B 502 -38.05 -8.48 10.15
N VAL B 503 -38.16 -9.33 9.15
CA VAL B 503 -37.94 -8.88 7.81
C VAL B 503 -39.21 -8.18 7.40
N CYS B 504 -40.28 -8.43 8.15
CA CYS B 504 -41.58 -7.88 7.88
C CYS B 504 -41.91 -6.68 8.74
N ARG B 505 -40.86 -6.07 9.26
CA ARG B 505 -41.00 -4.86 10.06
C ARG B 505 -40.09 -3.86 9.35
N HIS B 506 -39.23 -4.40 8.47
CA HIS B 506 -38.32 -3.57 7.71
C HIS B 506 -39.06 -2.70 6.70
N PRO B 507 -38.74 -1.39 6.69
CA PRO B 507 -39.29 -0.32 5.84
C PRO B 507 -38.77 -0.17 4.42
N HIS B 508 -37.64 -0.78 4.11
CA HIS B 508 -37.13 -0.63 2.78
C HIS B 508 -38.03 -1.38 1.81
N PRO B 509 -38.52 -0.68 0.78
CA PRO B 509 -39.41 -1.24 -0.23
C PRO B 509 -38.86 -2.56 -0.83
N LEU B 510 -37.65 -2.50 -1.35
CA LEU B 510 -37.01 -3.65 -1.96
C LEU B 510 -37.10 -4.89 -1.06
N VAL B 511 -37.02 -4.67 0.25
CA VAL B 511 -37.09 -5.77 1.20
C VAL B 511 -38.52 -6.25 1.34
N GLN B 512 -39.45 -5.32 1.34
CA GLN B 512 -40.85 -5.67 1.47
C GLN B 512 -41.23 -6.44 0.23
N LEU B 513 -41.05 -5.82 -0.94
CA LEU B 513 -41.39 -6.50 -2.17
C LEU B 513 -40.85 -7.94 -2.13
N LEU B 514 -39.54 -8.06 -2.09
CA LEU B 514 -38.91 -9.38 -2.05
C LEU B 514 -39.67 -10.30 -1.09
N TYR B 515 -39.79 -9.88 0.16
CA TYR B 515 -40.48 -10.66 1.18
C TYR B 515 -41.79 -11.21 0.60
N MET B 516 -42.70 -10.31 0.23
CA MET B 516 -43.97 -10.75 -0.35
C MET B 516 -43.81 -11.67 -1.56
N GLU B 517 -42.72 -11.54 -2.30
CA GLU B 517 -42.53 -12.41 -3.45
C GLU B 517 -42.19 -13.80 -2.93
N ILE B 518 -41.32 -13.86 -1.92
CA ILE B 518 -40.95 -15.13 -1.31
C ILE B 518 -42.16 -15.84 -0.74
N LEU B 519 -43.06 -15.08 -0.14
CA LEU B 519 -44.24 -15.65 0.46
C LEU B 519 -45.18 -16.19 -0.59
N VAL B 520 -45.09 -15.70 -1.82
CA VAL B 520 -45.98 -16.17 -2.86
C VAL B 520 -45.32 -17.29 -3.62
N ARG B 521 -44.05 -17.15 -3.98
CA ARG B 521 -43.41 -18.22 -4.72
C ARG B 521 -43.61 -19.50 -3.92
N TYR B 522 -43.39 -19.44 -2.60
CA TYR B 522 -43.54 -20.61 -1.74
C TYR B 522 -44.77 -20.62 -0.85
N ALA B 523 -45.91 -20.21 -1.38
CA ALA B 523 -47.13 -20.21 -0.57
C ALA B 523 -47.48 -21.64 -0.17
N SER B 524 -47.29 -22.57 -1.08
CA SER B 524 -47.59 -23.97 -0.81
C SER B 524 -46.93 -24.46 0.49
N PHE B 525 -45.91 -23.74 0.93
CA PHE B 525 -45.19 -24.09 2.15
C PHE B 525 -46.04 -23.94 3.38
N PHE B 526 -46.82 -22.86 3.43
CA PHE B 526 -47.66 -22.59 4.59
C PHE B 526 -48.76 -23.61 4.79
N ASP B 527 -48.80 -24.63 3.91
CA ASP B 527 -49.79 -25.69 4.03
C ASP B 527 -49.24 -26.69 5.02
N TYR B 528 -47.92 -26.70 5.15
CA TYR B 528 -47.27 -27.59 6.10
C TYR B 528 -47.01 -26.86 7.40
N GLU B 529 -46.77 -25.55 7.29
CA GLU B 529 -46.52 -24.72 8.46
C GLU B 529 -47.45 -23.53 8.40
N SER B 530 -48.63 -23.70 9.01
CA SER B 530 -49.71 -22.73 9.02
C SER B 530 -49.59 -21.57 9.98
N ALA B 531 -48.81 -21.77 11.03
CA ALA B 531 -48.63 -20.77 12.07
C ALA B 531 -48.48 -19.29 11.68
N ALA B 532 -47.54 -18.98 10.81
CA ALA B 532 -47.33 -17.58 10.43
C ALA B 532 -48.50 -16.88 9.71
N ILE B 533 -49.33 -17.66 9.03
CA ILE B 533 -50.44 -17.14 8.25
C ILE B 533 -51.13 -15.88 8.74
N PRO B 534 -51.77 -15.91 9.92
CA PRO B 534 -52.45 -14.70 10.41
C PRO B 534 -51.60 -13.45 10.29
N ALA B 535 -50.36 -13.56 10.78
CA ALA B 535 -49.41 -12.47 10.74
C ALA B 535 -49.15 -12.07 9.30
N LEU B 536 -49.00 -13.07 8.42
CA LEU B 536 -48.75 -12.83 7.00
C LEU B 536 -49.86 -12.12 6.24
N ILE B 537 -51.08 -12.21 6.73
CA ILE B 537 -52.17 -11.55 6.04
C ILE B 537 -52.18 -10.10 6.52
N GLU B 538 -52.04 -9.93 7.83
CA GLU B 538 -52.01 -8.59 8.40
C GLU B 538 -50.95 -7.81 7.65
N TYR B 539 -49.91 -8.53 7.23
CA TYR B 539 -48.82 -7.93 6.47
C TYR B 539 -49.26 -7.55 5.08
N PHE B 540 -49.78 -8.52 4.33
CA PHE B 540 -50.23 -8.22 2.97
C PHE B 540 -51.17 -7.00 3.00
N VAL B 541 -52.04 -6.93 4.01
CA VAL B 541 -52.95 -5.80 4.17
C VAL B 541 -52.25 -4.68 4.94
N GLY B 542 -50.95 -4.83 5.14
CA GLY B 542 -50.22 -3.82 5.87
C GLY B 542 -49.93 -2.59 5.05
N PRO B 543 -49.52 -1.51 5.73
CA PRO B 543 -49.19 -0.26 5.05
C PRO B 543 -47.93 -0.53 4.25
N ARG B 544 -47.40 -1.73 4.44
CA ARG B 544 -46.21 -2.19 3.72
C ARG B 544 -46.62 -3.20 2.66
N GLY B 545 -47.86 -3.66 2.83
CA GLY B 545 -48.44 -4.61 1.92
C GLY B 545 -49.20 -3.91 0.82
N ILE B 546 -50.52 -4.06 0.83
CA ILE B 546 -51.38 -3.46 -0.18
C ILE B 546 -51.47 -1.94 -0.11
N HIS B 547 -51.09 -1.38 1.04
CA HIS B 547 -51.15 0.07 1.21
C HIS B 547 -49.77 0.74 1.12
N ASN B 548 -48.76 -0.03 0.73
CA ASN B 548 -47.40 0.44 0.61
C ASN B 548 -47.38 1.76 -0.14
N THR B 549 -46.61 2.72 0.36
CA THR B 549 -46.51 4.05 -0.25
C THR B 549 -45.70 4.06 -1.53
N ASN B 550 -44.75 3.15 -1.63
CA ASN B 550 -43.90 3.12 -2.80
C ASN B 550 -44.67 2.89 -4.10
N GLU B 551 -44.64 3.88 -4.97
CA GLU B 551 -45.33 3.81 -6.25
C GLU B 551 -45.14 2.47 -6.96
N ARG B 552 -43.90 2.01 -7.08
CA ARG B 552 -43.59 0.74 -7.76
C ARG B 552 -44.09 -0.52 -7.06
N VAL B 553 -43.98 -0.53 -5.74
CA VAL B 553 -44.40 -1.68 -4.95
C VAL B 553 -45.93 -1.84 -4.82
N ARG B 554 -46.67 -0.75 -4.68
CA ARG B 554 -48.12 -0.80 -4.55
C ARG B 554 -48.87 -1.69 -5.53
N PRO B 555 -48.60 -1.60 -6.84
CA PRO B 555 -49.30 -2.42 -7.82
C PRO B 555 -48.87 -3.89 -7.82
N ARG B 556 -47.59 -4.11 -7.55
CA ARG B 556 -47.07 -5.46 -7.51
C ARG B 556 -47.71 -6.15 -6.31
N ALA B 557 -47.72 -5.44 -5.19
CA ALA B 557 -48.33 -5.98 -3.99
C ALA B 557 -49.71 -6.54 -4.31
N TRP B 558 -50.55 -5.75 -4.98
CA TRP B 558 -51.92 -6.17 -5.32
C TRP B 558 -51.92 -7.51 -6.00
N TYR B 559 -51.18 -7.63 -7.09
CA TYR B 559 -51.12 -8.90 -7.79
C TYR B 559 -50.76 -9.96 -6.77
N LEU B 560 -49.62 -9.79 -6.12
CA LEU B 560 -49.19 -10.75 -5.12
C LEU B 560 -50.22 -11.09 -4.05
N PHE B 561 -50.87 -10.08 -3.48
CA PHE B 561 -51.87 -10.33 -2.44
C PHE B 561 -52.87 -11.32 -2.95
N TYR B 562 -53.38 -11.03 -4.14
CA TYR B 562 -54.34 -11.90 -4.85
C TYR B 562 -53.76 -13.32 -4.90
N ARG B 563 -52.65 -13.47 -5.62
CA ARG B 563 -51.95 -14.75 -5.76
C ARG B 563 -51.85 -15.47 -4.42
N PHE B 564 -51.48 -14.78 -3.36
CA PHE B 564 -51.35 -15.39 -2.03
C PHE B 564 -52.71 -15.82 -1.52
N VAL B 565 -53.65 -14.88 -1.50
CA VAL B 565 -55.00 -15.14 -1.06
C VAL B 565 -55.52 -16.34 -1.82
N LYS B 566 -55.13 -16.47 -3.08
CA LYS B 566 -55.58 -17.58 -3.91
C LYS B 566 -54.92 -18.89 -3.52
N SER B 567 -53.62 -18.88 -3.37
CA SER B 567 -52.86 -20.07 -3.03
C SER B 567 -53.44 -20.90 -1.93
N ILE B 568 -53.75 -20.26 -0.81
CA ILE B 568 -54.32 -21.00 0.30
C ILE B 568 -55.54 -20.27 0.80
N LYS B 569 -56.59 -20.31 -0.03
CA LYS B 569 -57.86 -19.65 0.22
C LYS B 569 -58.64 -20.21 1.41
N LYS B 570 -58.49 -21.50 1.68
CA LYS B 570 -59.23 -22.12 2.78
C LYS B 570 -58.94 -21.62 4.21
N GLN B 571 -57.67 -21.52 4.60
CA GLN B 571 -57.32 -21.10 5.96
C GLN B 571 -57.71 -19.64 6.28
N VAL B 572 -57.94 -18.85 5.23
CA VAL B 572 -58.28 -17.42 5.36
C VAL B 572 -59.76 -17.11 5.63
N VAL B 573 -60.51 -18.13 6.01
CA VAL B 573 -61.93 -17.93 6.27
C VAL B 573 -62.23 -16.84 7.29
N ASN B 574 -61.58 -16.92 8.45
CA ASN B 574 -61.84 -15.95 9.51
C ASN B 574 -61.40 -14.51 9.19
N TYR B 575 -60.41 -14.37 8.32
CA TYR B 575 -59.84 -13.07 7.96
C TYR B 575 -60.64 -12.34 6.88
N THR B 576 -61.68 -12.99 6.39
CA THR B 576 -62.52 -12.45 5.33
C THR B 576 -63.10 -11.07 5.60
N GLU B 577 -63.91 -10.98 6.63
CA GLU B 577 -64.54 -9.71 7.00
C GLU B 577 -63.55 -8.55 7.00
N SER B 578 -62.63 -8.60 7.95
CA SER B 578 -61.61 -7.57 8.11
C SER B 578 -60.91 -7.16 6.81
N SER B 579 -60.15 -8.06 6.22
CA SER B 579 -59.43 -7.79 4.99
C SER B 579 -60.24 -7.08 3.90
N LEU B 580 -61.46 -7.55 3.66
CA LEU B 580 -62.30 -6.92 2.65
C LEU B 580 -62.43 -5.44 2.99
N ALA B 581 -62.74 -5.16 4.24
CA ALA B 581 -62.91 -3.79 4.71
C ALA B 581 -61.71 -2.94 4.33
N MET B 582 -60.53 -3.53 4.47
CA MET B 582 -59.29 -2.84 4.14
C MET B 582 -59.14 -2.53 2.66
N LEU B 583 -59.65 -3.40 1.80
CA LEU B 583 -59.57 -3.21 0.36
C LEU B 583 -60.37 -2.02 -0.23
N GLY B 584 -61.40 -1.58 0.49
CA GLY B 584 -62.25 -0.50 0.00
C GLY B 584 -61.61 0.66 -0.75
N ASP B 585 -60.63 1.31 -0.14
CA ASP B 585 -59.97 2.48 -0.75
C ASP B 585 -59.26 2.23 -2.07
N LEU B 586 -58.71 1.03 -2.20
CA LEU B 586 -57.98 0.66 -3.39
C LEU B 586 -58.93 0.32 -4.54
N LEU B 587 -60.21 0.19 -4.22
CA LEU B 587 -61.21 -0.12 -5.24
C LEU B 587 -61.87 1.17 -5.69
N ASN B 588 -61.07 2.13 -6.09
CA ASN B 588 -61.56 3.42 -6.57
C ASN B 588 -60.89 3.53 -7.92
N ILE B 589 -61.27 4.49 -8.74
CA ILE B 589 -60.63 4.60 -10.05
C ILE B 589 -60.48 6.04 -10.49
N SER B 590 -59.24 6.45 -10.69
CA SER B 590 -58.94 7.79 -11.13
C SER B 590 -58.00 7.74 -12.34
N VAL B 591 -58.52 7.27 -13.46
CA VAL B 591 -57.72 7.16 -14.69
C VAL B 591 -57.60 8.51 -15.38
N SER B 592 -56.36 8.98 -15.44
CA SER B 592 -56.10 10.24 -16.09
C SER B 592 -55.33 9.86 -17.35
N PRO B 593 -55.73 10.41 -18.50
CA PRO B 593 -55.06 10.11 -19.75
C PRO B 593 -53.74 10.84 -19.94
N VAL B 594 -52.70 10.05 -20.16
CA VAL B 594 -51.37 10.57 -20.39
C VAL B 594 -50.91 9.80 -21.61
N THR B 595 -49.82 10.26 -22.20
CA THR B 595 -49.35 9.61 -23.40
C THR B 595 -47.88 9.23 -23.34
N ASP B 596 -47.48 8.40 -24.29
CA ASP B 596 -46.12 7.87 -24.39
C ASP B 596 -45.05 8.79 -25.01
N MET B 597 -45.37 10.07 -25.18
CA MET B 597 -44.43 11.07 -25.71
C MET B 597 -43.87 10.90 -27.12
N ASP B 598 -44.66 10.37 -28.04
CA ASP B 598 -44.17 10.26 -29.39
C ASP B 598 -45.05 11.11 -30.30
N ALA B 599 -46.34 10.94 -30.23
CA ALA B 599 -47.16 11.74 -31.10
C ALA B 599 -48.04 12.73 -30.35
N PRO B 600 -47.87 12.79 -29.04
CA PRO B 600 -48.66 13.69 -28.22
C PRO B 600 -50.11 13.28 -28.38
N VAL B 601 -50.31 12.00 -28.72
CA VAL B 601 -51.65 11.48 -28.92
C VAL B 601 -51.99 10.39 -27.92
N PRO B 602 -52.99 10.66 -27.05
CA PRO B 602 -53.45 9.73 -26.02
C PRO B 602 -54.47 8.73 -26.52
N THR B 603 -54.13 7.50 -26.19
CA THR B 603 -54.86 6.33 -26.56
C THR B 603 -55.24 5.67 -25.26
N LEU B 604 -56.21 4.79 -25.35
CA LEU B 604 -56.67 4.07 -24.20
C LEU B 604 -55.45 3.34 -23.62
N ASN B 605 -54.70 2.70 -24.50
CA ASN B 605 -53.50 1.97 -24.09
C ASN B 605 -52.50 2.80 -23.30
N SER B 606 -52.10 3.96 -23.83
CA SER B 606 -51.14 4.80 -23.13
C SER B 606 -51.68 5.21 -21.77
N SER B 607 -52.97 5.56 -21.74
CA SER B 607 -53.64 5.99 -20.52
C SER B 607 -53.70 4.91 -19.45
N ILE B 608 -54.11 3.72 -19.86
CA ILE B 608 -54.22 2.59 -18.94
C ILE B 608 -52.86 2.21 -18.34
N ARG B 609 -51.82 2.25 -19.15
CA ARG B 609 -50.49 1.91 -18.68
C ARG B 609 -49.95 2.92 -17.67
N ASN B 610 -50.19 4.20 -17.92
CA ASN B 610 -49.74 5.25 -17.01
C ASN B 610 -50.42 5.15 -15.64
N SER B 611 -51.38 4.25 -15.52
CA SER B 611 -52.11 4.04 -14.26
C SER B 611 -52.09 2.55 -13.89
N ASP B 612 -52.02 2.26 -12.59
CA ASP B 612 -52.00 0.87 -12.12
C ASP B 612 -53.38 0.23 -12.20
N PHE B 613 -54.01 0.27 -13.36
CA PHE B 613 -55.33 -0.32 -13.51
C PHE B 613 -55.20 -1.81 -13.76
N ASN B 614 -54.32 -2.19 -14.69
CA ASN B 614 -54.10 -3.60 -15.00
C ASN B 614 -53.75 -4.36 -13.74
N SER B 615 -53.16 -3.67 -12.77
CA SER B 615 -52.79 -4.29 -11.52
C SER B 615 -53.98 -4.21 -10.58
N GLN B 616 -54.74 -3.11 -10.67
CA GLN B 616 -55.92 -2.89 -9.82
C GLN B 616 -56.99 -3.94 -10.05
N LEU B 617 -57.07 -4.44 -11.27
CA LEU B 617 -58.05 -5.45 -11.62
C LEU B 617 -57.91 -6.65 -10.70
N TYR B 618 -56.66 -7.08 -10.50
CA TYR B 618 -56.39 -8.21 -9.62
C TYR B 618 -56.95 -7.97 -8.23
N LEU B 619 -57.04 -6.70 -7.86
CA LEU B 619 -57.56 -6.35 -6.54
C LEU B 619 -59.05 -6.69 -6.48
N PHE B 620 -59.74 -6.44 -7.59
CA PHE B 620 -61.16 -6.73 -7.66
C PHE B 620 -61.35 -8.23 -7.63
N GLU B 621 -60.68 -8.92 -8.55
CA GLU B 621 -60.79 -10.38 -8.62
C GLU B 621 -60.53 -11.03 -7.28
N THR B 622 -59.83 -10.33 -6.39
CA THR B 622 -59.52 -10.85 -5.09
C THR B 622 -60.63 -10.63 -4.10
N VAL B 623 -61.32 -9.51 -4.25
CA VAL B 623 -62.44 -9.22 -3.36
C VAL B 623 -63.44 -10.32 -3.65
N GLY B 624 -63.60 -10.62 -4.93
CA GLY B 624 -64.52 -11.64 -5.35
C GLY B 624 -64.21 -12.98 -4.70
N VAL B 625 -62.93 -13.32 -4.61
CA VAL B 625 -62.54 -14.58 -3.99
C VAL B 625 -62.87 -14.51 -2.52
N LEU B 626 -62.61 -13.34 -1.92
CA LEU B 626 -62.88 -13.15 -0.51
C LEU B 626 -64.36 -13.30 -0.24
N ILE B 627 -65.19 -12.61 -1.02
CA ILE B 627 -66.63 -12.67 -0.80
C ILE B 627 -67.26 -14.05 -1.06
N SER B 628 -66.83 -14.70 -2.14
CA SER B 628 -67.36 -15.99 -2.53
C SER B 628 -66.80 -17.24 -1.83
N SER B 629 -65.70 -17.12 -1.11
CA SER B 629 -65.15 -18.29 -0.43
C SER B 629 -64.96 -18.02 1.05
N GLY B 630 -65.34 -16.82 1.47
CA GLY B 630 -65.24 -16.48 2.89
C GLY B 630 -66.33 -17.27 3.57
N ASN B 631 -66.75 -16.85 4.76
CA ASN B 631 -67.81 -17.55 5.47
C ASN B 631 -68.89 -16.60 5.94
N LEU B 632 -68.94 -15.41 5.34
CA LEU B 632 -69.96 -14.45 5.70
C LEU B 632 -71.33 -15.01 5.36
N THR B 633 -72.32 -14.72 6.20
CA THR B 633 -73.68 -15.20 5.98
C THR B 633 -74.08 -14.88 4.53
N PRO B 634 -74.73 -15.84 3.86
CA PRO B 634 -75.16 -15.67 2.46
C PRO B 634 -75.84 -14.34 2.20
N GLU B 635 -76.54 -13.82 3.20
CA GLU B 635 -77.26 -12.55 3.07
C GLU B 635 -76.31 -11.37 2.97
N GLU B 636 -75.15 -11.50 3.61
CA GLU B 636 -74.16 -10.44 3.54
C GLU B 636 -73.44 -10.50 2.19
N GLN B 637 -72.96 -11.69 1.83
CA GLN B 637 -72.25 -11.83 0.58
C GLN B 637 -73.08 -11.32 -0.59
N ALA B 638 -74.38 -11.14 -0.38
CA ALA B 638 -75.24 -10.62 -1.43
C ALA B 638 -75.23 -9.11 -1.27
N LEU B 639 -75.01 -8.69 -0.03
CA LEU B 639 -74.95 -7.27 0.31
C LEU B 639 -73.64 -6.64 -0.14
N TYR B 640 -72.53 -7.34 0.08
CA TYR B 640 -71.21 -6.83 -0.31
C TYR B 640 -71.04 -6.82 -1.83
N CYS B 641 -71.43 -7.92 -2.48
CA CYS B 641 -71.32 -8.03 -3.94
C CYS B 641 -72.21 -6.99 -4.58
N ASP B 642 -73.39 -6.80 -4.00
CA ASP B 642 -74.33 -5.83 -4.52
C ASP B 642 -73.72 -4.46 -4.38
N SER B 643 -73.05 -4.22 -3.25
CA SER B 643 -72.42 -2.94 -2.95
C SER B 643 -71.26 -2.58 -3.89
N LEU B 644 -70.47 -3.57 -4.31
CA LEU B 644 -69.35 -3.30 -5.21
C LEU B 644 -69.88 -3.10 -6.62
N ILE B 645 -70.75 -4.01 -7.05
CA ILE B 645 -71.30 -3.95 -8.39
C ILE B 645 -72.02 -2.64 -8.65
N ASN B 646 -72.96 -2.28 -7.78
CA ASN B 646 -73.71 -1.04 -7.98
C ASN B 646 -72.87 0.23 -7.80
N ALA B 647 -71.74 0.12 -7.10
CA ALA B 647 -70.87 1.29 -6.92
C ALA B 647 -70.14 1.53 -8.23
N LEU B 648 -69.77 0.43 -8.89
CA LEU B 648 -69.06 0.46 -10.16
C LEU B 648 -69.98 0.77 -11.33
N ILE B 649 -71.25 0.36 -11.19
CA ILE B 649 -72.25 0.60 -12.23
C ILE B 649 -72.65 2.06 -12.18
N GLY B 650 -72.81 2.59 -10.97
CA GLY B 650 -73.19 3.97 -10.79
C GLY B 650 -72.20 4.97 -11.37
N LYS B 651 -70.91 4.62 -11.34
CA LYS B 651 -69.87 5.51 -11.85
C LYS B 651 -70.02 5.76 -13.35
N ALA B 652 -70.11 4.67 -14.12
CA ALA B 652 -70.24 4.79 -15.56
C ALA B 652 -71.61 5.38 -15.90
N ASN B 653 -72.62 5.02 -15.13
CA ASN B 653 -73.96 5.54 -15.34
C ASN B 653 -73.98 7.04 -15.04
N ALA B 654 -73.31 7.44 -13.96
CA ALA B 654 -73.23 8.85 -13.57
C ALA B 654 -72.42 9.61 -14.61
N ALA B 655 -71.31 9.03 -15.05
CA ALA B 655 -70.46 9.66 -16.06
C ALA B 655 -71.21 9.89 -17.36
N LEU B 656 -72.10 8.96 -17.71
CA LEU B 656 -72.91 9.01 -18.93
C LEU B 656 -73.74 10.29 -19.11
N SER B 657 -73.92 11.04 -18.02
CA SER B 657 -74.73 12.26 -18.03
C SER B 657 -73.90 13.52 -18.32
N SER B 658 -72.61 13.31 -18.59
CA SER B 658 -71.71 14.42 -18.88
C SER B 658 -71.55 14.66 -20.39
N ASP B 659 -72.35 13.93 -21.18
CA ASP B 659 -72.31 14.04 -22.63
C ASP B 659 -70.95 13.62 -23.15
N LEU B 660 -70.47 12.47 -22.69
CA LEU B 660 -69.17 12.00 -23.09
C LEU B 660 -69.16 11.24 -24.41
N SER B 661 -67.98 11.19 -25.01
CA SER B 661 -67.72 10.50 -26.27
C SER B 661 -66.26 10.67 -26.65
N GLU B 664 -62.62 12.45 -19.75
CA GLU B 664 -62.66 11.31 -20.66
C GLU B 664 -63.38 10.15 -19.98
N ASN B 665 -64.57 9.82 -20.43
CA ASN B 665 -65.31 8.75 -19.80
C ASN B 665 -65.16 7.43 -20.56
N ILE B 666 -64.80 7.50 -21.84
CA ILE B 666 -64.63 6.26 -22.60
C ILE B 666 -63.80 5.33 -21.71
N ILE B 667 -62.61 5.80 -21.34
CA ILE B 667 -61.71 5.03 -20.47
C ILE B 667 -62.46 4.62 -19.20
N SER B 668 -63.14 5.58 -18.59
CA SER B 668 -63.92 5.39 -17.37
C SER B 668 -64.98 4.29 -17.51
N VAL B 669 -65.61 4.22 -18.67
CA VAL B 669 -66.62 3.20 -18.94
C VAL B 669 -65.87 1.89 -19.06
N TYR B 670 -65.00 1.81 -20.06
CA TYR B 670 -64.18 0.63 -20.32
C TYR B 670 -63.64 0.00 -19.05
N CYS B 671 -63.00 0.79 -18.21
CA CYS B 671 -62.43 0.27 -16.97
C CYS B 671 -63.50 -0.14 -15.96
N SER B 672 -64.62 0.59 -15.93
CA SER B 672 -65.70 0.24 -15.01
C SER B 672 -66.28 -1.09 -15.48
N LEU B 673 -66.21 -1.30 -16.79
CA LEU B 673 -66.69 -2.53 -17.39
C LEU B 673 -65.72 -3.63 -16.94
N MET B 674 -64.45 -3.42 -17.22
CA MET B 674 -63.41 -4.38 -16.85
C MET B 674 -63.45 -4.73 -15.37
N ALA B 675 -63.85 -3.78 -14.54
CA ALA B 675 -63.94 -4.01 -13.09
C ALA B 675 -64.84 -5.21 -12.83
N ILE B 676 -66.10 -5.05 -13.21
CA ILE B 676 -67.11 -6.08 -13.05
C ILE B 676 -66.61 -7.42 -13.58
N GLY B 677 -66.03 -7.40 -14.79
CA GLY B 677 -65.52 -8.62 -15.40
C GLY B 677 -64.57 -9.41 -14.52
N ASN B 678 -63.54 -8.75 -13.98
CA ASN B 678 -62.58 -9.43 -13.13
C ASN B 678 -63.17 -9.73 -11.78
N PHE B 679 -64.20 -8.98 -11.39
CA PHE B 679 -64.85 -9.22 -10.10
C PHE B 679 -65.59 -10.55 -10.27
N ALA B 680 -66.07 -10.78 -11.49
CA ALA B 680 -66.77 -12.01 -11.83
C ALA B 680 -65.77 -13.15 -11.69
N LYS B 681 -64.57 -12.96 -12.26
CA LYS B 681 -63.49 -13.95 -12.20
C LYS B 681 -63.12 -14.41 -10.77
N GLY B 682 -63.37 -13.56 -9.77
CA GLY B 682 -63.01 -13.97 -8.43
C GLY B 682 -64.19 -14.66 -7.78
N PHE B 683 -64.97 -15.40 -8.56
CA PHE B 683 -65.98 -15.87 -7.83
C PHE B 683 -66.47 -17.34 -8.51
N PRO B 684 -67.18 -18.16 -7.74
CA PRO B 684 -67.61 -19.47 -8.12
C PRO B 684 -68.80 -19.26 -9.04
N ALA B 685 -68.70 -19.88 -10.23
CA ALA B 685 -69.72 -19.73 -11.22
C ALA B 685 -70.54 -21.00 -11.50
N ARG B 686 -70.21 -22.13 -10.89
CA ARG B 686 -71.07 -23.29 -11.14
C ARG B 686 -72.53 -22.89 -11.35
N GLY B 687 -73.13 -22.32 -10.31
CA GLY B 687 -74.53 -21.91 -10.41
C GLY B 687 -75.43 -23.07 -10.03
N SER B 688 -74.84 -24.07 -9.38
CA SER B 688 -75.56 -25.27 -8.94
C SER B 688 -76.24 -25.09 -7.58
N GLU B 689 -75.48 -24.62 -6.60
CA GLU B 689 -76.08 -24.36 -5.31
C GLU B 689 -76.72 -23.01 -5.55
N GLU B 690 -77.71 -22.66 -4.74
CA GLU B 690 -78.35 -21.37 -4.91
C GLU B 690 -77.48 -20.38 -4.20
N VAL B 691 -76.96 -19.43 -4.96
CA VAL B 691 -76.15 -18.45 -4.31
C VAL B 691 -76.63 -17.05 -4.55
N ALA B 692 -76.60 -16.25 -3.50
CA ALA B 692 -77.04 -14.86 -3.58
C ALA B 692 -76.22 -13.97 -4.50
N TRP B 693 -75.04 -14.42 -4.93
CA TRP B 693 -74.27 -13.59 -5.82
C TRP B 693 -74.79 -13.71 -7.24
N LEU B 694 -75.83 -14.54 -7.43
CA LEU B 694 -76.42 -14.76 -8.75
C LEU B 694 -77.44 -13.65 -9.01
N ALA B 695 -78.23 -13.35 -8.00
CA ALA B 695 -79.24 -12.32 -8.15
C ALA B 695 -78.56 -10.99 -8.50
N SER B 696 -77.46 -10.69 -7.80
CA SER B 696 -76.74 -9.44 -8.03
C SER B 696 -76.08 -9.41 -9.39
N PHE B 697 -75.45 -10.52 -9.74
CA PHE B 697 -74.76 -10.66 -11.00
C PHE B 697 -75.76 -10.42 -12.13
N ASN B 698 -77.02 -10.82 -11.88
CA ASN B 698 -78.09 -10.66 -12.86
C ASN B 698 -78.27 -9.20 -13.22
N LYS B 699 -78.30 -8.36 -12.19
CA LYS B 699 -78.48 -6.94 -12.35
C LYS B 699 -77.39 -6.30 -13.21
N ALA B 700 -76.20 -6.91 -13.22
CA ALA B 700 -75.12 -6.37 -14.05
C ALA B 700 -75.50 -6.54 -15.51
N SER B 701 -76.25 -7.60 -15.80
CA SER B 701 -76.70 -7.85 -17.16
C SER B 701 -77.68 -6.73 -17.53
N ASP B 702 -78.55 -6.38 -16.59
CA ASP B 702 -79.53 -5.33 -16.81
C ASP B 702 -78.84 -3.99 -17.06
N GLU B 703 -77.95 -3.59 -16.16
CA GLU B 703 -77.23 -2.33 -16.30
C GLU B 703 -76.28 -2.35 -17.49
N ILE B 704 -75.51 -3.42 -17.63
CA ILE B 704 -74.55 -3.56 -18.73
C ILE B 704 -75.27 -3.44 -20.06
N PHE B 705 -76.52 -3.88 -20.10
CA PHE B 705 -77.29 -3.81 -21.34
C PHE B 705 -77.50 -2.34 -21.70
N LEU B 706 -77.82 -1.52 -20.71
CA LEU B 706 -78.04 -0.10 -20.94
C LEU B 706 -76.77 0.54 -21.44
N ILE B 707 -75.63 0.01 -21.00
CA ILE B 707 -74.35 0.56 -21.42
C ILE B 707 -74.08 0.27 -22.90
N LEU B 708 -74.25 -0.97 -23.33
CA LEU B 708 -74.00 -1.28 -24.74
C LEU B 708 -74.78 -0.29 -25.59
N ASP B 709 -76.02 -0.01 -25.20
CA ASP B 709 -76.85 0.93 -25.95
C ASP B 709 -76.29 2.34 -25.91
N ARG B 710 -75.73 2.75 -24.77
CA ARG B 710 -75.17 4.09 -24.60
C ARG B 710 -73.85 4.39 -25.29
N MET B 711 -73.08 3.37 -25.63
CA MET B 711 -71.79 3.57 -26.29
C MET B 711 -71.46 2.40 -27.22
N GLY B 712 -72.41 2.04 -28.07
CA GLY B 712 -72.20 0.92 -28.97
C GLY B 712 -71.00 1.03 -29.90
N PHE B 713 -70.50 2.25 -30.07
CA PHE B 713 -69.38 2.55 -30.96
C PHE B 713 -67.98 2.17 -30.48
N ASN B 714 -67.81 2.01 -29.18
CA ASN B 714 -66.49 1.69 -28.65
C ASN B 714 -66.02 0.28 -28.99
N GLU B 715 -64.94 0.19 -29.76
CA GLU B 715 -64.38 -1.11 -30.15
C GLU B 715 -63.75 -1.77 -28.93
N ASP B 716 -63.28 -0.95 -28.00
CA ASP B 716 -62.67 -1.47 -26.78
C ASP B 716 -63.81 -1.97 -25.90
N ILE B 717 -64.97 -1.32 -25.99
CA ILE B 717 -66.13 -1.71 -25.20
C ILE B 717 -66.81 -2.94 -25.81
N ARG B 718 -66.38 -3.29 -27.03
CA ARG B 718 -66.91 -4.47 -27.67
C ARG B 718 -66.23 -5.59 -26.90
N GLY B 719 -64.91 -5.46 -26.75
CA GLY B 719 -64.16 -6.45 -26.01
C GLY B 719 -64.58 -6.37 -24.56
N ALA B 720 -64.81 -5.15 -24.07
CA ALA B 720 -65.22 -4.94 -22.69
C ALA B 720 -66.55 -5.61 -22.40
N VAL B 721 -67.58 -5.24 -23.14
CA VAL B 721 -68.89 -5.81 -22.93
C VAL B 721 -68.84 -7.30 -23.24
N ARG B 722 -68.18 -7.65 -24.36
CA ARG B 722 -68.08 -9.06 -24.77
C ARG B 722 -67.42 -9.88 -23.68
N PHE B 723 -66.24 -9.41 -23.26
CA PHE B 723 -65.45 -10.06 -22.21
C PHE B 723 -66.28 -10.26 -20.95
N THR B 724 -66.98 -9.22 -20.52
CA THR B 724 -67.78 -9.32 -19.31
C THR B 724 -68.87 -10.36 -19.46
N SER B 725 -69.45 -10.47 -20.65
CA SER B 725 -70.46 -11.48 -20.87
C SER B 725 -69.81 -12.83 -20.65
N GLY B 726 -68.70 -13.05 -21.36
CA GLY B 726 -67.96 -14.30 -21.27
C GLY B 726 -67.67 -14.78 -19.87
N ARG B 727 -67.34 -13.88 -18.95
CA ARG B 727 -67.08 -14.33 -17.59
C ARG B 727 -68.35 -14.26 -16.73
N ILE B 728 -69.17 -13.23 -16.88
CA ILE B 728 -70.41 -13.13 -16.09
C ILE B 728 -71.26 -14.41 -16.26
N ILE B 729 -71.23 -14.99 -17.46
CA ILE B 729 -71.98 -16.20 -17.76
C ILE B 729 -71.48 -17.40 -16.95
N ASN B 730 -70.19 -17.43 -16.66
CA ASN B 730 -69.65 -18.55 -15.92
C ASN B 730 -70.37 -18.75 -14.58
N VAL B 731 -70.53 -17.67 -13.79
CA VAL B 731 -71.17 -17.76 -12.47
C VAL B 731 -72.60 -18.22 -12.49
N VAL B 732 -73.23 -18.01 -13.64
CA VAL B 732 -74.62 -18.39 -13.87
C VAL B 732 -74.76 -18.67 -15.36
N GLY B 733 -74.07 -19.69 -15.87
CA GLY B 733 -74.15 -19.96 -17.30
C GLY B 733 -75.50 -20.38 -17.84
N PRO B 734 -76.24 -21.25 -17.13
CA PRO B 734 -77.54 -21.76 -17.53
C PRO B 734 -78.74 -20.81 -17.68
N ASP B 735 -78.64 -19.60 -17.12
CA ASP B 735 -79.76 -18.66 -17.25
C ASP B 735 -79.27 -17.43 -17.98
N MET B 736 -77.96 -17.37 -18.23
CA MET B 736 -77.40 -16.22 -18.93
C MET B 736 -77.42 -16.46 -20.43
N LEU B 737 -77.81 -17.68 -20.82
CA LEU B 737 -77.83 -18.04 -22.22
C LEU B 737 -78.87 -17.31 -23.08
N PRO B 738 -80.16 -17.33 -22.68
CA PRO B 738 -81.15 -16.64 -23.50
C PRO B 738 -80.89 -15.15 -23.68
N LYS B 739 -80.06 -14.60 -22.80
CA LYS B 739 -79.73 -13.19 -22.92
C LYS B 739 -78.63 -12.93 -23.98
N VAL B 740 -77.97 -13.98 -24.49
CA VAL B 740 -76.88 -13.81 -25.46
C VAL B 740 -77.24 -13.23 -26.82
N PRO B 741 -78.38 -13.64 -27.39
CA PRO B 741 -78.67 -13.04 -28.69
C PRO B 741 -79.03 -11.56 -28.48
N GLN B 742 -79.44 -11.24 -27.25
CA GLN B 742 -79.76 -9.87 -26.90
C GLN B 742 -78.50 -9.06 -27.15
N LEU B 743 -77.36 -9.55 -26.64
CA LEU B 743 -76.09 -8.85 -26.80
C LEU B 743 -75.50 -9.00 -28.20
N ILE B 744 -75.79 -10.10 -28.89
CA ILE B 744 -75.23 -10.31 -30.22
C ILE B 744 -75.80 -9.33 -31.22
N SER B 745 -77.06 -8.93 -31.03
CA SER B 745 -77.65 -7.95 -31.93
C SER B 745 -76.86 -6.67 -31.67
N ILE B 746 -76.71 -6.36 -30.39
CA ILE B 746 -75.96 -5.17 -29.99
C ILE B 746 -74.60 -5.13 -30.66
N LEU B 747 -73.85 -6.22 -30.58
CA LEU B 747 -72.50 -6.29 -31.14
C LEU B 747 -72.36 -6.06 -32.65
N LEU B 748 -73.38 -6.37 -33.44
CA LEU B 748 -73.28 -6.21 -34.89
C LEU B 748 -73.67 -4.83 -35.43
N ASN B 749 -74.41 -4.06 -34.64
CA ASN B 749 -74.79 -2.71 -35.05
C ASN B 749 -73.51 -2.06 -35.55
N SER B 750 -72.43 -2.42 -34.87
CA SER B 750 -71.12 -1.94 -35.22
C SER B 750 -70.70 -2.80 -36.41
N ILE B 751 -70.77 -2.22 -37.59
CA ILE B 751 -70.36 -2.93 -38.78
C ILE B 751 -68.83 -2.87 -38.75
N ASP B 752 -68.18 -4.02 -38.68
CA ASP B 752 -66.72 -4.07 -38.64
C ASP B 752 -66.22 -5.38 -39.21
N MET B 753 -65.07 -5.33 -39.87
CA MET B 753 -64.48 -6.54 -40.44
C MET B 753 -63.33 -6.91 -39.51
N ASN B 754 -63.34 -6.31 -38.32
CA ASN B 754 -62.30 -6.54 -37.32
C ASN B 754 -62.90 -7.21 -36.05
N GLU B 755 -64.20 -7.06 -35.83
CA GLU B 755 -64.84 -7.59 -34.61
C GLU B 755 -65.64 -8.87 -34.77
N LEU B 756 -66.08 -9.18 -35.98
CA LEU B 756 -66.87 -10.38 -36.17
C LEU B 756 -66.07 -11.61 -35.76
N VAL B 757 -64.77 -11.58 -36.04
CA VAL B 757 -63.89 -12.70 -35.69
C VAL B 757 -63.93 -12.89 -34.18
N ASP B 758 -63.86 -11.77 -33.45
CA ASP B 758 -63.89 -11.86 -31.99
C ASP B 758 -65.25 -12.40 -31.54
N VAL B 759 -66.27 -12.21 -32.36
CA VAL B 759 -67.62 -12.67 -32.09
C VAL B 759 -67.74 -14.19 -32.28
N LEU B 760 -66.98 -14.72 -33.25
CA LEU B 760 -66.99 -16.15 -33.53
C LEU B 760 -66.37 -16.91 -32.38
N SER B 761 -65.20 -16.44 -32.02
CA SER B 761 -64.43 -16.99 -30.93
C SER B 761 -65.25 -16.89 -29.63
N PHE B 762 -66.10 -15.89 -29.53
CA PHE B 762 -66.92 -15.70 -28.33
C PHE B 762 -67.99 -16.78 -28.13
N ILE B 763 -68.56 -17.29 -29.23
CA ILE B 763 -69.59 -18.32 -29.17
C ILE B 763 -68.99 -19.71 -29.05
N SER B 764 -67.87 -19.87 -29.74
CA SER B 764 -67.13 -21.12 -29.77
C SER B 764 -66.69 -21.52 -28.37
N GLN B 765 -65.94 -20.62 -27.73
CA GLN B 765 -65.47 -20.89 -26.38
C GLN B 765 -66.71 -21.09 -25.52
N LEU B 766 -67.81 -20.46 -25.91
CA LEU B 766 -69.09 -20.52 -25.19
C LEU B 766 -69.74 -21.89 -25.40
N ILE B 767 -69.71 -22.37 -26.64
CA ILE B 767 -70.30 -23.65 -26.94
C ILE B 767 -69.50 -24.69 -26.18
N HIS B 768 -68.22 -24.41 -26.00
CA HIS B 768 -67.34 -25.30 -25.26
C HIS B 768 -67.89 -25.42 -23.85
N ILE B 769 -67.84 -24.31 -23.12
CA ILE B 769 -68.31 -24.28 -21.75
C ILE B 769 -69.76 -24.71 -21.64
N TYR B 770 -70.59 -24.32 -22.60
CA TYR B 770 -71.99 -24.67 -22.53
C TYR B 770 -72.47 -25.33 -23.83
N LYS B 771 -72.02 -26.56 -24.03
CA LYS B 771 -72.31 -27.35 -25.23
C LYS B 771 -73.76 -27.74 -25.54
N ASP B 772 -74.53 -28.13 -24.55
CA ASP B 772 -75.90 -28.57 -24.80
C ASP B 772 -77.04 -27.60 -25.13
N ASN B 773 -77.15 -26.48 -24.42
CA ASN B 773 -78.24 -25.53 -24.66
C ASN B 773 -78.02 -24.54 -25.79
N MET B 774 -76.79 -24.07 -25.91
CA MET B 774 -76.41 -23.08 -26.90
C MET B 774 -76.98 -23.17 -28.31
N MET B 775 -77.26 -24.38 -28.78
CA MET B 775 -77.77 -24.61 -30.14
C MET B 775 -79.07 -23.92 -30.60
N GLU B 776 -79.98 -23.63 -29.68
CA GLU B 776 -81.23 -22.97 -30.07
C GLU B 776 -80.96 -21.51 -30.45
N ILE B 777 -80.20 -20.81 -29.61
CA ILE B 777 -79.84 -19.42 -29.87
C ILE B 777 -79.00 -19.42 -31.15
N THR B 778 -78.14 -20.41 -31.25
CA THR B 778 -77.23 -20.60 -32.39
C THR B 778 -77.91 -20.43 -33.74
N ASN B 779 -79.00 -21.16 -33.90
CA ASN B 779 -79.75 -21.14 -35.14
C ASN B 779 -80.47 -19.85 -35.42
N ARG B 780 -80.22 -18.84 -34.58
CA ARG B 780 -80.82 -17.54 -34.76
C ARG B 780 -79.60 -16.67 -35.03
N MET B 781 -78.54 -16.97 -34.31
CA MET B 781 -77.27 -16.28 -34.44
C MET B 781 -76.63 -16.43 -35.83
N LEU B 782 -76.63 -17.66 -36.36
CA LEU B 782 -76.03 -17.96 -37.66
C LEU B 782 -76.64 -17.26 -38.89
N PRO B 783 -77.97 -17.08 -38.91
CA PRO B 783 -78.56 -16.41 -40.07
C PRO B 783 -78.33 -14.92 -40.12
N THR B 784 -77.71 -14.37 -39.08
CA THR B 784 -77.43 -12.95 -39.07
C THR B 784 -75.93 -12.86 -39.29
N LEU B 785 -75.24 -13.83 -38.68
CA LEU B 785 -73.80 -13.94 -38.76
C LEU B 785 -73.40 -14.30 -40.20
N LEU B 786 -73.93 -15.41 -40.69
CA LEU B 786 -73.63 -15.85 -42.05
C LEU B 786 -73.89 -14.75 -43.08
N MET B 787 -75.01 -14.05 -42.93
CA MET B 787 -75.33 -12.99 -43.87
C MET B 787 -74.21 -11.96 -43.88
N ARG B 788 -73.74 -11.60 -42.68
CA ARG B 788 -72.66 -10.63 -42.54
C ARG B 788 -71.37 -11.23 -43.07
N ILE B 789 -71.17 -12.51 -42.78
CA ILE B 789 -69.95 -13.19 -43.19
C ILE B 789 -69.77 -13.23 -44.71
N PHE B 790 -70.74 -13.78 -45.44
CA PHE B 790 -70.59 -13.87 -46.89
C PHE B 790 -70.28 -12.51 -47.53
N SER B 791 -70.85 -11.44 -46.98
CA SER B 791 -70.63 -10.11 -47.52
C SER B 791 -69.20 -9.66 -47.24
N SER B 792 -68.77 -9.80 -45.99
CA SER B 792 -67.42 -9.40 -45.59
C SER B 792 -66.35 -10.17 -46.37
N LEU B 793 -66.70 -11.39 -46.79
CA LEU B 793 -65.77 -12.25 -47.53
C LEU B 793 -65.82 -12.06 -49.05
N SER B 794 -66.74 -11.21 -49.52
CA SER B 794 -66.87 -10.93 -50.94
C SER B 794 -66.50 -9.48 -51.24
N ALA B 795 -65.46 -8.99 -50.59
CA ALA B 795 -65.02 -7.62 -50.80
C ALA B 795 -63.52 -7.53 -51.05
N ASP B 801 -56.74 -2.63 -45.45
CA ASP B 801 -56.87 -3.24 -44.13
C ASP B 801 -57.79 -4.43 -44.21
N ASP B 802 -58.36 -4.63 -45.39
CA ASP B 802 -59.27 -5.73 -45.63
C ASP B 802 -58.52 -7.07 -45.57
N ALA B 803 -57.32 -7.10 -46.15
CA ALA B 803 -56.51 -8.31 -46.22
C ALA B 803 -56.29 -9.08 -44.91
N VAL B 804 -55.83 -8.41 -43.85
CA VAL B 804 -55.60 -9.10 -42.58
C VAL B 804 -56.92 -9.56 -41.95
N LYS B 805 -57.95 -8.74 -42.12
CA LYS B 805 -59.28 -9.03 -41.59
C LYS B 805 -59.90 -10.26 -42.25
N GLN B 806 -60.02 -10.27 -43.58
CA GLN B 806 -60.58 -11.42 -44.28
C GLN B 806 -59.77 -12.66 -43.89
N ASN B 807 -58.45 -12.51 -43.79
CA ASN B 807 -57.60 -13.61 -43.39
C ASN B 807 -58.09 -14.05 -42.01
N ASP B 808 -58.41 -13.04 -41.18
CA ASP B 808 -58.93 -13.28 -39.84
C ASP B 808 -60.31 -13.91 -39.96
N LEU B 809 -61.00 -13.61 -41.06
CA LEU B 809 -62.32 -14.17 -41.31
C LEU B 809 -62.17 -15.55 -41.93
N ARG B 810 -61.11 -15.76 -42.70
CA ARG B 810 -60.88 -17.05 -43.32
C ARG B 810 -60.74 -18.11 -42.22
N LYS B 811 -59.83 -17.90 -41.29
CA LYS B 811 -59.62 -18.84 -40.20
C LYS B 811 -60.83 -18.91 -39.26
N SER B 812 -61.38 -17.76 -38.90
CA SER B 812 -62.53 -17.69 -37.99
C SER B 812 -63.76 -18.42 -38.50
N TYR B 813 -63.97 -18.38 -39.81
CA TYR B 813 -65.12 -19.04 -40.41
C TYR B 813 -65.01 -20.56 -40.38
N ILE B 814 -63.90 -21.09 -40.88
CA ILE B 814 -63.69 -22.53 -40.91
C ILE B 814 -63.90 -23.20 -39.55
N SER B 815 -63.18 -22.73 -38.52
CA SER B 815 -63.26 -23.31 -37.19
C SER B 815 -64.66 -23.35 -36.59
N PHE B 816 -65.46 -22.29 -36.81
CA PHE B 816 -66.82 -22.22 -36.27
C PHE B 816 -67.66 -23.35 -36.84
N ILE B 817 -67.49 -23.61 -38.13
CA ILE B 817 -68.23 -24.68 -38.77
C ILE B 817 -67.77 -26.01 -38.19
N LEU B 818 -66.47 -26.16 -37.98
CA LEU B 818 -65.92 -27.40 -37.43
C LEU B 818 -66.51 -27.67 -36.05
N GLN B 819 -66.66 -26.61 -35.26
CA GLN B 819 -67.21 -26.72 -33.90
C GLN B 819 -68.67 -27.12 -33.94
N LEU B 820 -69.42 -26.50 -34.84
CA LEU B 820 -70.85 -26.80 -34.98
C LEU B 820 -71.01 -28.26 -35.35
N LEU B 821 -70.16 -28.73 -36.24
CA LEU B 821 -70.21 -30.11 -36.70
C LEU B 821 -69.97 -31.12 -35.58
N ASN B 822 -68.95 -30.90 -34.75
CA ASN B 822 -68.62 -31.81 -33.64
C ASN B 822 -69.52 -31.61 -32.43
N LYS B 823 -69.95 -30.38 -32.20
CA LYS B 823 -70.83 -30.07 -31.07
C LYS B 823 -72.22 -30.63 -31.33
N GLY B 824 -72.46 -31.10 -32.55
CA GLY B 824 -73.74 -31.65 -32.91
C GLY B 824 -74.77 -30.57 -33.21
N SER B 827 -77.89 -30.51 -37.79
CA SER B 827 -79.33 -30.66 -37.94
C SER B 827 -80.03 -29.34 -37.68
N ILE B 828 -79.47 -28.56 -36.77
CA ILE B 828 -80.03 -27.27 -36.41
C ILE B 828 -79.94 -26.25 -37.57
N PHE B 830 -80.50 -27.02 -40.58
CA PHE B 830 -81.35 -27.45 -41.69
C PHE B 830 -82.71 -26.83 -41.52
N THR B 831 -82.88 -26.07 -40.44
CA THR B 831 -84.14 -25.40 -40.18
C THR B 831 -84.41 -24.41 -41.31
N GLU B 832 -85.61 -23.83 -41.30
CA GLU B 832 -86.01 -22.88 -42.33
C GLU B 832 -84.95 -21.84 -42.68
N GLU B 833 -84.39 -21.18 -41.67
CA GLU B 833 -83.40 -20.12 -41.88
C GLU B 833 -82.06 -20.62 -42.39
N ASN B 834 -81.75 -21.86 -42.05
CA ASN B 834 -80.47 -22.39 -42.46
C ASN B 834 -80.59 -23.14 -43.79
N GLN B 835 -81.82 -23.40 -44.20
CA GLN B 835 -82.08 -24.09 -45.45
C GLN B 835 -81.80 -23.13 -46.60
N VAL B 836 -81.77 -21.84 -46.31
CA VAL B 836 -81.53 -20.86 -47.34
C VAL B 836 -80.04 -20.70 -47.68
N TYR B 837 -79.17 -21.14 -46.79
CA TYR B 837 -77.73 -20.96 -46.98
C TYR B 837 -76.85 -22.17 -47.15
N PHE B 838 -77.42 -23.36 -47.15
CA PHE B 838 -76.60 -24.57 -47.23
C PHE B 838 -75.51 -24.61 -48.33
N ASP B 839 -75.86 -24.30 -49.57
CA ASP B 839 -74.89 -24.37 -50.67
C ASP B 839 -73.79 -23.31 -50.50
N PRO B 840 -74.16 -22.03 -50.39
CA PRO B 840 -73.11 -21.05 -50.21
C PRO B 840 -72.08 -21.47 -49.14
N LEU B 841 -72.54 -22.14 -48.08
CA LEU B 841 -71.67 -22.60 -46.98
C LEU B 841 -70.89 -23.81 -47.40
N ILE B 842 -71.63 -24.70 -48.05
CA ILE B 842 -71.12 -25.94 -48.57
C ILE B 842 -70.14 -25.57 -49.67
N ASN B 843 -70.63 -24.83 -50.65
CA ASN B 843 -69.81 -24.38 -51.76
C ASN B 843 -68.66 -23.51 -51.28
N SER B 844 -68.94 -22.53 -50.43
CA SER B 844 -67.89 -21.65 -49.92
C SER B 844 -66.70 -22.46 -49.44
N ILE B 845 -67.00 -23.56 -48.76
CA ILE B 845 -65.97 -24.44 -48.25
C ILE B 845 -65.14 -24.99 -49.41
N LEU B 846 -65.80 -25.37 -50.50
CA LEU B 846 -65.10 -25.92 -51.66
C LEU B 846 -64.20 -24.85 -52.27
N HIS B 847 -64.68 -23.60 -52.30
CA HIS B 847 -63.91 -22.49 -52.87
C HIS B 847 -62.67 -22.22 -52.02
N PHE B 848 -62.86 -22.22 -50.71
CA PHE B 848 -61.76 -21.99 -49.77
C PHE B 848 -60.54 -22.87 -50.04
N ALA B 856 -53.02 -23.52 -45.90
CA ALA B 856 -53.34 -23.44 -44.48
C ALA B 856 -54.81 -23.76 -44.34
N THR B 857 -55.61 -22.94 -45.00
CA THR B 857 -57.05 -23.09 -45.00
C THR B 857 -57.43 -24.40 -45.67
N GLN B 858 -56.48 -24.98 -46.40
CA GLN B 858 -56.72 -26.24 -47.11
C GLN B 858 -56.95 -27.42 -46.17
N LYS B 859 -55.93 -27.75 -45.38
CA LYS B 859 -56.00 -28.88 -44.44
C LYS B 859 -57.25 -28.87 -43.55
N SER B 860 -57.62 -27.70 -43.04
CA SER B 860 -58.80 -27.60 -42.17
C SER B 860 -60.10 -27.67 -42.97
N SER B 861 -60.16 -26.90 -44.05
CA SER B 861 -61.36 -26.89 -44.89
C SER B 861 -61.72 -28.30 -45.38
N ILE B 862 -60.73 -28.99 -45.93
CA ILE B 862 -60.98 -30.34 -46.41
C ILE B 862 -61.50 -31.19 -45.26
N ALA B 863 -61.20 -30.77 -44.03
CA ALA B 863 -61.65 -31.47 -42.84
C ALA B 863 -63.11 -31.04 -42.63
N LEU B 864 -63.35 -29.75 -42.87
CA LEU B 864 -64.69 -29.19 -42.74
C LEU B 864 -65.60 -30.00 -43.67
N VAL B 865 -65.12 -30.21 -44.90
CA VAL B 865 -65.86 -30.95 -45.90
C VAL B 865 -66.00 -32.42 -45.49
N SER B 866 -64.91 -33.01 -45.03
CA SER B 866 -64.94 -34.41 -44.60
C SER B 866 -65.93 -34.60 -43.48
N LYS B 867 -65.90 -33.70 -42.51
CA LYS B 867 -66.83 -33.81 -41.39
C LYS B 867 -68.28 -33.68 -41.85
N MET B 868 -68.51 -32.82 -42.83
CA MET B 868 -69.87 -32.61 -43.35
C MET B 868 -70.36 -33.83 -44.13
N VAL B 869 -69.45 -34.44 -44.90
CA VAL B 869 -69.78 -35.61 -45.70
C VAL B 869 -70.17 -36.78 -44.81
N SER B 870 -69.40 -36.99 -43.75
CA SER B 870 -69.67 -38.08 -42.82
C SER B 870 -71.01 -37.83 -42.14
N LEU B 871 -71.44 -36.58 -42.16
CA LEU B 871 -72.72 -36.22 -41.56
C LEU B 871 -73.76 -36.02 -42.66
N GLY B 880 -78.94 -31.62 -51.46
CA GLY B 880 -77.61 -31.14 -51.80
C GLY B 880 -76.51 -32.05 -51.30
N PHE B 881 -76.86 -32.86 -50.30
CA PHE B 881 -75.94 -33.81 -49.67
C PHE B 881 -75.14 -34.71 -50.61
N GLU B 882 -75.82 -35.40 -51.53
CA GLU B 882 -75.17 -36.32 -52.46
C GLU B 882 -74.26 -35.61 -53.47
N ASN B 883 -74.81 -34.60 -54.14
CA ASN B 883 -74.08 -33.84 -55.14
C ASN B 883 -72.83 -33.14 -54.61
N PHE B 884 -72.87 -32.73 -53.34
CA PHE B 884 -71.72 -32.07 -52.73
C PHE B 884 -70.61 -33.11 -52.56
N THR B 885 -71.02 -34.36 -52.33
CA THR B 885 -70.06 -35.45 -52.17
C THR B 885 -69.41 -35.68 -53.53
N LEU B 886 -70.23 -35.87 -54.56
CA LEU B 886 -69.70 -36.09 -55.90
C LEU B 886 -68.82 -34.92 -56.31
N SER B 887 -69.10 -33.75 -55.74
CA SER B 887 -68.36 -32.52 -56.05
C SER B 887 -66.91 -32.44 -55.56
N LEU B 888 -66.61 -33.12 -54.46
CA LEU B 888 -65.27 -33.10 -53.88
C LEU B 888 -64.20 -33.81 -54.70
N THR B 889 -64.57 -34.93 -55.32
CA THR B 889 -63.63 -35.70 -56.14
C THR B 889 -62.79 -34.88 -57.12
N PRO B 890 -63.44 -33.96 -57.87
CA PRO B 890 -62.66 -33.16 -58.81
C PRO B 890 -61.63 -32.32 -58.08
N LEU B 891 -62.00 -31.85 -56.89
CA LEU B 891 -61.08 -31.05 -56.08
C LEU B 891 -59.76 -31.81 -56.02
N CYS B 892 -59.83 -33.11 -55.75
CA CYS B 892 -58.64 -33.96 -55.67
C CYS B 892 -57.83 -33.90 -56.97
N PHE B 893 -58.53 -33.78 -58.10
CA PHE B 893 -57.86 -33.68 -59.39
C PHE B 893 -57.22 -32.30 -59.53
N GLU B 894 -58.01 -31.27 -59.28
CA GLU B 894 -57.54 -29.89 -59.38
C GLU B 894 -56.38 -29.50 -58.44
N MET B 895 -56.10 -30.32 -57.43
CA MET B 895 -55.03 -30.01 -56.49
C MET B 895 -53.68 -29.87 -57.20
N LEU B 909 -47.71 -30.81 -48.82
CA LEU B 909 -48.01 -32.15 -48.31
C LEU B 909 -49.17 -32.03 -47.34
N VAL B 910 -49.23 -30.87 -46.69
CA VAL B 910 -50.26 -30.56 -45.71
C VAL B 910 -51.60 -30.88 -45.91
N VAL B 911 -51.72 -30.98 -47.21
CA VAL B 911 -53.06 -31.00 -47.53
C VAL B 911 -53.32 -32.35 -48.58
N LEU B 912 -52.33 -32.90 -49.30
CA LEU B 912 -52.31 -34.24 -50.18
C LEU B 912 -52.82 -35.41 -49.33
N GLY B 913 -52.39 -35.51 -48.08
CA GLY B 913 -52.83 -36.60 -47.22
C GLY B 913 -54.27 -36.41 -46.80
N GLU B 914 -54.62 -35.17 -46.49
CA GLU B 914 -55.96 -34.88 -46.05
C GLU B 914 -57.00 -35.15 -47.13
N LEU B 915 -56.67 -34.80 -48.37
CA LEU B 915 -57.59 -35.03 -49.49
C LEU B 915 -57.77 -36.54 -49.66
N ALA B 916 -56.69 -37.27 -49.41
CA ALA B 916 -56.71 -38.71 -49.52
C ALA B 916 -57.59 -39.33 -48.44
N GLY B 917 -57.58 -38.74 -47.24
CA GLY B 917 -58.38 -39.23 -46.13
C GLY B 917 -59.87 -39.08 -46.44
N LEU B 918 -60.25 -37.91 -46.96
CA LEU B 918 -61.64 -37.67 -47.30
C LEU B 918 -62.11 -38.69 -48.31
N GLN B 919 -61.27 -38.94 -49.30
CA GLN B 919 -61.58 -39.91 -50.35
C GLN B 919 -61.72 -41.30 -49.76
N LYS B 920 -60.95 -41.58 -48.72
CA LYS B 920 -61.01 -42.88 -48.08
C LYS B 920 -62.33 -42.96 -47.35
N ILE B 921 -62.71 -41.86 -46.72
CA ILE B 921 -63.96 -41.77 -45.96
C ILE B 921 -65.17 -41.82 -46.87
N ILE B 922 -65.03 -41.18 -48.03
CA ILE B 922 -66.10 -41.14 -49.01
C ILE B 922 -66.77 -42.50 -49.23
N LEU B 923 -65.95 -43.49 -49.57
CA LEU B 923 -66.42 -44.84 -49.83
C LEU B 923 -67.39 -45.43 -48.78
N GLU B 924 -67.02 -45.33 -47.51
CA GLU B 924 -67.84 -45.86 -46.43
C GLU B 924 -69.28 -45.38 -46.44
N LYS B 931 -66.32 -45.08 -57.22
CA LYS B 931 -65.33 -45.69 -58.11
C LYS B 931 -65.94 -45.94 -59.48
N SER B 932 -67.21 -46.31 -59.48
CA SER B 932 -67.93 -46.60 -60.71
C SER B 932 -68.11 -45.34 -61.57
N TYR B 933 -68.17 -44.17 -60.91
CA TYR B 933 -68.35 -42.89 -61.60
C TYR B 933 -67.03 -42.36 -62.15
N LEU B 934 -65.94 -42.81 -61.53
CA LEU B 934 -64.60 -42.41 -61.95
C LEU B 934 -64.15 -43.27 -63.12
N VAL B 935 -64.64 -44.50 -63.17
CA VAL B 935 -64.29 -45.40 -64.25
C VAL B 935 -65.02 -45.00 -65.53
N THR B 936 -66.34 -44.81 -65.40
CA THR B 936 -67.20 -44.44 -66.52
C THR B 936 -67.03 -43.00 -67.03
N VAL B 937 -67.14 -42.02 -66.13
CA VAL B 937 -67.06 -40.62 -66.51
C VAL B 937 -65.70 -39.90 -66.55
N TYR B 938 -65.01 -39.85 -65.42
CA TYR B 938 -63.73 -39.15 -65.29
C TYR B 938 -62.50 -39.67 -66.05
N PHE B 939 -62.18 -40.96 -65.92
CA PHE B 939 -61.00 -41.51 -66.62
C PHE B 939 -61.15 -41.38 -68.13
N PRO B 940 -62.39 -41.42 -68.61
CA PRO B 940 -62.66 -41.30 -70.04
C PRO B 940 -62.39 -39.87 -70.51
N THR B 941 -62.52 -38.92 -69.59
CA THR B 941 -62.29 -37.50 -69.87
C THR B 941 -60.82 -37.12 -69.63
N ASP B 946 -54.34 -44.73 -69.35
CA ASP B 946 -54.73 -46.09 -68.99
C ASP B 946 -53.87 -46.67 -67.84
N VAL B 947 -52.55 -46.57 -67.99
CA VAL B 947 -51.62 -47.08 -66.98
C VAL B 947 -51.80 -46.42 -65.60
N MET B 948 -51.99 -45.10 -65.59
CA MET B 948 -52.15 -44.34 -64.35
C MET B 948 -53.58 -44.39 -63.79
N ALA B 949 -54.54 -44.69 -64.67
CA ALA B 949 -55.95 -44.76 -64.27
C ALA B 949 -56.23 -45.96 -63.37
N SER B 950 -55.62 -47.09 -63.68
CA SER B 950 -55.81 -48.33 -62.93
C SER B 950 -55.00 -48.40 -61.62
N GLU B 951 -53.90 -47.66 -61.56
CA GLU B 951 -53.04 -47.66 -60.37
C GLU B 951 -53.61 -46.73 -59.30
N TYR B 952 -54.40 -45.76 -59.72
CA TYR B 952 -55.00 -44.83 -58.77
C TYR B 952 -56.22 -45.49 -58.14
N LEU B 953 -56.88 -46.37 -58.87
CA LEU B 953 -58.06 -47.07 -58.36
C LEU B 953 -57.65 -48.23 -57.45
N GLN B 954 -56.40 -48.66 -57.58
CA GLN B 954 -55.86 -49.73 -56.77
C GLN B 954 -55.40 -49.13 -55.44
N ALA B 955 -54.90 -47.89 -55.52
CA ALA B 955 -54.44 -47.15 -54.35
C ALA B 955 -55.62 -46.89 -53.45
N LEU B 956 -56.69 -46.36 -54.01
CA LEU B 956 -57.90 -46.07 -53.23
C LEU B 956 -58.55 -47.36 -52.75
N SER B 957 -58.51 -48.40 -53.58
CA SER B 957 -59.11 -49.68 -53.23
C SER B 957 -58.25 -50.40 -52.19
#